data_2D7J
# 
_entry.id   2D7J 
# 
_audit_conform.dict_name       mmcif_pdbx.dic 
_audit_conform.dict_version    5.388 
_audit_conform.dict_location   http://mmcif.pdb.org/dictionaries/ascii/mmcif_pdbx.dic 
# 
loop_
_database_2.database_id 
_database_2.database_code 
_database_2.pdbx_database_accession 
_database_2.pdbx_DOI 
PDB   2D7J         pdb_00002d7j 10.2210/pdb2d7j/pdb 
RCSB  RCSB025084   ?            ?                   
WWPDB D_1000025084 ?            ?                   
# 
loop_
_pdbx_audit_revision_history.ordinal 
_pdbx_audit_revision_history.data_content_type 
_pdbx_audit_revision_history.major_revision 
_pdbx_audit_revision_history.minor_revision 
_pdbx_audit_revision_history.revision_date 
1 'Structure model' 1 0 2006-11-21 
2 'Structure model' 1 1 2008-04-30 
3 'Structure model' 1 2 2011-07-13 
4 'Structure model' 1 3 2024-03-13 
# 
_pdbx_audit_revision_details.ordinal             1 
_pdbx_audit_revision_details.revision_ordinal    1 
_pdbx_audit_revision_details.data_content_type   'Structure model' 
_pdbx_audit_revision_details.provider            repository 
_pdbx_audit_revision_details.type                'Initial release' 
_pdbx_audit_revision_details.description         ? 
_pdbx_audit_revision_details.details             ? 
# 
loop_
_pdbx_audit_revision_group.ordinal 
_pdbx_audit_revision_group.revision_ordinal 
_pdbx_audit_revision_group.data_content_type 
_pdbx_audit_revision_group.group 
1 2 'Structure model' 'Version format compliance' 
2 3 'Structure model' Advisory                    
3 3 'Structure model' 'Source and taxonomy'       
4 3 'Structure model' 'Version format compliance' 
5 4 'Structure model' 'Data collection'           
6 4 'Structure model' 'Database references'       
# 
loop_
_pdbx_audit_revision_category.ordinal 
_pdbx_audit_revision_category.revision_ordinal 
_pdbx_audit_revision_category.data_content_type 
_pdbx_audit_revision_category.category 
1 4 'Structure model' chem_comp_atom     
2 4 'Structure model' chem_comp_bond     
3 4 'Structure model' database_2         
4 4 'Structure model' struct_ref_seq_dif 
# 
loop_
_pdbx_audit_revision_item.ordinal 
_pdbx_audit_revision_item.revision_ordinal 
_pdbx_audit_revision_item.data_content_type 
_pdbx_audit_revision_item.item 
1 4 'Structure model' '_database_2.pdbx_DOI'                
2 4 'Structure model' '_database_2.pdbx_database_accession' 
3 4 'Structure model' '_struct_ref_seq_dif.details'         
# 
_pdbx_database_status.status_code                     REL 
_pdbx_database_status.entry_id                        2D7J 
_pdbx_database_status.recvd_initial_deposition_date   2005-11-21 
_pdbx_database_status.deposit_site                    PDBJ 
_pdbx_database_status.process_site                    PDBJ 
_pdbx_database_status.status_code_sf                  REL 
_pdbx_database_status.status_code_mr                  ? 
_pdbx_database_status.SG_entry                        ? 
_pdbx_database_status.pdb_format_compatible           Y 
_pdbx_database_status.status_code_cs                  ? 
_pdbx_database_status.status_code_nmr_data            ? 
_pdbx_database_status.methods_development_category    ? 
# 
loop_
_audit_author.name 
_audit_author.pdbx_ordinal 
'Maruoka, S.'  1 
'Lee, W.C.'    2 
'Kamo, M.'     3 
'Kudo, N.'     4 
'Nagata, K.'   5 
'Tanokura, M.' 6 
# 
_citation.id                        primary 
_citation.title                     'Crystal structure of glutamine amidotransferase from Pyrococcus horikoshii OT3' 
_citation.journal_abbrev            PROC.JPN.ACAD.,SER.B 
_citation.journal_volume            81 
_citation.page_first                459 
_citation.page_last                 462 
_citation.year                      2005 
_citation.journal_id_ASTM           PJABDW 
_citation.country                   JA 
_citation.journal_id_ISSN           0386-2208 
_citation.journal_id_CSD            0535 
_citation.book_publisher            ? 
_citation.pdbx_database_id_PubMed   -1 
_citation.pdbx_database_id_DOI      10.2183/pjab.81.459 
# 
loop_
_citation_author.citation_id 
_citation_author.name 
_citation_author.ordinal 
_citation_author.identifier_ORCID 
primary 'Maruoka, S.'  1 ? 
primary 'Lee, W.C.'    2 ? 
primary 'Kamo, M.'     3 ? 
primary 'Kudo, N.'     4 ? 
primary 'Nagata, K.'   5 ? 
primary 'Tanokura, M.' 6 ? 
# 
loop_
_entity.id 
_entity.type 
_entity.src_method 
_entity.pdbx_description 
_entity.formula_weight 
_entity.pdbx_number_of_molecules 
_entity.pdbx_ec 
_entity.pdbx_mutation 
_entity.pdbx_fragment 
_entity.details 
1 polymer man 'GMP synthase [glutamine-hydrolyzing] subunit A' 23718.412 1  6.3.5.2 ? ? ? 
2 water   nat water                                            18.015    53 ?       ? ? ? 
# 
_entity_name_com.entity_id   1 
_entity_name_com.name        'Class I Glutamine Amidotransferase, Glutamine amidotransferase' 
# 
_entity_poly.entity_id                      1 
_entity_poly.type                           'polypeptide(L)' 
_entity_poly.nstd_linkage                   no 
_entity_poly.nstd_monomer                   no 
_entity_poly.pdbx_seq_one_letter_code       
;MGSSHHHHHHSSGLVPRGSHMMIVIMDNGGQYVHRIWRTLRYLGVETKIIPNTTPLEEIKAMNPKGIIFSGGPSLENTGN
CEKVLEHYDEFNVPILGICLGHQLIAKFFGGKVGRGEKAEYSLVEIEIIDEDEIFKGLPKRLKVWESHMDEVKELPPKFK
ILARSETCPIEAMKHEELPIYGVQFHPEVAHTEKGEEILRNFAKLCGEL
;
_entity_poly.pdbx_seq_one_letter_code_can   
;MGSSHHHHHHSSGLVPRGSHMMIVIMDNGGQYVHRIWRTLRYLGVETKIIPNTTPLEEIKAMNPKGIIFSGGPSLENTGN
CEKVLEHYDEFNVPILGICLGHQLIAKFFGGKVGRGEKAEYSLVEIEIIDEDEIFKGLPKRLKVWESHMDEVKELPPKFK
ILARSETCPIEAMKHEELPIYGVQFHPEVAHTEKGEEILRNFAKLCGEL
;
_entity_poly.pdbx_strand_id                 A 
_entity_poly.pdbx_target_identifier         ? 
# 
_pdbx_entity_nonpoly.entity_id   2 
_pdbx_entity_nonpoly.name        water 
_pdbx_entity_nonpoly.comp_id     HOH 
# 
loop_
_entity_poly_seq.entity_id 
_entity_poly_seq.num 
_entity_poly_seq.mon_id 
_entity_poly_seq.hetero 
1 1   MET n 
1 2   GLY n 
1 3   SER n 
1 4   SER n 
1 5   HIS n 
1 6   HIS n 
1 7   HIS n 
1 8   HIS n 
1 9   HIS n 
1 10  HIS n 
1 11  SER n 
1 12  SER n 
1 13  GLY n 
1 14  LEU n 
1 15  VAL n 
1 16  PRO n 
1 17  ARG n 
1 18  GLY n 
1 19  SER n 
1 20  HIS n 
1 21  MET n 
1 22  MET n 
1 23  ILE n 
1 24  VAL n 
1 25  ILE n 
1 26  MET n 
1 27  ASP n 
1 28  ASN n 
1 29  GLY n 
1 30  GLY n 
1 31  GLN n 
1 32  TYR n 
1 33  VAL n 
1 34  HIS n 
1 35  ARG n 
1 36  ILE n 
1 37  TRP n 
1 38  ARG n 
1 39  THR n 
1 40  LEU n 
1 41  ARG n 
1 42  TYR n 
1 43  LEU n 
1 44  GLY n 
1 45  VAL n 
1 46  GLU n 
1 47  THR n 
1 48  LYS n 
1 49  ILE n 
1 50  ILE n 
1 51  PRO n 
1 52  ASN n 
1 53  THR n 
1 54  THR n 
1 55  PRO n 
1 56  LEU n 
1 57  GLU n 
1 58  GLU n 
1 59  ILE n 
1 60  LYS n 
1 61  ALA n 
1 62  MET n 
1 63  ASN n 
1 64  PRO n 
1 65  LYS n 
1 66  GLY n 
1 67  ILE n 
1 68  ILE n 
1 69  PHE n 
1 70  SER n 
1 71  GLY n 
1 72  GLY n 
1 73  PRO n 
1 74  SER n 
1 75  LEU n 
1 76  GLU n 
1 77  ASN n 
1 78  THR n 
1 79  GLY n 
1 80  ASN n 
1 81  CYS n 
1 82  GLU n 
1 83  LYS n 
1 84  VAL n 
1 85  LEU n 
1 86  GLU n 
1 87  HIS n 
1 88  TYR n 
1 89  ASP n 
1 90  GLU n 
1 91  PHE n 
1 92  ASN n 
1 93  VAL n 
1 94  PRO n 
1 95  ILE n 
1 96  LEU n 
1 97  GLY n 
1 98  ILE n 
1 99  CYS n 
1 100 LEU n 
1 101 GLY n 
1 102 HIS n 
1 103 GLN n 
1 104 LEU n 
1 105 ILE n 
1 106 ALA n 
1 107 LYS n 
1 108 PHE n 
1 109 PHE n 
1 110 GLY n 
1 111 GLY n 
1 112 LYS n 
1 113 VAL n 
1 114 GLY n 
1 115 ARG n 
1 116 GLY n 
1 117 GLU n 
1 118 LYS n 
1 119 ALA n 
1 120 GLU n 
1 121 TYR n 
1 122 SER n 
1 123 LEU n 
1 124 VAL n 
1 125 GLU n 
1 126 ILE n 
1 127 GLU n 
1 128 ILE n 
1 129 ILE n 
1 130 ASP n 
1 131 GLU n 
1 132 ASP n 
1 133 GLU n 
1 134 ILE n 
1 135 PHE n 
1 136 LYS n 
1 137 GLY n 
1 138 LEU n 
1 139 PRO n 
1 140 LYS n 
1 141 ARG n 
1 142 LEU n 
1 143 LYS n 
1 144 VAL n 
1 145 TRP n 
1 146 GLU n 
1 147 SER n 
1 148 HIS n 
1 149 MET n 
1 150 ASP n 
1 151 GLU n 
1 152 VAL n 
1 153 LYS n 
1 154 GLU n 
1 155 LEU n 
1 156 PRO n 
1 157 PRO n 
1 158 LYS n 
1 159 PHE n 
1 160 LYS n 
1 161 ILE n 
1 162 LEU n 
1 163 ALA n 
1 164 ARG n 
1 165 SER n 
1 166 GLU n 
1 167 THR n 
1 168 CYS n 
1 169 PRO n 
1 170 ILE n 
1 171 GLU n 
1 172 ALA n 
1 173 MET n 
1 174 LYS n 
1 175 HIS n 
1 176 GLU n 
1 177 GLU n 
1 178 LEU n 
1 179 PRO n 
1 180 ILE n 
1 181 TYR n 
1 182 GLY n 
1 183 VAL n 
1 184 GLN n 
1 185 PHE n 
1 186 HIS n 
1 187 PRO n 
1 188 GLU n 
1 189 VAL n 
1 190 ALA n 
1 191 HIS n 
1 192 THR n 
1 193 GLU n 
1 194 LYS n 
1 195 GLY n 
1 196 GLU n 
1 197 GLU n 
1 198 ILE n 
1 199 LEU n 
1 200 ARG n 
1 201 ASN n 
1 202 PHE n 
1 203 ALA n 
1 204 LYS n 
1 205 LEU n 
1 206 CYS n 
1 207 GLY n 
1 208 GLU n 
1 209 LEU n 
# 
_entity_src_gen.entity_id                          1 
_entity_src_gen.pdbx_src_id                        1 
_entity_src_gen.pdbx_alt_source_flag               sample 
_entity_src_gen.pdbx_seq_type                      ? 
_entity_src_gen.pdbx_beg_seq_num                   ? 
_entity_src_gen.pdbx_end_seq_num                   ? 
_entity_src_gen.gene_src_common_name               ? 
_entity_src_gen.gene_src_genus                     Pyrococcus 
_entity_src_gen.pdbx_gene_src_gene                 ? 
_entity_src_gen.gene_src_species                   'Pyrococcus horikoshii' 
_entity_src_gen.gene_src_strain                    OT3 
_entity_src_gen.gene_src_tissue                    ? 
_entity_src_gen.gene_src_tissue_fraction           ? 
_entity_src_gen.gene_src_details                   ? 
_entity_src_gen.pdbx_gene_src_fragment             ? 
_entity_src_gen.pdbx_gene_src_scientific_name      'Pyrococcus horikoshii' 
_entity_src_gen.pdbx_gene_src_ncbi_taxonomy_id     70601 
_entity_src_gen.pdbx_gene_src_variant              ? 
_entity_src_gen.pdbx_gene_src_cell_line            ? 
_entity_src_gen.pdbx_gene_src_atcc                 ? 
_entity_src_gen.pdbx_gene_src_organ                ? 
_entity_src_gen.pdbx_gene_src_organelle            ? 
_entity_src_gen.pdbx_gene_src_cell                 ? 
_entity_src_gen.pdbx_gene_src_cellular_location    ? 
_entity_src_gen.host_org_common_name               ? 
_entity_src_gen.pdbx_host_org_scientific_name      'Escherichia coli' 
_entity_src_gen.pdbx_host_org_ncbi_taxonomy_id     562 
_entity_src_gen.host_org_genus                     Escherichia 
_entity_src_gen.pdbx_host_org_gene                 ? 
_entity_src_gen.pdbx_host_org_organ                ? 
_entity_src_gen.host_org_species                   ? 
_entity_src_gen.pdbx_host_org_tissue               ? 
_entity_src_gen.pdbx_host_org_tissue_fraction      ? 
_entity_src_gen.pdbx_host_org_strain               ? 
_entity_src_gen.pdbx_host_org_variant              ? 
_entity_src_gen.pdbx_host_org_cell_line            ? 
_entity_src_gen.pdbx_host_org_atcc                 ? 
_entity_src_gen.pdbx_host_org_culture_collection   ? 
_entity_src_gen.pdbx_host_org_cell                 ? 
_entity_src_gen.pdbx_host_org_organelle            ? 
_entity_src_gen.pdbx_host_org_cellular_location    ? 
_entity_src_gen.pdbx_host_org_vector_type          plasmid 
_entity_src_gen.pdbx_host_org_vector               ? 
_entity_src_gen.host_org_details                   ? 
_entity_src_gen.expression_system_id               ? 
_entity_src_gen.plasmid_name                       pET28a 
_entity_src_gen.plasmid_details                    ? 
_entity_src_gen.pdbx_description                   ? 
# 
loop_
_chem_comp.id 
_chem_comp.type 
_chem_comp.mon_nstd_flag 
_chem_comp.name 
_chem_comp.pdbx_synonyms 
_chem_comp.formula 
_chem_comp.formula_weight 
ALA 'L-peptide linking' y ALANINE         ? 'C3 H7 N O2'     89.093  
ARG 'L-peptide linking' y ARGININE        ? 'C6 H15 N4 O2 1' 175.209 
ASN 'L-peptide linking' y ASPARAGINE      ? 'C4 H8 N2 O3'    132.118 
ASP 'L-peptide linking' y 'ASPARTIC ACID' ? 'C4 H7 N O4'     133.103 
CYS 'L-peptide linking' y CYSTEINE        ? 'C3 H7 N O2 S'   121.158 
GLN 'L-peptide linking' y GLUTAMINE       ? 'C5 H10 N2 O3'   146.144 
GLU 'L-peptide linking' y 'GLUTAMIC ACID' ? 'C5 H9 N O4'     147.129 
GLY 'peptide linking'   y GLYCINE         ? 'C2 H5 N O2'     75.067  
HIS 'L-peptide linking' y HISTIDINE       ? 'C6 H10 N3 O2 1' 156.162 
HOH non-polymer         . WATER           ? 'H2 O'           18.015  
ILE 'L-peptide linking' y ISOLEUCINE      ? 'C6 H13 N O2'    131.173 
LEU 'L-peptide linking' y LEUCINE         ? 'C6 H13 N O2'    131.173 
LYS 'L-peptide linking' y LYSINE          ? 'C6 H15 N2 O2 1' 147.195 
MET 'L-peptide linking' y METHIONINE      ? 'C5 H11 N O2 S'  149.211 
PHE 'L-peptide linking' y PHENYLALANINE   ? 'C9 H11 N O2'    165.189 
PRO 'L-peptide linking' y PROLINE         ? 'C5 H9 N O2'     115.130 
SER 'L-peptide linking' y SERINE          ? 'C3 H7 N O3'     105.093 
THR 'L-peptide linking' y THREONINE       ? 'C4 H9 N O3'     119.119 
TRP 'L-peptide linking' y TRYPTOPHAN      ? 'C11 H12 N2 O2'  204.225 
TYR 'L-peptide linking' y TYROSINE        ? 'C9 H11 N O3'    181.189 
VAL 'L-peptide linking' y VALINE          ? 'C5 H11 N O2'    117.146 
# 
loop_
_pdbx_poly_seq_scheme.asym_id 
_pdbx_poly_seq_scheme.entity_id 
_pdbx_poly_seq_scheme.seq_id 
_pdbx_poly_seq_scheme.mon_id 
_pdbx_poly_seq_scheme.ndb_seq_num 
_pdbx_poly_seq_scheme.pdb_seq_num 
_pdbx_poly_seq_scheme.auth_seq_num 
_pdbx_poly_seq_scheme.pdb_mon_id 
_pdbx_poly_seq_scheme.auth_mon_id 
_pdbx_poly_seq_scheme.pdb_strand_id 
_pdbx_poly_seq_scheme.pdb_ins_code 
_pdbx_poly_seq_scheme.hetero 
A 1 1   MET 1   -19 ?   ?   ?   A . n 
A 1 2   GLY 2   -18 ?   ?   ?   A . n 
A 1 3   SER 3   -17 ?   ?   ?   A . n 
A 1 4   SER 4   -16 ?   ?   ?   A . n 
A 1 5   HIS 5   -15 ?   ?   ?   A . n 
A 1 6   HIS 6   -14 ?   ?   ?   A . n 
A 1 7   HIS 7   -13 ?   ?   ?   A . n 
A 1 8   HIS 8   -12 ?   ?   ?   A . n 
A 1 9   HIS 9   -11 ?   ?   ?   A . n 
A 1 10  HIS 10  -10 ?   ?   ?   A . n 
A 1 11  SER 11  -9  ?   ?   ?   A . n 
A 1 12  SER 12  -8  ?   ?   ?   A . n 
A 1 13  GLY 13  -7  ?   ?   ?   A . n 
A 1 14  LEU 14  -6  ?   ?   ?   A . n 
A 1 15  VAL 15  -5  ?   ?   ?   A . n 
A 1 16  PRO 16  -4  ?   ?   ?   A . n 
A 1 17  ARG 17  -3  ?   ?   ?   A . n 
A 1 18  GLY 18  -2  ?   ?   ?   A . n 
A 1 19  SER 19  -1  ?   ?   ?   A . n 
A 1 20  HIS 20  0   ?   ?   ?   A . n 
A 1 21  MET 21  1   ?   ?   ?   A . n 
A 1 22  MET 22  2   2   MET MET A . n 
A 1 23  ILE 23  3   3   ILE ILE A . n 
A 1 24  VAL 24  4   4   VAL VAL A . n 
A 1 25  ILE 25  5   5   ILE ILE A . n 
A 1 26  MET 26  6   6   MET MET A . n 
A 1 27  ASP 27  7   7   ASP ASP A . n 
A 1 28  ASN 28  8   8   ASN ASN A . n 
A 1 29  GLY 29  9   9   GLY GLY A . n 
A 1 30  GLY 30  10  10  GLY GLY A . n 
A 1 31  GLN 31  11  11  GLN GLN A . n 
A 1 32  TYR 32  12  12  TYR TYR A . n 
A 1 33  VAL 33  13  13  VAL VAL A . n 
A 1 34  HIS 34  14  14  HIS HIS A . n 
A 1 35  ARG 35  15  15  ARG ARG A . n 
A 1 36  ILE 36  16  16  ILE ILE A . n 
A 1 37  TRP 37  17  17  TRP TRP A . n 
A 1 38  ARG 38  18  18  ARG ARG A . n 
A 1 39  THR 39  19  19  THR THR A . n 
A 1 40  LEU 40  20  20  LEU LEU A . n 
A 1 41  ARG 41  21  21  ARG ARG A . n 
A 1 42  TYR 42  22  22  TYR TYR A . n 
A 1 43  LEU 43  23  23  LEU LEU A . n 
A 1 44  GLY 44  24  24  GLY GLY A . n 
A 1 45  VAL 45  25  25  VAL VAL A . n 
A 1 46  GLU 46  26  26  GLU GLU A . n 
A 1 47  THR 47  27  27  THR THR A . n 
A 1 48  LYS 48  28  28  LYS LYS A . n 
A 1 49  ILE 49  29  29  ILE ILE A . n 
A 1 50  ILE 50  30  30  ILE ILE A . n 
A 1 51  PRO 51  31  31  PRO PRO A . n 
A 1 52  ASN 52  32  32  ASN ASN A . n 
A 1 53  THR 53  33  33  THR THR A . n 
A 1 54  THR 54  34  34  THR THR A . n 
A 1 55  PRO 55  35  35  PRO PRO A . n 
A 1 56  LEU 56  36  36  LEU LEU A . n 
A 1 57  GLU 57  37  37  GLU GLU A . n 
A 1 58  GLU 58  38  38  GLU GLU A . n 
A 1 59  ILE 59  39  39  ILE ILE A . n 
A 1 60  LYS 60  40  40  LYS LYS A . n 
A 1 61  ALA 61  41  41  ALA ALA A . n 
A 1 62  MET 62  42  42  MET MET A . n 
A 1 63  ASN 63  43  43  ASN ASN A . n 
A 1 64  PRO 64  44  44  PRO PRO A . n 
A 1 65  LYS 65  45  45  LYS LYS A . n 
A 1 66  GLY 66  46  46  GLY GLY A . n 
A 1 67  ILE 67  47  47  ILE ILE A . n 
A 1 68  ILE 68  48  48  ILE ILE A . n 
A 1 69  PHE 69  49  49  PHE PHE A . n 
A 1 70  SER 70  50  50  SER SER A . n 
A 1 71  GLY 71  51  51  GLY GLY A . n 
A 1 72  GLY 72  52  52  GLY GLY A . n 
A 1 73  PRO 73  53  53  PRO PRO A . n 
A 1 74  SER 74  54  54  SER SER A . n 
A 1 75  LEU 75  55  55  LEU LEU A . n 
A 1 76  GLU 76  56  56  GLU GLU A . n 
A 1 77  ASN 77  57  57  ASN ASN A . n 
A 1 78  THR 78  58  58  THR THR A . n 
A 1 79  GLY 79  59  59  GLY GLY A . n 
A 1 80  ASN 80  60  60  ASN ASN A . n 
A 1 81  CYS 81  61  61  CYS CYS A . n 
A 1 82  GLU 82  62  62  GLU GLU A . n 
A 1 83  LYS 83  63  63  LYS LYS A . n 
A 1 84  VAL 84  64  64  VAL VAL A . n 
A 1 85  LEU 85  65  65  LEU LEU A . n 
A 1 86  GLU 86  66  66  GLU GLU A . n 
A 1 87  HIS 87  67  67  HIS HIS A . n 
A 1 88  TYR 88  68  68  TYR TYR A . n 
A 1 89  ASP 89  69  69  ASP ASP A . n 
A 1 90  GLU 90  70  70  GLU GLU A . n 
A 1 91  PHE 91  71  71  PHE PHE A . n 
A 1 92  ASN 92  72  72  ASN ASN A . n 
A 1 93  VAL 93  73  73  VAL VAL A . n 
A 1 94  PRO 94  74  74  PRO PRO A . n 
A 1 95  ILE 95  75  75  ILE ILE A . n 
A 1 96  LEU 96  76  76  LEU LEU A . n 
A 1 97  GLY 97  77  77  GLY GLY A . n 
A 1 98  ILE 98  78  78  ILE ILE A . n 
A 1 99  CYS 99  79  79  CYS CYS A . n 
A 1 100 LEU 100 80  80  LEU LEU A . n 
A 1 101 GLY 101 81  81  GLY GLY A . n 
A 1 102 HIS 102 82  82  HIS HIS A . n 
A 1 103 GLN 103 83  83  GLN GLN A . n 
A 1 104 LEU 104 84  84  LEU LEU A . n 
A 1 105 ILE 105 85  85  ILE ILE A . n 
A 1 106 ALA 106 86  86  ALA ALA A . n 
A 1 107 LYS 107 87  87  LYS LYS A . n 
A 1 108 PHE 108 88  88  PHE PHE A . n 
A 1 109 PHE 109 89  89  PHE PHE A . n 
A 1 110 GLY 110 90  90  GLY GLY A . n 
A 1 111 GLY 111 91  91  GLY GLY A . n 
A 1 112 LYS 112 92  92  LYS LYS A . n 
A 1 113 VAL 113 93  93  VAL VAL A . n 
A 1 114 GLY 114 94  94  GLY GLY A . n 
A 1 115 ARG 115 95  95  ARG ARG A . n 
A 1 116 GLY 116 96  96  GLY GLY A . n 
A 1 117 GLU 117 97  97  GLU GLU A . n 
A 1 118 LYS 118 98  98  LYS LYS A . n 
A 1 119 ALA 119 99  99  ALA ALA A . n 
A 1 120 GLU 120 100 100 GLU GLU A . n 
A 1 121 TYR 121 101 101 TYR TYR A . n 
A 1 122 SER 122 102 102 SER SER A . n 
A 1 123 LEU 123 103 103 LEU LEU A . n 
A 1 124 VAL 124 104 104 VAL VAL A . n 
A 1 125 GLU 125 105 105 GLU GLU A . n 
A 1 126 ILE 126 106 106 ILE ILE A . n 
A 1 127 GLU 127 107 107 GLU GLU A . n 
A 1 128 ILE 128 108 108 ILE ILE A . n 
A 1 129 ILE 129 109 109 ILE ILE A . n 
A 1 130 ASP 130 110 110 ASP ASP A . n 
A 1 131 GLU 131 111 111 GLU GLU A . n 
A 1 132 ASP 132 112 112 ASP ALA A . n 
A 1 133 GLU 133 113 113 GLU GLU A . n 
A 1 134 ILE 134 114 114 ILE ILE A . n 
A 1 135 PHE 135 115 115 PHE PHE A . n 
A 1 136 LYS 136 116 116 LYS LYS A . n 
A 1 137 GLY 137 117 117 GLY GLY A . n 
A 1 138 LEU 138 118 118 LEU LEU A . n 
A 1 139 PRO 139 119 119 PRO PRO A . n 
A 1 140 LYS 140 120 120 LYS LYS A . n 
A 1 141 ARG 141 121 121 ARG ARG A . n 
A 1 142 LEU 142 122 122 LEU LEU A . n 
A 1 143 LYS 143 123 123 LYS LYS A . n 
A 1 144 VAL 144 124 124 VAL VAL A . n 
A 1 145 TRP 145 125 125 TRP TRP A . n 
A 1 146 GLU 146 126 126 GLU GLU A . n 
A 1 147 SER 147 127 127 SER SER A . n 
A 1 148 HIS 148 128 128 HIS HIS A . n 
A 1 149 MET 149 129 129 MET MET A . n 
A 1 150 ASP 150 130 130 ASP ASP A . n 
A 1 151 GLU 151 131 131 GLU GLU A . n 
A 1 152 VAL 152 132 132 VAL VAL A . n 
A 1 153 LYS 153 133 133 LYS LYS A . n 
A 1 154 GLU 154 134 134 GLU GLU A . n 
A 1 155 LEU 155 135 135 LEU LEU A . n 
A 1 156 PRO 156 136 136 PRO PRO A . n 
A 1 157 PRO 157 137 137 PRO PRO A . n 
A 1 158 LYS 158 138 138 LYS LYS A . n 
A 1 159 PHE 159 139 139 PHE PHE A . n 
A 1 160 LYS 160 140 140 LYS LYS A . n 
A 1 161 ILE 161 141 141 ILE ILE A . n 
A 1 162 LEU 162 142 142 LEU LEU A . n 
A 1 163 ALA 163 143 143 ALA ALA A . n 
A 1 164 ARG 164 144 144 ARG ARG A . n 
A 1 165 SER 165 145 145 SER SER A . n 
A 1 166 GLU 166 146 146 GLU GLU A . n 
A 1 167 THR 167 147 147 THR THR A . n 
A 1 168 CYS 168 148 148 CYS CYS A . n 
A 1 169 PRO 169 149 149 PRO PRO A . n 
A 1 170 ILE 170 150 150 ILE ILE A . n 
A 1 171 GLU 171 151 151 GLU GLU A . n 
A 1 172 ALA 172 152 152 ALA ALA A . n 
A 1 173 MET 173 153 153 MET MET A . n 
A 1 174 LYS 174 154 154 LYS LYS A . n 
A 1 175 HIS 175 155 155 HIS HIS A . n 
A 1 176 GLU 176 156 156 GLU GLU A . n 
A 1 177 GLU 177 157 157 GLU GLU A . n 
A 1 178 LEU 178 158 158 LEU LEU A . n 
A 1 179 PRO 179 159 159 PRO PRO A . n 
A 1 180 ILE 180 160 160 ILE ILE A . n 
A 1 181 TYR 181 161 161 TYR TYR A . n 
A 1 182 GLY 182 162 162 GLY GLY A . n 
A 1 183 VAL 183 163 163 VAL VAL A . n 
A 1 184 GLN 184 164 164 GLN GLN A . n 
A 1 185 PHE 185 165 165 PHE PHE A . n 
A 1 186 HIS 186 166 166 HIS HIS A . n 
A 1 187 PRO 187 167 167 PRO PRO A . n 
A 1 188 GLU 188 168 168 GLU GLU A . n 
A 1 189 VAL 189 169 169 VAL VAL A . n 
A 1 190 ALA 190 170 170 ALA ALA A . n 
A 1 191 HIS 191 171 171 HIS HIS A . n 
A 1 192 THR 192 172 172 THR THR A . n 
A 1 193 GLU 193 173 173 GLU GLU A . n 
A 1 194 LYS 194 174 174 LYS LYS A . n 
A 1 195 GLY 195 175 175 GLY GLY A . n 
A 1 196 GLU 196 176 176 GLU GLU A . n 
A 1 197 GLU 197 177 177 GLU GLU A . n 
A 1 198 ILE 198 178 178 ILE ILE A . n 
A 1 199 LEU 199 179 179 LEU LEU A . n 
A 1 200 ARG 200 180 180 ARG ARG A . n 
A 1 201 ASN 201 181 181 ASN ASN A . n 
A 1 202 PHE 202 182 182 PHE PHE A . n 
A 1 203 ALA 203 183 183 ALA ALA A . n 
A 1 204 LYS 204 184 184 LYS LYS A . n 
A 1 205 LEU 205 185 185 LEU LEU A . n 
A 1 206 CYS 206 186 186 CYS CYS A . n 
A 1 207 GLY 207 187 187 GLY GLY A . n 
A 1 208 GLU 208 188 188 GLU GLU A . n 
A 1 209 LEU 209 189 189 LEU ALA A . n 
# 
loop_
_pdbx_nonpoly_scheme.asym_id 
_pdbx_nonpoly_scheme.entity_id 
_pdbx_nonpoly_scheme.mon_id 
_pdbx_nonpoly_scheme.ndb_seq_num 
_pdbx_nonpoly_scheme.pdb_seq_num 
_pdbx_nonpoly_scheme.auth_seq_num 
_pdbx_nonpoly_scheme.pdb_mon_id 
_pdbx_nonpoly_scheme.auth_mon_id 
_pdbx_nonpoly_scheme.pdb_strand_id 
_pdbx_nonpoly_scheme.pdb_ins_code 
B 2 HOH 1  190 1  HOH HOH A . 
B 2 HOH 2  191 2  HOH HOH A . 
B 2 HOH 3  192 3  HOH HOH A . 
B 2 HOH 4  193 4  HOH HOH A . 
B 2 HOH 5  194 5  HOH HOH A . 
B 2 HOH 6  195 6  HOH HOH A . 
B 2 HOH 7  196 7  HOH HOH A . 
B 2 HOH 8  197 8  HOH HOH A . 
B 2 HOH 9  198 9  HOH HOH A . 
B 2 HOH 10 199 10 HOH HOH A . 
B 2 HOH 11 200 11 HOH HOH A . 
B 2 HOH 12 201 12 HOH HOH A . 
B 2 HOH 13 202 13 HOH HOH A . 
B 2 HOH 14 203 14 HOH HOH A . 
B 2 HOH 15 204 15 HOH HOH A . 
B 2 HOH 16 205 16 HOH HOH A . 
B 2 HOH 17 206 17 HOH HOH A . 
B 2 HOH 18 207 18 HOH HOH A . 
B 2 HOH 19 208 19 HOH HOH A . 
B 2 HOH 20 209 20 HOH HOH A . 
B 2 HOH 21 210 21 HOH HOH A . 
B 2 HOH 22 211 22 HOH HOH A . 
B 2 HOH 23 212 23 HOH HOH A . 
B 2 HOH 24 213 24 HOH HOH A . 
B 2 HOH 25 214 25 HOH HOH A . 
B 2 HOH 26 215 26 HOH HOH A . 
B 2 HOH 27 216 27 HOH HOH A . 
B 2 HOH 28 217 28 HOH HOH A . 
B 2 HOH 29 218 29 HOH HOH A . 
B 2 HOH 30 219 30 HOH HOH A . 
B 2 HOH 31 220 31 HOH HOH A . 
B 2 HOH 32 221 32 HOH HOH A . 
B 2 HOH 33 222 33 HOH HOH A . 
B 2 HOH 34 223 34 HOH HOH A . 
B 2 HOH 35 224 35 HOH HOH A . 
B 2 HOH 36 225 36 HOH HOH A . 
B 2 HOH 37 226 37 HOH HOH A . 
B 2 HOH 38 227 38 HOH HOH A . 
B 2 HOH 39 228 39 HOH HOH A . 
B 2 HOH 40 229 40 HOH HOH A . 
B 2 HOH 41 230 41 HOH HOH A . 
B 2 HOH 42 231 42 HOH HOH A . 
B 2 HOH 43 232 43 HOH HOH A . 
B 2 HOH 44 233 44 HOH HOH A . 
B 2 HOH 45 234 45 HOH HOH A . 
B 2 HOH 46 235 46 HOH HOH A . 
B 2 HOH 47 236 47 HOH HOH A . 
B 2 HOH 48 237 48 HOH HOH A . 
B 2 HOH 49 238 49 HOH HOH A . 
B 2 HOH 50 239 50 HOH HOH A . 
B 2 HOH 51 240 51 HOH HOH A . 
B 2 HOH 52 241 52 HOH HOH A . 
B 2 HOH 53 242 53 HOH HOH A . 
# 
loop_
_pdbx_unobs_or_zero_occ_atoms.id 
_pdbx_unobs_or_zero_occ_atoms.PDB_model_num 
_pdbx_unobs_or_zero_occ_atoms.polymer_flag 
_pdbx_unobs_or_zero_occ_atoms.occupancy_flag 
_pdbx_unobs_or_zero_occ_atoms.auth_asym_id 
_pdbx_unobs_or_zero_occ_atoms.auth_comp_id 
_pdbx_unobs_or_zero_occ_atoms.auth_seq_id 
_pdbx_unobs_or_zero_occ_atoms.PDB_ins_code 
_pdbx_unobs_or_zero_occ_atoms.auth_atom_id 
_pdbx_unobs_or_zero_occ_atoms.label_alt_id 
_pdbx_unobs_or_zero_occ_atoms.label_asym_id 
_pdbx_unobs_or_zero_occ_atoms.label_comp_id 
_pdbx_unobs_or_zero_occ_atoms.label_seq_id 
_pdbx_unobs_or_zero_occ_atoms.label_atom_id 
1 1 Y 1 A ASP 112 ? CG  ? A ASP 132 CG  
2 1 Y 1 A ASP 112 ? OD1 ? A ASP 132 OD1 
3 1 Y 1 A ASP 112 ? OD2 ? A ASP 132 OD2 
4 1 Y 1 A LEU 189 ? CG  ? A LEU 209 CG  
5 1 Y 1 A LEU 189 ? CD1 ? A LEU 209 CD1 
6 1 Y 1 A LEU 189 ? CD2 ? A LEU 209 CD2 
# 
loop_
_software.name 
_software.classification 
_software.version 
_software.citation_id 
_software.pdbx_ordinal 
REFMAC    refinement       5.1.24 ? 1 
HKL-2000  'data reduction' .      ? 2 
SCALEPACK 'data scaling'   .      ? 3 
SOLVE     phasing          .      ? 4 
# 
_cell.entry_id           2D7J 
_cell.length_a           64.941 
_cell.length_b           64.941 
_cell.length_c           116.408 
_cell.angle_alpha        90.00 
_cell.angle_beta         90.00 
_cell.angle_gamma        120.00 
_cell.Z_PDB              6 
_cell.pdbx_unique_axis   ? 
_cell.length_a_esd       ? 
_cell.length_b_esd       ? 
_cell.length_c_esd       ? 
_cell.angle_alpha_esd    ? 
_cell.angle_beta_esd     ? 
_cell.angle_gamma_esd    ? 
# 
_symmetry.entry_id                         2D7J 
_symmetry.space_group_name_H-M             'P 32 2 1' 
_symmetry.pdbx_full_space_group_name_H-M   ? 
_symmetry.cell_setting                     ? 
_symmetry.Int_Tables_number                154 
_symmetry.space_group_name_Hall            ? 
# 
_exptl.entry_id          2D7J 
_exptl.method            'X-RAY DIFFRACTION' 
_exptl.crystals_number   1 
# 
_exptl_crystal.id                    1 
_exptl_crystal.density_meas          ? 
_exptl_crystal.density_Matthews      3.0 
_exptl_crystal.density_percent_sol   58.7 
_exptl_crystal.description           ? 
_exptl_crystal.F_000                 ? 
_exptl_crystal.preparation           ? 
# 
_exptl_crystal_grow.crystal_id      1 
_exptl_crystal_grow.method          'VAPOR DIFFUSION, HANGING DROP' 
_exptl_crystal_grow.temp            278 
_exptl_crystal_grow.temp_details    ? 
_exptl_crystal_grow.pH              4.6 
_exptl_crystal_grow.pdbx_details    
'0.1M sodium acetate, 2M sodium chloride, pH 4.6, VAPOR DIFFUSION, HANGING DROP, temperature 278K' 
_exptl_crystal_grow.pdbx_pH_range   . 
# 
_diffrn.id                     1 
_diffrn.ambient_temp           100 
_diffrn.ambient_temp_details   ? 
_diffrn.crystal_id             1 
# 
_diffrn_detector.diffrn_id              1 
_diffrn_detector.detector               ? 
_diffrn_detector.type                   ? 
_diffrn_detector.pdbx_collection_date   2003-06-10 
_diffrn_detector.details                ? 
# 
_diffrn_radiation.diffrn_id                        1 
_diffrn_radiation.wavelength_id                    1 
_diffrn_radiation.pdbx_monochromatic_or_laue_m_l   M 
_diffrn_radiation.monochromator                    ? 
_diffrn_radiation.pdbx_diffrn_protocol             'SINGLE WAVELENGTH' 
_diffrn_radiation.pdbx_scattering_type             x-ray 
# 
_diffrn_radiation_wavelength.id           1 
_diffrn_radiation_wavelength.wavelength   0.9740 
_diffrn_radiation_wavelength.wt           1.0 
# 
_diffrn_source.diffrn_id                   1 
_diffrn_source.source                      SYNCHROTRON 
_diffrn_source.type                        'SPRING-8 BEAMLINE BL41XU' 
_diffrn_source.pdbx_synchrotron_site       SPring-8 
_diffrn_source.pdbx_synchrotron_beamline   BL41XU 
_diffrn_source.pdbx_wavelength             ? 
_diffrn_source.pdbx_wavelength_list        0.9740 
# 
_reflns.entry_id                     2D7J 
_reflns.observed_criterion_sigma_I   ? 
_reflns.observed_criterion_sigma_F   ? 
_reflns.d_resolution_low             50.0 
_reflns.d_resolution_high            1.89 
_reflns.number_obs                   23560 
_reflns.number_all                   ? 
_reflns.percent_possible_obs         ? 
_reflns.pdbx_Rmerge_I_obs            ? 
_reflns.pdbx_Rsym_value              ? 
_reflns.pdbx_netI_over_sigmaI        ? 
_reflns.B_iso_Wilson_estimate        ? 
_reflns.pdbx_redundancy              ? 
_reflns.R_free_details               ? 
_reflns.limit_h_max                  ? 
_reflns.limit_h_min                  ? 
_reflns.limit_k_max                  ? 
_reflns.limit_k_min                  ? 
_reflns.limit_l_max                  ? 
_reflns.limit_l_min                  ? 
_reflns.observed_criterion_F_max     ? 
_reflns.observed_criterion_F_min     ? 
_reflns.pdbx_chi_squared             ? 
_reflns.pdbx_scaling_rejects         ? 
_reflns.pdbx_ordinal                 1 
_reflns.pdbx_diffrn_id               1 
# 
_reflns_shell.d_res_high             1.89 
_reflns_shell.d_res_low              2.0 
_reflns_shell.percent_possible_all   100 
_reflns_shell.Rmerge_I_obs           ? 
_reflns_shell.pdbx_Rsym_value        ? 
_reflns_shell.meanI_over_sigI_obs    ? 
_reflns_shell.pdbx_redundancy        ? 
_reflns_shell.percent_possible_obs   ? 
_reflns_shell.number_unique_all      ? 
_reflns_shell.number_measured_all    ? 
_reflns_shell.number_measured_obs    ? 
_reflns_shell.number_unique_obs      ? 
_reflns_shell.pdbx_chi_squared       ? 
_reflns_shell.pdbx_ordinal           1 
_reflns_shell.pdbx_diffrn_id         1 
# 
_refine.entry_id                                 2D7J 
_refine.ls_number_reflns_obs                     22241 
_refine.ls_number_reflns_all                     ? 
_refine.pdbx_ls_sigma_I                          ? 
_refine.pdbx_ls_sigma_F                          ? 
_refine.pdbx_data_cutoff_high_absF               ? 
_refine.pdbx_data_cutoff_low_absF                ? 
_refine.pdbx_data_cutoff_high_rms_absF           ? 
_refine.ls_d_res_low                             38.92 
_refine.ls_d_res_high                            1.89 
_refine.ls_percent_reflns_obs                    100.00 
_refine.ls_R_factor_obs                          0.18584 
_refine.ls_R_factor_all                          0.18584 
_refine.ls_R_factor_R_work                       0.1844 
_refine.ls_R_factor_R_free                       0.21334 
_refine.ls_R_factor_R_free_error                 ? 
_refine.ls_R_factor_R_free_error_details         ? 
_refine.ls_percent_reflns_R_free                 5.0 
_refine.ls_number_reflns_R_free                  1168 
_refine.ls_number_parameters                     ? 
_refine.ls_number_restraints                     ? 
_refine.occupancy_min                            ? 
_refine.occupancy_max                            ? 
_refine.correlation_coeff_Fo_to_Fc               0.954 
_refine.correlation_coeff_Fo_to_Fc_free          0.941 
_refine.B_iso_mean                               13.268 
_refine.aniso_B[1][1]                            0.03 
_refine.aniso_B[2][2]                            0.03 
_refine.aniso_B[3][3]                            -0.05 
_refine.aniso_B[1][2]                            0.02 
_refine.aniso_B[1][3]                            0.00 
_refine.aniso_B[2][3]                            0.00 
_refine.solvent_model_details                    'BABINET MODEL WITH MASK' 
_refine.solvent_model_param_ksol                 ? 
_refine.solvent_model_param_bsol                 ? 
_refine.pdbx_solvent_vdw_probe_radii             1.40 
_refine.pdbx_solvent_ion_probe_radii             0.80 
_refine.pdbx_solvent_shrinkage_radii             0.80 
_refine.pdbx_ls_cross_valid_method               THROUGHOUT 
_refine.details                                  'HYDROGENS HAVE BEEN ADDED IN THE RIDING POSITIONS' 
_refine.pdbx_starting_model                      ? 
_refine.pdbx_method_to_determine_struct          SAD 
_refine.pdbx_isotropic_thermal_model             ? 
_refine.pdbx_stereochemistry_target_values       'MAXIMUM LIKELIHOOD' 
_refine.pdbx_stereochem_target_val_spec_case     ? 
_refine.pdbx_R_Free_selection_details            RANDOM 
_refine.pdbx_overall_ESU_R                       0.110 
_refine.pdbx_overall_ESU_R_Free                  0.108 
_refine.overall_SU_ML                            0.067 
_refine.overall_SU_B                             2.174 
_refine.ls_redundancy_reflns_obs                 ? 
_refine.B_iso_min                                ? 
_refine.B_iso_max                                ? 
_refine.overall_SU_R_Cruickshank_DPI             ? 
_refine.overall_SU_R_free                        ? 
_refine.ls_wR_factor_R_free                      ? 
_refine.ls_wR_factor_R_work                      ? 
_refine.overall_FOM_free_R_set                   ? 
_refine.overall_FOM_work_R_set                   ? 
_refine.pdbx_refine_id                           'X-RAY DIFFRACTION' 
_refine.pdbx_TLS_residual_ADP_flag               'LIKELY RESIDUAL' 
_refine.pdbx_diffrn_id                           1 
_refine.pdbx_overall_phase_error                 ? 
_refine.pdbx_overall_SU_R_free_Cruickshank_DPI   ? 
_refine.pdbx_overall_SU_R_Blow_DPI               ? 
_refine.pdbx_overall_SU_R_free_Blow_DPI          ? 
# 
_refine_hist.pdbx_refine_id                   'X-RAY DIFFRACTION' 
_refine_hist.cycle_id                         LAST 
_refine_hist.pdbx_number_atoms_protein        1497 
_refine_hist.pdbx_number_atoms_nucleic_acid   0 
_refine_hist.pdbx_number_atoms_ligand         0 
_refine_hist.number_atoms_solvent             53 
_refine_hist.number_atoms_total               1550 
_refine_hist.d_res_high                       1.89 
_refine_hist.d_res_low                        38.92 
# 
loop_
_refine_ls_restr.type 
_refine_ls_restr.dev_ideal 
_refine_ls_restr.dev_ideal_target 
_refine_ls_restr.weight 
_refine_ls_restr.number 
_refine_ls_restr.pdbx_refine_id 
_refine_ls_restr.pdbx_restraint_function 
r_bond_refined_d             0.028 0.021 ? 1531 'X-RAY DIFFRACTION' ? 
r_bond_other_d               0.002 0.020 ? 1416 'X-RAY DIFFRACTION' ? 
r_angle_refined_deg          2.129 1.970 ? 2064 'X-RAY DIFFRACTION' ? 
r_angle_other_deg            1.703 3.000 ? 3320 'X-RAY DIFFRACTION' ? 
r_dihedral_angle_1_deg       5.847 5.000 ? 187  'X-RAY DIFFRACTION' ? 
r_dihedral_angle_2_deg       ?     ?     ? ?    'X-RAY DIFFRACTION' ? 
r_dihedral_angle_3_deg       ?     ?     ? ?    'X-RAY DIFFRACTION' ? 
r_dihedral_angle_4_deg       ?     ?     ? ?    'X-RAY DIFFRACTION' ? 
r_chiral_restr               0.133 0.200 ? 224  'X-RAY DIFFRACTION' ? 
r_gen_planes_refined         0.015 0.020 ? 1669 'X-RAY DIFFRACTION' ? 
r_gen_planes_other           0.014 0.020 ? 288  'X-RAY DIFFRACTION' ? 
r_nbd_refined                0.230 0.200 ? 273  'X-RAY DIFFRACTION' ? 
r_nbd_other                  0.251 0.200 ? 1522 'X-RAY DIFFRACTION' ? 
r_nbtor_refined              ?     ?     ? ?    'X-RAY DIFFRACTION' ? 
r_nbtor_other                0.099 0.200 ? 900  'X-RAY DIFFRACTION' ? 
r_xyhbond_nbd_refined        0.149 0.200 ? 43   'X-RAY DIFFRACTION' ? 
r_xyhbond_nbd_other          ?     ?     ? ?    'X-RAY DIFFRACTION' ? 
r_metal_ion_refined          ?     ?     ? ?    'X-RAY DIFFRACTION' ? 
r_metal_ion_other            ?     ?     ? ?    'X-RAY DIFFRACTION' ? 
r_symmetry_vdw_refined       0.237 0.200 ? 3    'X-RAY DIFFRACTION' ? 
r_symmetry_vdw_other         0.315 0.200 ? 21   'X-RAY DIFFRACTION' ? 
r_symmetry_hbond_refined     0.045 0.200 ? 2    'X-RAY DIFFRACTION' ? 
r_symmetry_hbond_other       ?     ?     ? ?    'X-RAY DIFFRACTION' ? 
r_symmetry_metal_ion_refined ?     ?     ? ?    'X-RAY DIFFRACTION' ? 
r_symmetry_metal_ion_other   ?     ?     ? ?    'X-RAY DIFFRACTION' ? 
r_mcbond_it                  1.440 1.500 ? 933  'X-RAY DIFFRACTION' ? 
r_mcbond_other               ?     ?     ? ?    'X-RAY DIFFRACTION' ? 
r_mcangle_it                 2.363 2.000 ? 1511 'X-RAY DIFFRACTION' ? 
r_scbond_it                  3.889 3.000 ? 598  'X-RAY DIFFRACTION' ? 
r_scangle_it                 6.162 4.500 ? 553  'X-RAY DIFFRACTION' ? 
r_rigid_bond_restr           ?     ?     ? ?    'X-RAY DIFFRACTION' ? 
r_sphericity_free            ?     ?     ? ?    'X-RAY DIFFRACTION' ? 
r_sphericity_bonded          ?     ?     ? ?    'X-RAY DIFFRACTION' ? 
# 
_refine_ls_shell.pdbx_total_number_of_bins_used   20 
_refine_ls_shell.d_res_high                       1.890 
_refine_ls_shell.d_res_low                        1.939 
_refine_ls_shell.number_reflns_R_work             1617 
_refine_ls_shell.R_factor_R_work                  0.177 
_refine_ls_shell.percent_reflns_obs               ? 
_refine_ls_shell.R_factor_R_free                  0.225 
_refine_ls_shell.R_factor_R_free_error            ? 
_refine_ls_shell.percent_reflns_R_free            ? 
_refine_ls_shell.number_reflns_R_free             91 
_refine_ls_shell.number_reflns_all                ? 
_refine_ls_shell.R_factor_all                     ? 
_refine_ls_shell.number_reflns_obs                ? 
_refine_ls_shell.redundancy_reflns_obs            ? 
_refine_ls_shell.pdbx_refine_id                   'X-RAY DIFFRACTION' 
# 
_struct.entry_id                  2D7J 
_struct.title                     'Crystal Structure Analysis of Glutamine Amidotransferase from Pyrococcus horikoshii OT3' 
_struct.pdbx_model_details        ? 
_struct.pdbx_CASP_flag            ? 
_struct.pdbx_model_type_details   ? 
# 
_struct_keywords.entry_id        2D7J 
_struct_keywords.pdbx_keywords   LIGASE 
_struct_keywords.text            'alpha-beta-alpha, Ligase' 
# 
loop_
_struct_asym.id 
_struct_asym.pdbx_blank_PDB_chainid_flag 
_struct_asym.pdbx_modified 
_struct_asym.entity_id 
_struct_asym.details 
A N N 1 ? 
B N N 2 ? 
# 
_struct_ref.id                         1 
_struct_ref.db_name                    UNP 
_struct_ref.db_code                    GUAAA_PYRHO 
_struct_ref.pdbx_db_accession          O59071 
_struct_ref.entity_id                  1 
_struct_ref.pdbx_seq_one_letter_code   
;MMIVIMDNGGQYVHRIWRTLRYLGVETKIIPNTTPLEEIKAMNPKGIIFSGGPSLENTGNCEKVLEHYDEFNVPILGICL
GHQLIAKFFGGKVGRGEKAEYSLVEIEIIDEDEIFKGLPKRLKVWESHMDEVKELPPKFKILARSETCPIEAMKHEELPI
YGVQFHPEVAHTEKGEEILRNFAKLCGEL
;
_struct_ref.pdbx_align_begin           1 
_struct_ref.pdbx_db_isoform            ? 
# 
_struct_ref_seq.align_id                      1 
_struct_ref_seq.ref_id                        1 
_struct_ref_seq.pdbx_PDB_id_code              2D7J 
_struct_ref_seq.pdbx_strand_id                A 
_struct_ref_seq.seq_align_beg                 21 
_struct_ref_seq.pdbx_seq_align_beg_ins_code   ? 
_struct_ref_seq.seq_align_end                 209 
_struct_ref_seq.pdbx_seq_align_end_ins_code   ? 
_struct_ref_seq.pdbx_db_accession             O59071 
_struct_ref_seq.db_align_beg                  1 
_struct_ref_seq.pdbx_db_align_beg_ins_code    ? 
_struct_ref_seq.db_align_end                  189 
_struct_ref_seq.pdbx_db_align_end_ins_code    ? 
_struct_ref_seq.pdbx_auth_seq_align_beg       1 
_struct_ref_seq.pdbx_auth_seq_align_end       189 
# 
loop_
_struct_ref_seq_dif.align_id 
_struct_ref_seq_dif.pdbx_pdb_id_code 
_struct_ref_seq_dif.mon_id 
_struct_ref_seq_dif.pdbx_pdb_strand_id 
_struct_ref_seq_dif.seq_num 
_struct_ref_seq_dif.pdbx_pdb_ins_code 
_struct_ref_seq_dif.pdbx_seq_db_name 
_struct_ref_seq_dif.pdbx_seq_db_accession_code 
_struct_ref_seq_dif.db_mon_id 
_struct_ref_seq_dif.pdbx_seq_db_seq_num 
_struct_ref_seq_dif.details 
_struct_ref_seq_dif.pdbx_auth_seq_num 
_struct_ref_seq_dif.pdbx_ordinal 
1 2D7J MET A 1  ? UNP O59071 ? ? 'expression tag' -19 1  
1 2D7J GLY A 2  ? UNP O59071 ? ? 'expression tag' -18 2  
1 2D7J SER A 3  ? UNP O59071 ? ? 'expression tag' -17 3  
1 2D7J SER A 4  ? UNP O59071 ? ? 'expression tag' -16 4  
1 2D7J HIS A 5  ? UNP O59071 ? ? 'expression tag' -15 5  
1 2D7J HIS A 6  ? UNP O59071 ? ? 'expression tag' -14 6  
1 2D7J HIS A 7  ? UNP O59071 ? ? 'expression tag' -13 7  
1 2D7J HIS A 8  ? UNP O59071 ? ? 'expression tag' -12 8  
1 2D7J HIS A 9  ? UNP O59071 ? ? 'expression tag' -11 9  
1 2D7J HIS A 10 ? UNP O59071 ? ? 'expression tag' -10 10 
1 2D7J SER A 11 ? UNP O59071 ? ? 'expression tag' -9  11 
1 2D7J SER A 12 ? UNP O59071 ? ? 'expression tag' -8  12 
1 2D7J GLY A 13 ? UNP O59071 ? ? 'expression tag' -7  13 
1 2D7J LEU A 14 ? UNP O59071 ? ? 'expression tag' -6  14 
1 2D7J VAL A 15 ? UNP O59071 ? ? 'expression tag' -5  15 
1 2D7J PRO A 16 ? UNP O59071 ? ? 'expression tag' -4  16 
1 2D7J ARG A 17 ? UNP O59071 ? ? 'expression tag' -3  17 
1 2D7J GLY A 18 ? UNP O59071 ? ? 'expression tag' -2  18 
1 2D7J SER A 19 ? UNP O59071 ? ? 'expression tag' -1  19 
1 2D7J HIS A 20 ? UNP O59071 ? ? 'expression tag' 0   20 
# 
_pdbx_struct_assembly.id                   1 
_pdbx_struct_assembly.details              author_defined_assembly 
_pdbx_struct_assembly.method_details       ? 
_pdbx_struct_assembly.oligomeric_details   monomeric 
_pdbx_struct_assembly.oligomeric_count     1 
# 
_pdbx_struct_assembly_gen.assembly_id       1 
_pdbx_struct_assembly_gen.oper_expression   1 
_pdbx_struct_assembly_gen.asym_id_list      A,B 
# 
_pdbx_struct_oper_list.id                   1 
_pdbx_struct_oper_list.type                 'identity operation' 
_pdbx_struct_oper_list.name                 1_555 
_pdbx_struct_oper_list.symmetry_operation   x,y,z 
_pdbx_struct_oper_list.matrix[1][1]         1.0000000000 
_pdbx_struct_oper_list.matrix[1][2]         0.0000000000 
_pdbx_struct_oper_list.matrix[1][3]         0.0000000000 
_pdbx_struct_oper_list.vector[1]            0.0000000000 
_pdbx_struct_oper_list.matrix[2][1]         0.0000000000 
_pdbx_struct_oper_list.matrix[2][2]         1.0000000000 
_pdbx_struct_oper_list.matrix[2][3]         0.0000000000 
_pdbx_struct_oper_list.vector[2]            0.0000000000 
_pdbx_struct_oper_list.matrix[3][1]         0.0000000000 
_pdbx_struct_oper_list.matrix[3][2]         0.0000000000 
_pdbx_struct_oper_list.matrix[3][3]         1.0000000000 
_pdbx_struct_oper_list.vector[3]            0.0000000000 
# 
_struct_biol.id                    1 
_struct_biol.details               'This protein works as a monomer.' 
_struct_biol.pdbx_parent_biol_id   ? 
# 
loop_
_struct_conf.conf_type_id 
_struct_conf.id 
_struct_conf.pdbx_PDB_helix_id 
_struct_conf.beg_label_comp_id 
_struct_conf.beg_label_asym_id 
_struct_conf.beg_label_seq_id 
_struct_conf.pdbx_beg_PDB_ins_code 
_struct_conf.end_label_comp_id 
_struct_conf.end_label_asym_id 
_struct_conf.end_label_seq_id 
_struct_conf.pdbx_end_PDB_ins_code 
_struct_conf.beg_auth_comp_id 
_struct_conf.beg_auth_asym_id 
_struct_conf.beg_auth_seq_id 
_struct_conf.end_auth_comp_id 
_struct_conf.end_auth_asym_id 
_struct_conf.end_auth_seq_id 
_struct_conf.pdbx_PDB_helix_class 
_struct_conf.details 
_struct_conf.pdbx_PDB_helix_length 
HELX_P HELX_P1 1 TYR A 32  ? LEU A 43  ? TYR A 12  LEU A 23  1 ? 12 
HELX_P HELX_P2 2 PRO A 55  ? ALA A 61  ? PRO A 35  ALA A 41  1 ? 7  
HELX_P HELX_P3 3 ASN A 80  ? HIS A 87  ? ASN A 60  HIS A 67  1 ? 8  
HELX_P HELX_P4 4 TYR A 88  ? PHE A 91  ? TYR A 68  PHE A 71  5 ? 4  
HELX_P HELX_P5 5 CYS A 99  ? PHE A 109 ? CYS A 79  PHE A 89  1 ? 11 
HELX_P HELX_P6 6 LYS A 194 ? GLU A 208 ? LYS A 174 GLU A 188 1 ? 15 
# 
_struct_conf_type.id          HELX_P 
_struct_conf_type.criteria    ? 
_struct_conf_type.reference   ? 
# 
loop_
_struct_sheet.id 
_struct_sheet.type 
_struct_sheet.number_strands 
_struct_sheet.details 
A ? 9 ? 
B ? 2 ? 
# 
loop_
_struct_sheet_order.sheet_id 
_struct_sheet_order.range_id_1 
_struct_sheet_order.range_id_2 
_struct_sheet_order.offset 
_struct_sheet_order.sense 
A 1 2 ? parallel      
A 2 3 ? parallel      
A 3 4 ? parallel      
A 4 5 ? parallel      
A 5 6 ? anti-parallel 
A 6 7 ? anti-parallel 
A 7 8 ? anti-parallel 
A 8 9 ? anti-parallel 
B 1 2 ? anti-parallel 
# 
loop_
_struct_sheet_range.sheet_id 
_struct_sheet_range.id 
_struct_sheet_range.beg_label_comp_id 
_struct_sheet_range.beg_label_asym_id 
_struct_sheet_range.beg_label_seq_id 
_struct_sheet_range.pdbx_beg_PDB_ins_code 
_struct_sheet_range.end_label_comp_id 
_struct_sheet_range.end_label_asym_id 
_struct_sheet_range.end_label_seq_id 
_struct_sheet_range.pdbx_end_PDB_ins_code 
_struct_sheet_range.beg_auth_comp_id 
_struct_sheet_range.beg_auth_asym_id 
_struct_sheet_range.beg_auth_seq_id 
_struct_sheet_range.end_auth_comp_id 
_struct_sheet_range.end_auth_asym_id 
_struct_sheet_range.end_auth_seq_id 
A 1 THR A 47  ? PRO A 51  ? THR A 27  PRO A 31  
A 2 ILE A 23  ? ASP A 27  ? ILE A 3   ASP A 7   
A 3 GLY A 66  ? PHE A 69  ? GLY A 46  PHE A 49  
A 4 ILE A 95  ? ILE A 98  ? ILE A 75  ILE A 78  
A 5 ILE A 180 ? VAL A 183 ? ILE A 160 VAL A 163 
A 6 ALA A 172 ? HIS A 175 ? ALA A 152 HIS A 155 
A 7 PHE A 159 ? ARG A 164 ? PHE A 139 ARG A 144 
A 8 SER A 122 ? ILE A 128 ? SER A 102 ILE A 108 
A 9 ARG A 141 ? GLU A 146 ? ARG A 121 GLU A 126 
B 1 LYS A 112 ? ARG A 115 ? LYS A 92  ARG A 95  
B 2 ASP A 150 ? GLU A 154 ? ASP A 130 GLU A 134 
# 
loop_
_pdbx_struct_sheet_hbond.sheet_id 
_pdbx_struct_sheet_hbond.range_id_1 
_pdbx_struct_sheet_hbond.range_id_2 
_pdbx_struct_sheet_hbond.range_1_label_atom_id 
_pdbx_struct_sheet_hbond.range_1_label_comp_id 
_pdbx_struct_sheet_hbond.range_1_label_asym_id 
_pdbx_struct_sheet_hbond.range_1_label_seq_id 
_pdbx_struct_sheet_hbond.range_1_PDB_ins_code 
_pdbx_struct_sheet_hbond.range_1_auth_atom_id 
_pdbx_struct_sheet_hbond.range_1_auth_comp_id 
_pdbx_struct_sheet_hbond.range_1_auth_asym_id 
_pdbx_struct_sheet_hbond.range_1_auth_seq_id 
_pdbx_struct_sheet_hbond.range_2_label_atom_id 
_pdbx_struct_sheet_hbond.range_2_label_comp_id 
_pdbx_struct_sheet_hbond.range_2_label_asym_id 
_pdbx_struct_sheet_hbond.range_2_label_seq_id 
_pdbx_struct_sheet_hbond.range_2_PDB_ins_code 
_pdbx_struct_sheet_hbond.range_2_auth_atom_id 
_pdbx_struct_sheet_hbond.range_2_auth_comp_id 
_pdbx_struct_sheet_hbond.range_2_auth_asym_id 
_pdbx_struct_sheet_hbond.range_2_auth_seq_id 
A 1 2 O LYS A 48  ? O LYS A 28  N ILE A 25  ? N ILE A 5   
A 2 3 N MET A 26  ? N MET A 6   O ILE A 68  ? O ILE A 48  
A 3 4 N PHE A 69  ? N PHE A 49  O ILE A 98  ? O ILE A 78  
A 4 5 N ILE A 95  ? N ILE A 75  O TYR A 181 ? O TYR A 161 
A 5 6 O ILE A 180 ? O ILE A 160 N HIS A 175 ? N HIS A 155 
A 6 7 O LYS A 174 ? O LYS A 154 N LYS A 160 ? N LYS A 140 
A 7 8 O ARG A 164 ? O ARG A 144 N GLU A 127 ? N GLU A 107 
A 8 9 N ILE A 126 ? N ILE A 106 O LEU A 142 ? O LEU A 122 
B 1 2 N LYS A 112 ? N LYS A 92  O LYS A 153 ? O LYS A 133 
# 
_pdbx_validate_rmsd_bond.id                        1 
_pdbx_validate_rmsd_bond.PDB_model_num             1 
_pdbx_validate_rmsd_bond.auth_atom_id_1            CD 
_pdbx_validate_rmsd_bond.auth_asym_id_1            A 
_pdbx_validate_rmsd_bond.auth_comp_id_1            GLU 
_pdbx_validate_rmsd_bond.auth_seq_id_1             146 
_pdbx_validate_rmsd_bond.PDB_ins_code_1            ? 
_pdbx_validate_rmsd_bond.label_alt_id_1            ? 
_pdbx_validate_rmsd_bond.auth_atom_id_2            OE1 
_pdbx_validate_rmsd_bond.auth_asym_id_2            A 
_pdbx_validate_rmsd_bond.auth_comp_id_2            GLU 
_pdbx_validate_rmsd_bond.auth_seq_id_2             146 
_pdbx_validate_rmsd_bond.PDB_ins_code_2            ? 
_pdbx_validate_rmsd_bond.label_alt_id_2            ? 
_pdbx_validate_rmsd_bond.bond_value                1.326 
_pdbx_validate_rmsd_bond.bond_target_value         1.252 
_pdbx_validate_rmsd_bond.bond_deviation            0.074 
_pdbx_validate_rmsd_bond.bond_standard_deviation   0.011 
_pdbx_validate_rmsd_bond.linker_flag               N 
# 
loop_
_pdbx_validate_rmsd_angle.id 
_pdbx_validate_rmsd_angle.PDB_model_num 
_pdbx_validate_rmsd_angle.auth_atom_id_1 
_pdbx_validate_rmsd_angle.auth_asym_id_1 
_pdbx_validate_rmsd_angle.auth_comp_id_1 
_pdbx_validate_rmsd_angle.auth_seq_id_1 
_pdbx_validate_rmsd_angle.PDB_ins_code_1 
_pdbx_validate_rmsd_angle.label_alt_id_1 
_pdbx_validate_rmsd_angle.auth_atom_id_2 
_pdbx_validate_rmsd_angle.auth_asym_id_2 
_pdbx_validate_rmsd_angle.auth_comp_id_2 
_pdbx_validate_rmsd_angle.auth_seq_id_2 
_pdbx_validate_rmsd_angle.PDB_ins_code_2 
_pdbx_validate_rmsd_angle.label_alt_id_2 
_pdbx_validate_rmsd_angle.auth_atom_id_3 
_pdbx_validate_rmsd_angle.auth_asym_id_3 
_pdbx_validate_rmsd_angle.auth_comp_id_3 
_pdbx_validate_rmsd_angle.auth_seq_id_3 
_pdbx_validate_rmsd_angle.PDB_ins_code_3 
_pdbx_validate_rmsd_angle.label_alt_id_3 
_pdbx_validate_rmsd_angle.angle_value 
_pdbx_validate_rmsd_angle.angle_target_value 
_pdbx_validate_rmsd_angle.angle_deviation 
_pdbx_validate_rmsd_angle.angle_standard_deviation 
_pdbx_validate_rmsd_angle.linker_flag 
1 1 NE A ARG 21 ? ? CZ A ARG 21 ? ? NH1 A ARG 21 ? ? 123.71 120.30 3.41 0.50 N 
2 1 CB A ASP 69 ? ? CG A ASP 69 ? ? OD2 A ASP 69 ? ? 124.10 118.30 5.80 0.90 N 
# 
loop_
_pdbx_validate_torsion.id 
_pdbx_validate_torsion.PDB_model_num 
_pdbx_validate_torsion.auth_comp_id 
_pdbx_validate_torsion.auth_asym_id 
_pdbx_validate_torsion.auth_seq_id 
_pdbx_validate_torsion.PDB_ins_code 
_pdbx_validate_torsion.label_alt_id 
_pdbx_validate_torsion.phi 
_pdbx_validate_torsion.psi 
1 1 CYS A 79  ? ? 55.43   -103.07 
2 1 GLU A 97  ? ? -112.71 66.89   
3 1 LYS A 98  ? ? 156.68  100.61  
4 1 ASP A 112 ? ? 46.52   -118.25 
5 1 ILE A 150 ? ? -118.31 78.21   
# 
_pdbx_validate_main_chain_plane.id                       1 
_pdbx_validate_main_chain_plane.PDB_model_num            1 
_pdbx_validate_main_chain_plane.auth_comp_id             GLU 
_pdbx_validate_main_chain_plane.auth_asym_id             A 
_pdbx_validate_main_chain_plane.auth_seq_id              37 
_pdbx_validate_main_chain_plane.PDB_ins_code             ? 
_pdbx_validate_main_chain_plane.label_alt_id             ? 
_pdbx_validate_main_chain_plane.improper_torsion_angle   13.94 
# 
_pdbx_struct_special_symmetry.id              1 
_pdbx_struct_special_symmetry.PDB_model_num   1 
_pdbx_struct_special_symmetry.auth_asym_id    A 
_pdbx_struct_special_symmetry.auth_comp_id    HOH 
_pdbx_struct_special_symmetry.auth_seq_id     221 
_pdbx_struct_special_symmetry.PDB_ins_code    ? 
_pdbx_struct_special_symmetry.label_asym_id   B 
_pdbx_struct_special_symmetry.label_comp_id   HOH 
_pdbx_struct_special_symmetry.label_seq_id    . 
# 
_pdbx_refine_tls.id               1 
_pdbx_refine_tls.details          ? 
_pdbx_refine_tls.method           refined 
_pdbx_refine_tls.origin_x         2.2140 
_pdbx_refine_tls.origin_y         -1.3141 
_pdbx_refine_tls.origin_z         -2.5308 
_pdbx_refine_tls.T[1][1]          0.0105 
_pdbx_refine_tls.T[2][2]          0.0452 
_pdbx_refine_tls.T[3][3]          0.1247 
_pdbx_refine_tls.T[1][2]          -0.0177 
_pdbx_refine_tls.T[1][3]          0.0207 
_pdbx_refine_tls.T[2][3]          0.0012 
_pdbx_refine_tls.L[1][1]          4.1157 
_pdbx_refine_tls.L[2][2]          2.5605 
_pdbx_refine_tls.L[3][3]          1.5080 
_pdbx_refine_tls.L[1][2]          -0.4232 
_pdbx_refine_tls.L[1][3]          -0.6007 
_pdbx_refine_tls.L[2][3]          -0.2351 
_pdbx_refine_tls.S[1][1]          0.0138 
_pdbx_refine_tls.S[1][2]          0.1323 
_pdbx_refine_tls.S[1][3]          0.0007 
_pdbx_refine_tls.S[2][1]          -0.0683 
_pdbx_refine_tls.S[2][2]          0.0445 
_pdbx_refine_tls.S[2][3]          0.0056 
_pdbx_refine_tls.S[3][1]          0.0852 
_pdbx_refine_tls.S[3][2]          -0.0323 
_pdbx_refine_tls.S[3][3]          -0.0584 
_pdbx_refine_tls.pdbx_refine_id   'X-RAY DIFFRACTION' 
# 
_pdbx_refine_tls_group.id                  1 
_pdbx_refine_tls_group.refine_tls_id       1 
_pdbx_refine_tls_group.beg_auth_asym_id    A 
_pdbx_refine_tls_group.beg_auth_seq_id     2 
_pdbx_refine_tls_group.beg_label_asym_id   A 
_pdbx_refine_tls_group.beg_label_seq_id    22 
_pdbx_refine_tls_group.end_auth_asym_id    A 
_pdbx_refine_tls_group.end_auth_seq_id     189 
_pdbx_refine_tls_group.end_label_asym_id   A 
_pdbx_refine_tls_group.end_label_seq_id    209 
_pdbx_refine_tls_group.selection           ? 
_pdbx_refine_tls_group.pdbx_refine_id      'X-RAY DIFFRACTION' 
_pdbx_refine_tls_group.selection_details   ? 
# 
loop_
_pdbx_unobs_or_zero_occ_residues.id 
_pdbx_unobs_or_zero_occ_residues.PDB_model_num 
_pdbx_unobs_or_zero_occ_residues.polymer_flag 
_pdbx_unobs_or_zero_occ_residues.occupancy_flag 
_pdbx_unobs_or_zero_occ_residues.auth_asym_id 
_pdbx_unobs_or_zero_occ_residues.auth_comp_id 
_pdbx_unobs_or_zero_occ_residues.auth_seq_id 
_pdbx_unobs_or_zero_occ_residues.PDB_ins_code 
_pdbx_unobs_or_zero_occ_residues.label_asym_id 
_pdbx_unobs_or_zero_occ_residues.label_comp_id 
_pdbx_unobs_or_zero_occ_residues.label_seq_id 
1  1 Y 1 A MET -19 ? A MET 1  
2  1 Y 1 A GLY -18 ? A GLY 2  
3  1 Y 1 A SER -17 ? A SER 3  
4  1 Y 1 A SER -16 ? A SER 4  
5  1 Y 1 A HIS -15 ? A HIS 5  
6  1 Y 1 A HIS -14 ? A HIS 6  
7  1 Y 1 A HIS -13 ? A HIS 7  
8  1 Y 1 A HIS -12 ? A HIS 8  
9  1 Y 1 A HIS -11 ? A HIS 9  
10 1 Y 1 A HIS -10 ? A HIS 10 
11 1 Y 1 A SER -9  ? A SER 11 
12 1 Y 1 A SER -8  ? A SER 12 
13 1 Y 1 A GLY -7  ? A GLY 13 
14 1 Y 1 A LEU -6  ? A LEU 14 
15 1 Y 1 A VAL -5  ? A VAL 15 
16 1 Y 1 A PRO -4  ? A PRO 16 
17 1 Y 1 A ARG -3  ? A ARG 17 
18 1 Y 1 A GLY -2  ? A GLY 18 
19 1 Y 1 A SER -1  ? A SER 19 
20 1 Y 1 A HIS 0   ? A HIS 20 
21 1 Y 1 A MET 1   ? A MET 21 
# 
loop_
_chem_comp_atom.comp_id 
_chem_comp_atom.atom_id 
_chem_comp_atom.type_symbol 
_chem_comp_atom.pdbx_aromatic_flag 
_chem_comp_atom.pdbx_stereo_config 
_chem_comp_atom.pdbx_ordinal 
ALA N    N N N 1   
ALA CA   C N S 2   
ALA C    C N N 3   
ALA O    O N N 4   
ALA CB   C N N 5   
ALA OXT  O N N 6   
ALA H    H N N 7   
ALA H2   H N N 8   
ALA HA   H N N 9   
ALA HB1  H N N 10  
ALA HB2  H N N 11  
ALA HB3  H N N 12  
ALA HXT  H N N 13  
ARG N    N N N 14  
ARG CA   C N S 15  
ARG C    C N N 16  
ARG O    O N N 17  
ARG CB   C N N 18  
ARG CG   C N N 19  
ARG CD   C N N 20  
ARG NE   N N N 21  
ARG CZ   C N N 22  
ARG NH1  N N N 23  
ARG NH2  N N N 24  
ARG OXT  O N N 25  
ARG H    H N N 26  
ARG H2   H N N 27  
ARG HA   H N N 28  
ARG HB2  H N N 29  
ARG HB3  H N N 30  
ARG HG2  H N N 31  
ARG HG3  H N N 32  
ARG HD2  H N N 33  
ARG HD3  H N N 34  
ARG HE   H N N 35  
ARG HH11 H N N 36  
ARG HH12 H N N 37  
ARG HH21 H N N 38  
ARG HH22 H N N 39  
ARG HXT  H N N 40  
ASN N    N N N 41  
ASN CA   C N S 42  
ASN C    C N N 43  
ASN O    O N N 44  
ASN CB   C N N 45  
ASN CG   C N N 46  
ASN OD1  O N N 47  
ASN ND2  N N N 48  
ASN OXT  O N N 49  
ASN H    H N N 50  
ASN H2   H N N 51  
ASN HA   H N N 52  
ASN HB2  H N N 53  
ASN HB3  H N N 54  
ASN HD21 H N N 55  
ASN HD22 H N N 56  
ASN HXT  H N N 57  
ASP N    N N N 58  
ASP CA   C N S 59  
ASP C    C N N 60  
ASP O    O N N 61  
ASP CB   C N N 62  
ASP CG   C N N 63  
ASP OD1  O N N 64  
ASP OD2  O N N 65  
ASP OXT  O N N 66  
ASP H    H N N 67  
ASP H2   H N N 68  
ASP HA   H N N 69  
ASP HB2  H N N 70  
ASP HB3  H N N 71  
ASP HD2  H N N 72  
ASP HXT  H N N 73  
CYS N    N N N 74  
CYS CA   C N R 75  
CYS C    C N N 76  
CYS O    O N N 77  
CYS CB   C N N 78  
CYS SG   S N N 79  
CYS OXT  O N N 80  
CYS H    H N N 81  
CYS H2   H N N 82  
CYS HA   H N N 83  
CYS HB2  H N N 84  
CYS HB3  H N N 85  
CYS HG   H N N 86  
CYS HXT  H N N 87  
GLN N    N N N 88  
GLN CA   C N S 89  
GLN C    C N N 90  
GLN O    O N N 91  
GLN CB   C N N 92  
GLN CG   C N N 93  
GLN CD   C N N 94  
GLN OE1  O N N 95  
GLN NE2  N N N 96  
GLN OXT  O N N 97  
GLN H    H N N 98  
GLN H2   H N N 99  
GLN HA   H N N 100 
GLN HB2  H N N 101 
GLN HB3  H N N 102 
GLN HG2  H N N 103 
GLN HG3  H N N 104 
GLN HE21 H N N 105 
GLN HE22 H N N 106 
GLN HXT  H N N 107 
GLU N    N N N 108 
GLU CA   C N S 109 
GLU C    C N N 110 
GLU O    O N N 111 
GLU CB   C N N 112 
GLU CG   C N N 113 
GLU CD   C N N 114 
GLU OE1  O N N 115 
GLU OE2  O N N 116 
GLU OXT  O N N 117 
GLU H    H N N 118 
GLU H2   H N N 119 
GLU HA   H N N 120 
GLU HB2  H N N 121 
GLU HB3  H N N 122 
GLU HG2  H N N 123 
GLU HG3  H N N 124 
GLU HE2  H N N 125 
GLU HXT  H N N 126 
GLY N    N N N 127 
GLY CA   C N N 128 
GLY C    C N N 129 
GLY O    O N N 130 
GLY OXT  O N N 131 
GLY H    H N N 132 
GLY H2   H N N 133 
GLY HA2  H N N 134 
GLY HA3  H N N 135 
GLY HXT  H N N 136 
HIS N    N N N 137 
HIS CA   C N S 138 
HIS C    C N N 139 
HIS O    O N N 140 
HIS CB   C N N 141 
HIS CG   C Y N 142 
HIS ND1  N Y N 143 
HIS CD2  C Y N 144 
HIS CE1  C Y N 145 
HIS NE2  N Y N 146 
HIS OXT  O N N 147 
HIS H    H N N 148 
HIS H2   H N N 149 
HIS HA   H N N 150 
HIS HB2  H N N 151 
HIS HB3  H N N 152 
HIS HD1  H N N 153 
HIS HD2  H N N 154 
HIS HE1  H N N 155 
HIS HE2  H N N 156 
HIS HXT  H N N 157 
HOH O    O N N 158 
HOH H1   H N N 159 
HOH H2   H N N 160 
ILE N    N N N 161 
ILE CA   C N S 162 
ILE C    C N N 163 
ILE O    O N N 164 
ILE CB   C N S 165 
ILE CG1  C N N 166 
ILE CG2  C N N 167 
ILE CD1  C N N 168 
ILE OXT  O N N 169 
ILE H    H N N 170 
ILE H2   H N N 171 
ILE HA   H N N 172 
ILE HB   H N N 173 
ILE HG12 H N N 174 
ILE HG13 H N N 175 
ILE HG21 H N N 176 
ILE HG22 H N N 177 
ILE HG23 H N N 178 
ILE HD11 H N N 179 
ILE HD12 H N N 180 
ILE HD13 H N N 181 
ILE HXT  H N N 182 
LEU N    N N N 183 
LEU CA   C N S 184 
LEU C    C N N 185 
LEU O    O N N 186 
LEU CB   C N N 187 
LEU CG   C N N 188 
LEU CD1  C N N 189 
LEU CD2  C N N 190 
LEU OXT  O N N 191 
LEU H    H N N 192 
LEU H2   H N N 193 
LEU HA   H N N 194 
LEU HB2  H N N 195 
LEU HB3  H N N 196 
LEU HG   H N N 197 
LEU HD11 H N N 198 
LEU HD12 H N N 199 
LEU HD13 H N N 200 
LEU HD21 H N N 201 
LEU HD22 H N N 202 
LEU HD23 H N N 203 
LEU HXT  H N N 204 
LYS N    N N N 205 
LYS CA   C N S 206 
LYS C    C N N 207 
LYS O    O N N 208 
LYS CB   C N N 209 
LYS CG   C N N 210 
LYS CD   C N N 211 
LYS CE   C N N 212 
LYS NZ   N N N 213 
LYS OXT  O N N 214 
LYS H    H N N 215 
LYS H2   H N N 216 
LYS HA   H N N 217 
LYS HB2  H N N 218 
LYS HB3  H N N 219 
LYS HG2  H N N 220 
LYS HG3  H N N 221 
LYS HD2  H N N 222 
LYS HD3  H N N 223 
LYS HE2  H N N 224 
LYS HE3  H N N 225 
LYS HZ1  H N N 226 
LYS HZ2  H N N 227 
LYS HZ3  H N N 228 
LYS HXT  H N N 229 
MET N    N N N 230 
MET CA   C N S 231 
MET C    C N N 232 
MET O    O N N 233 
MET CB   C N N 234 
MET CG   C N N 235 
MET SD   S N N 236 
MET CE   C N N 237 
MET OXT  O N N 238 
MET H    H N N 239 
MET H2   H N N 240 
MET HA   H N N 241 
MET HB2  H N N 242 
MET HB3  H N N 243 
MET HG2  H N N 244 
MET HG3  H N N 245 
MET HE1  H N N 246 
MET HE2  H N N 247 
MET HE3  H N N 248 
MET HXT  H N N 249 
PHE N    N N N 250 
PHE CA   C N S 251 
PHE C    C N N 252 
PHE O    O N N 253 
PHE CB   C N N 254 
PHE CG   C Y N 255 
PHE CD1  C Y N 256 
PHE CD2  C Y N 257 
PHE CE1  C Y N 258 
PHE CE2  C Y N 259 
PHE CZ   C Y N 260 
PHE OXT  O N N 261 
PHE H    H N N 262 
PHE H2   H N N 263 
PHE HA   H N N 264 
PHE HB2  H N N 265 
PHE HB3  H N N 266 
PHE HD1  H N N 267 
PHE HD2  H N N 268 
PHE HE1  H N N 269 
PHE HE2  H N N 270 
PHE HZ   H N N 271 
PHE HXT  H N N 272 
PRO N    N N N 273 
PRO CA   C N S 274 
PRO C    C N N 275 
PRO O    O N N 276 
PRO CB   C N N 277 
PRO CG   C N N 278 
PRO CD   C N N 279 
PRO OXT  O N N 280 
PRO H    H N N 281 
PRO HA   H N N 282 
PRO HB2  H N N 283 
PRO HB3  H N N 284 
PRO HG2  H N N 285 
PRO HG3  H N N 286 
PRO HD2  H N N 287 
PRO HD3  H N N 288 
PRO HXT  H N N 289 
SER N    N N N 290 
SER CA   C N S 291 
SER C    C N N 292 
SER O    O N N 293 
SER CB   C N N 294 
SER OG   O N N 295 
SER OXT  O N N 296 
SER H    H N N 297 
SER H2   H N N 298 
SER HA   H N N 299 
SER HB2  H N N 300 
SER HB3  H N N 301 
SER HG   H N N 302 
SER HXT  H N N 303 
THR N    N N N 304 
THR CA   C N S 305 
THR C    C N N 306 
THR O    O N N 307 
THR CB   C N R 308 
THR OG1  O N N 309 
THR CG2  C N N 310 
THR OXT  O N N 311 
THR H    H N N 312 
THR H2   H N N 313 
THR HA   H N N 314 
THR HB   H N N 315 
THR HG1  H N N 316 
THR HG21 H N N 317 
THR HG22 H N N 318 
THR HG23 H N N 319 
THR HXT  H N N 320 
TRP N    N N N 321 
TRP CA   C N S 322 
TRP C    C N N 323 
TRP O    O N N 324 
TRP CB   C N N 325 
TRP CG   C Y N 326 
TRP CD1  C Y N 327 
TRP CD2  C Y N 328 
TRP NE1  N Y N 329 
TRP CE2  C Y N 330 
TRP CE3  C Y N 331 
TRP CZ2  C Y N 332 
TRP CZ3  C Y N 333 
TRP CH2  C Y N 334 
TRP OXT  O N N 335 
TRP H    H N N 336 
TRP H2   H N N 337 
TRP HA   H N N 338 
TRP HB2  H N N 339 
TRP HB3  H N N 340 
TRP HD1  H N N 341 
TRP HE1  H N N 342 
TRP HE3  H N N 343 
TRP HZ2  H N N 344 
TRP HZ3  H N N 345 
TRP HH2  H N N 346 
TRP HXT  H N N 347 
TYR N    N N N 348 
TYR CA   C N S 349 
TYR C    C N N 350 
TYR O    O N N 351 
TYR CB   C N N 352 
TYR CG   C Y N 353 
TYR CD1  C Y N 354 
TYR CD2  C Y N 355 
TYR CE1  C Y N 356 
TYR CE2  C Y N 357 
TYR CZ   C Y N 358 
TYR OH   O N N 359 
TYR OXT  O N N 360 
TYR H    H N N 361 
TYR H2   H N N 362 
TYR HA   H N N 363 
TYR HB2  H N N 364 
TYR HB3  H N N 365 
TYR HD1  H N N 366 
TYR HD2  H N N 367 
TYR HE1  H N N 368 
TYR HE2  H N N 369 
TYR HH   H N N 370 
TYR HXT  H N N 371 
VAL N    N N N 372 
VAL CA   C N S 373 
VAL C    C N N 374 
VAL O    O N N 375 
VAL CB   C N N 376 
VAL CG1  C N N 377 
VAL CG2  C N N 378 
VAL OXT  O N N 379 
VAL H    H N N 380 
VAL H2   H N N 381 
VAL HA   H N N 382 
VAL HB   H N N 383 
VAL HG11 H N N 384 
VAL HG12 H N N 385 
VAL HG13 H N N 386 
VAL HG21 H N N 387 
VAL HG22 H N N 388 
VAL HG23 H N N 389 
VAL HXT  H N N 390 
# 
loop_
_chem_comp_bond.comp_id 
_chem_comp_bond.atom_id_1 
_chem_comp_bond.atom_id_2 
_chem_comp_bond.value_order 
_chem_comp_bond.pdbx_aromatic_flag 
_chem_comp_bond.pdbx_stereo_config 
_chem_comp_bond.pdbx_ordinal 
ALA N   CA   sing N N 1   
ALA N   H    sing N N 2   
ALA N   H2   sing N N 3   
ALA CA  C    sing N N 4   
ALA CA  CB   sing N N 5   
ALA CA  HA   sing N N 6   
ALA C   O    doub N N 7   
ALA C   OXT  sing N N 8   
ALA CB  HB1  sing N N 9   
ALA CB  HB2  sing N N 10  
ALA CB  HB3  sing N N 11  
ALA OXT HXT  sing N N 12  
ARG N   CA   sing N N 13  
ARG N   H    sing N N 14  
ARG N   H2   sing N N 15  
ARG CA  C    sing N N 16  
ARG CA  CB   sing N N 17  
ARG CA  HA   sing N N 18  
ARG C   O    doub N N 19  
ARG C   OXT  sing N N 20  
ARG CB  CG   sing N N 21  
ARG CB  HB2  sing N N 22  
ARG CB  HB3  sing N N 23  
ARG CG  CD   sing N N 24  
ARG CG  HG2  sing N N 25  
ARG CG  HG3  sing N N 26  
ARG CD  NE   sing N N 27  
ARG CD  HD2  sing N N 28  
ARG CD  HD3  sing N N 29  
ARG NE  CZ   sing N N 30  
ARG NE  HE   sing N N 31  
ARG CZ  NH1  sing N N 32  
ARG CZ  NH2  doub N N 33  
ARG NH1 HH11 sing N N 34  
ARG NH1 HH12 sing N N 35  
ARG NH2 HH21 sing N N 36  
ARG NH2 HH22 sing N N 37  
ARG OXT HXT  sing N N 38  
ASN N   CA   sing N N 39  
ASN N   H    sing N N 40  
ASN N   H2   sing N N 41  
ASN CA  C    sing N N 42  
ASN CA  CB   sing N N 43  
ASN CA  HA   sing N N 44  
ASN C   O    doub N N 45  
ASN C   OXT  sing N N 46  
ASN CB  CG   sing N N 47  
ASN CB  HB2  sing N N 48  
ASN CB  HB3  sing N N 49  
ASN CG  OD1  doub N N 50  
ASN CG  ND2  sing N N 51  
ASN ND2 HD21 sing N N 52  
ASN ND2 HD22 sing N N 53  
ASN OXT HXT  sing N N 54  
ASP N   CA   sing N N 55  
ASP N   H    sing N N 56  
ASP N   H2   sing N N 57  
ASP CA  C    sing N N 58  
ASP CA  CB   sing N N 59  
ASP CA  HA   sing N N 60  
ASP C   O    doub N N 61  
ASP C   OXT  sing N N 62  
ASP CB  CG   sing N N 63  
ASP CB  HB2  sing N N 64  
ASP CB  HB3  sing N N 65  
ASP CG  OD1  doub N N 66  
ASP CG  OD2  sing N N 67  
ASP OD2 HD2  sing N N 68  
ASP OXT HXT  sing N N 69  
CYS N   CA   sing N N 70  
CYS N   H    sing N N 71  
CYS N   H2   sing N N 72  
CYS CA  C    sing N N 73  
CYS CA  CB   sing N N 74  
CYS CA  HA   sing N N 75  
CYS C   O    doub N N 76  
CYS C   OXT  sing N N 77  
CYS CB  SG   sing N N 78  
CYS CB  HB2  sing N N 79  
CYS CB  HB3  sing N N 80  
CYS SG  HG   sing N N 81  
CYS OXT HXT  sing N N 82  
GLN N   CA   sing N N 83  
GLN N   H    sing N N 84  
GLN N   H2   sing N N 85  
GLN CA  C    sing N N 86  
GLN CA  CB   sing N N 87  
GLN CA  HA   sing N N 88  
GLN C   O    doub N N 89  
GLN C   OXT  sing N N 90  
GLN CB  CG   sing N N 91  
GLN CB  HB2  sing N N 92  
GLN CB  HB3  sing N N 93  
GLN CG  CD   sing N N 94  
GLN CG  HG2  sing N N 95  
GLN CG  HG3  sing N N 96  
GLN CD  OE1  doub N N 97  
GLN CD  NE2  sing N N 98  
GLN NE2 HE21 sing N N 99  
GLN NE2 HE22 sing N N 100 
GLN OXT HXT  sing N N 101 
GLU N   CA   sing N N 102 
GLU N   H    sing N N 103 
GLU N   H2   sing N N 104 
GLU CA  C    sing N N 105 
GLU CA  CB   sing N N 106 
GLU CA  HA   sing N N 107 
GLU C   O    doub N N 108 
GLU C   OXT  sing N N 109 
GLU CB  CG   sing N N 110 
GLU CB  HB2  sing N N 111 
GLU CB  HB3  sing N N 112 
GLU CG  CD   sing N N 113 
GLU CG  HG2  sing N N 114 
GLU CG  HG3  sing N N 115 
GLU CD  OE1  doub N N 116 
GLU CD  OE2  sing N N 117 
GLU OE2 HE2  sing N N 118 
GLU OXT HXT  sing N N 119 
GLY N   CA   sing N N 120 
GLY N   H    sing N N 121 
GLY N   H2   sing N N 122 
GLY CA  C    sing N N 123 
GLY CA  HA2  sing N N 124 
GLY CA  HA3  sing N N 125 
GLY C   O    doub N N 126 
GLY C   OXT  sing N N 127 
GLY OXT HXT  sing N N 128 
HIS N   CA   sing N N 129 
HIS N   H    sing N N 130 
HIS N   H2   sing N N 131 
HIS CA  C    sing N N 132 
HIS CA  CB   sing N N 133 
HIS CA  HA   sing N N 134 
HIS C   O    doub N N 135 
HIS C   OXT  sing N N 136 
HIS CB  CG   sing N N 137 
HIS CB  HB2  sing N N 138 
HIS CB  HB3  sing N N 139 
HIS CG  ND1  sing Y N 140 
HIS CG  CD2  doub Y N 141 
HIS ND1 CE1  doub Y N 142 
HIS ND1 HD1  sing N N 143 
HIS CD2 NE2  sing Y N 144 
HIS CD2 HD2  sing N N 145 
HIS CE1 NE2  sing Y N 146 
HIS CE1 HE1  sing N N 147 
HIS NE2 HE2  sing N N 148 
HIS OXT HXT  sing N N 149 
HOH O   H1   sing N N 150 
HOH O   H2   sing N N 151 
ILE N   CA   sing N N 152 
ILE N   H    sing N N 153 
ILE N   H2   sing N N 154 
ILE CA  C    sing N N 155 
ILE CA  CB   sing N N 156 
ILE CA  HA   sing N N 157 
ILE C   O    doub N N 158 
ILE C   OXT  sing N N 159 
ILE CB  CG1  sing N N 160 
ILE CB  CG2  sing N N 161 
ILE CB  HB   sing N N 162 
ILE CG1 CD1  sing N N 163 
ILE CG1 HG12 sing N N 164 
ILE CG1 HG13 sing N N 165 
ILE CG2 HG21 sing N N 166 
ILE CG2 HG22 sing N N 167 
ILE CG2 HG23 sing N N 168 
ILE CD1 HD11 sing N N 169 
ILE CD1 HD12 sing N N 170 
ILE CD1 HD13 sing N N 171 
ILE OXT HXT  sing N N 172 
LEU N   CA   sing N N 173 
LEU N   H    sing N N 174 
LEU N   H2   sing N N 175 
LEU CA  C    sing N N 176 
LEU CA  CB   sing N N 177 
LEU CA  HA   sing N N 178 
LEU C   O    doub N N 179 
LEU C   OXT  sing N N 180 
LEU CB  CG   sing N N 181 
LEU CB  HB2  sing N N 182 
LEU CB  HB3  sing N N 183 
LEU CG  CD1  sing N N 184 
LEU CG  CD2  sing N N 185 
LEU CG  HG   sing N N 186 
LEU CD1 HD11 sing N N 187 
LEU CD1 HD12 sing N N 188 
LEU CD1 HD13 sing N N 189 
LEU CD2 HD21 sing N N 190 
LEU CD2 HD22 sing N N 191 
LEU CD2 HD23 sing N N 192 
LEU OXT HXT  sing N N 193 
LYS N   CA   sing N N 194 
LYS N   H    sing N N 195 
LYS N   H2   sing N N 196 
LYS CA  C    sing N N 197 
LYS CA  CB   sing N N 198 
LYS CA  HA   sing N N 199 
LYS C   O    doub N N 200 
LYS C   OXT  sing N N 201 
LYS CB  CG   sing N N 202 
LYS CB  HB2  sing N N 203 
LYS CB  HB3  sing N N 204 
LYS CG  CD   sing N N 205 
LYS CG  HG2  sing N N 206 
LYS CG  HG3  sing N N 207 
LYS CD  CE   sing N N 208 
LYS CD  HD2  sing N N 209 
LYS CD  HD3  sing N N 210 
LYS CE  NZ   sing N N 211 
LYS CE  HE2  sing N N 212 
LYS CE  HE3  sing N N 213 
LYS NZ  HZ1  sing N N 214 
LYS NZ  HZ2  sing N N 215 
LYS NZ  HZ3  sing N N 216 
LYS OXT HXT  sing N N 217 
MET N   CA   sing N N 218 
MET N   H    sing N N 219 
MET N   H2   sing N N 220 
MET CA  C    sing N N 221 
MET CA  CB   sing N N 222 
MET CA  HA   sing N N 223 
MET C   O    doub N N 224 
MET C   OXT  sing N N 225 
MET CB  CG   sing N N 226 
MET CB  HB2  sing N N 227 
MET CB  HB3  sing N N 228 
MET CG  SD   sing N N 229 
MET CG  HG2  sing N N 230 
MET CG  HG3  sing N N 231 
MET SD  CE   sing N N 232 
MET CE  HE1  sing N N 233 
MET CE  HE2  sing N N 234 
MET CE  HE3  sing N N 235 
MET OXT HXT  sing N N 236 
PHE N   CA   sing N N 237 
PHE N   H    sing N N 238 
PHE N   H2   sing N N 239 
PHE CA  C    sing N N 240 
PHE CA  CB   sing N N 241 
PHE CA  HA   sing N N 242 
PHE C   O    doub N N 243 
PHE C   OXT  sing N N 244 
PHE CB  CG   sing N N 245 
PHE CB  HB2  sing N N 246 
PHE CB  HB3  sing N N 247 
PHE CG  CD1  doub Y N 248 
PHE CG  CD2  sing Y N 249 
PHE CD1 CE1  sing Y N 250 
PHE CD1 HD1  sing N N 251 
PHE CD2 CE2  doub Y N 252 
PHE CD2 HD2  sing N N 253 
PHE CE1 CZ   doub Y N 254 
PHE CE1 HE1  sing N N 255 
PHE CE2 CZ   sing Y N 256 
PHE CE2 HE2  sing N N 257 
PHE CZ  HZ   sing N N 258 
PHE OXT HXT  sing N N 259 
PRO N   CA   sing N N 260 
PRO N   CD   sing N N 261 
PRO N   H    sing N N 262 
PRO CA  C    sing N N 263 
PRO CA  CB   sing N N 264 
PRO CA  HA   sing N N 265 
PRO C   O    doub N N 266 
PRO C   OXT  sing N N 267 
PRO CB  CG   sing N N 268 
PRO CB  HB2  sing N N 269 
PRO CB  HB3  sing N N 270 
PRO CG  CD   sing N N 271 
PRO CG  HG2  sing N N 272 
PRO CG  HG3  sing N N 273 
PRO CD  HD2  sing N N 274 
PRO CD  HD3  sing N N 275 
PRO OXT HXT  sing N N 276 
SER N   CA   sing N N 277 
SER N   H    sing N N 278 
SER N   H2   sing N N 279 
SER CA  C    sing N N 280 
SER CA  CB   sing N N 281 
SER CA  HA   sing N N 282 
SER C   O    doub N N 283 
SER C   OXT  sing N N 284 
SER CB  OG   sing N N 285 
SER CB  HB2  sing N N 286 
SER CB  HB3  sing N N 287 
SER OG  HG   sing N N 288 
SER OXT HXT  sing N N 289 
THR N   CA   sing N N 290 
THR N   H    sing N N 291 
THR N   H2   sing N N 292 
THR CA  C    sing N N 293 
THR CA  CB   sing N N 294 
THR CA  HA   sing N N 295 
THR C   O    doub N N 296 
THR C   OXT  sing N N 297 
THR CB  OG1  sing N N 298 
THR CB  CG2  sing N N 299 
THR CB  HB   sing N N 300 
THR OG1 HG1  sing N N 301 
THR CG2 HG21 sing N N 302 
THR CG2 HG22 sing N N 303 
THR CG2 HG23 sing N N 304 
THR OXT HXT  sing N N 305 
TRP N   CA   sing N N 306 
TRP N   H    sing N N 307 
TRP N   H2   sing N N 308 
TRP CA  C    sing N N 309 
TRP CA  CB   sing N N 310 
TRP CA  HA   sing N N 311 
TRP C   O    doub N N 312 
TRP C   OXT  sing N N 313 
TRP CB  CG   sing N N 314 
TRP CB  HB2  sing N N 315 
TRP CB  HB3  sing N N 316 
TRP CG  CD1  doub Y N 317 
TRP CG  CD2  sing Y N 318 
TRP CD1 NE1  sing Y N 319 
TRP CD1 HD1  sing N N 320 
TRP CD2 CE2  doub Y N 321 
TRP CD2 CE3  sing Y N 322 
TRP NE1 CE2  sing Y N 323 
TRP NE1 HE1  sing N N 324 
TRP CE2 CZ2  sing Y N 325 
TRP CE3 CZ3  doub Y N 326 
TRP CE3 HE3  sing N N 327 
TRP CZ2 CH2  doub Y N 328 
TRP CZ2 HZ2  sing N N 329 
TRP CZ3 CH2  sing Y N 330 
TRP CZ3 HZ3  sing N N 331 
TRP CH2 HH2  sing N N 332 
TRP OXT HXT  sing N N 333 
TYR N   CA   sing N N 334 
TYR N   H    sing N N 335 
TYR N   H2   sing N N 336 
TYR CA  C    sing N N 337 
TYR CA  CB   sing N N 338 
TYR CA  HA   sing N N 339 
TYR C   O    doub N N 340 
TYR C   OXT  sing N N 341 
TYR CB  CG   sing N N 342 
TYR CB  HB2  sing N N 343 
TYR CB  HB3  sing N N 344 
TYR CG  CD1  doub Y N 345 
TYR CG  CD2  sing Y N 346 
TYR CD1 CE1  sing Y N 347 
TYR CD1 HD1  sing N N 348 
TYR CD2 CE2  doub Y N 349 
TYR CD2 HD2  sing N N 350 
TYR CE1 CZ   doub Y N 351 
TYR CE1 HE1  sing N N 352 
TYR CE2 CZ   sing Y N 353 
TYR CE2 HE2  sing N N 354 
TYR CZ  OH   sing N N 355 
TYR OH  HH   sing N N 356 
TYR OXT HXT  sing N N 357 
VAL N   CA   sing N N 358 
VAL N   H    sing N N 359 
VAL N   H2   sing N N 360 
VAL CA  C    sing N N 361 
VAL CA  CB   sing N N 362 
VAL CA  HA   sing N N 363 
VAL C   O    doub N N 364 
VAL C   OXT  sing N N 365 
VAL CB  CG1  sing N N 366 
VAL CB  CG2  sing N N 367 
VAL CB  HB   sing N N 368 
VAL CG1 HG11 sing N N 369 
VAL CG1 HG12 sing N N 370 
VAL CG1 HG13 sing N N 371 
VAL CG2 HG21 sing N N 372 
VAL CG2 HG22 sing N N 373 
VAL CG2 HG23 sing N N 374 
VAL OXT HXT  sing N N 375 
# 
_atom_sites.entry_id                    2D7J 
_atom_sites.fract_transf_matrix[1][1]   0.00976977 
_atom_sites.fract_transf_matrix[1][2]   0.00685366 
_atom_sites.fract_transf_matrix[1][3]   -0.01318106 
_atom_sites.fract_transf_matrix[2][1]   -0.00755530 
_atom_sites.fract_transf_matrix[2][2]   0.00371263 
_atom_sites.fract_transf_matrix[2][3]   -0.01566198 
_atom_sites.fract_transf_matrix[3][1]   -0.00183231 
_atom_sites.fract_transf_matrix[3][2]   0.00792463 
_atom_sites.fract_transf_matrix[3][3]   0.00276241 
_atom_sites.fract_transf_vector[1]      0.245026 
_atom_sites.fract_transf_vector[2]      0.453684 
_atom_sites.fract_transf_vector[3]      0.111294 
# 
loop_
_atom_type.symbol 
C 
N 
O 
S 
# 
loop_
_atom_site.group_PDB 
_atom_site.id 
_atom_site.type_symbol 
_atom_site.label_atom_id 
_atom_site.label_alt_id 
_atom_site.label_comp_id 
_atom_site.label_asym_id 
_atom_site.label_entity_id 
_atom_site.label_seq_id 
_atom_site.pdbx_PDB_ins_code 
_atom_site.Cartn_x 
_atom_site.Cartn_y 
_atom_site.Cartn_z 
_atom_site.occupancy 
_atom_site.B_iso_or_equiv 
_atom_site.pdbx_formal_charge 
_atom_site.auth_seq_id 
_atom_site.auth_comp_id 
_atom_site.auth_asym_id 
_atom_site.auth_atom_id 
_atom_site.pdbx_PDB_model_num 
ATOM   1    N N   . MET A 1 22  ? -6.537  12.172  10.074  1.00 17.28 ? 2   MET A N   1 
ATOM   2    C CA  . MET A 1 22  ? -7.053  12.035  8.616   1.00 14.11 ? 2   MET A CA  1 
ATOM   3    C C   . MET A 1 22  ? -6.137  11.213  7.686   1.00 11.70 ? 2   MET A C   1 
ATOM   4    O O   . MET A 1 22  ? -5.063  11.645  7.306   1.00 12.68 ? 2   MET A O   1 
ATOM   5    C CB  . MET A 1 22  ? -7.279  13.418  8.028   1.00 15.48 ? 2   MET A CB  1 
ATOM   6    C CG  . MET A 1 22  ? -7.498  13.397  6.453   1.00 15.99 ? 2   MET A CG  1 
ATOM   7    S SD  . MET A 1 22  ? -9.012  12.594  5.985   1.00 23.75 ? 2   MET A SD  1 
ATOM   8    C CE  . MET A 1 22  ? -10.012 14.022  6.047   1.00 24.86 ? 2   MET A CE  1 
ATOM   9    N N   . ILE A 1 23  ? -6.609  10.053  7.266   1.00 8.76  ? 3   ILE A N   1 
ATOM   10   C CA  . ILE A 1 23  ? -5.986  9.253   6.236   1.00 9.61  ? 3   ILE A CA  1 
ATOM   11   C C   . ILE A 1 23  ? -6.692  9.431   4.898   1.00 9.62  ? 3   ILE A C   1 
ATOM   12   O O   . ILE A 1 23  ? -7.846  9.103   4.709   1.00 11.28 ? 3   ILE A O   1 
ATOM   13   C CB  . ILE A 1 23  ? -5.879  7.812   6.651   1.00 10.33 ? 3   ILE A CB  1 
ATOM   14   C CG1 . ILE A 1 23  ? -5.077  7.754   7.946   1.00 12.50 ? 3   ILE A CG1 1 
ATOM   15   C CG2 . ILE A 1 23  ? -5.186  7.023   5.589   1.00 13.24 ? 3   ILE A CG2 1 
ATOM   16   C CD1 . ILE A 1 23  ? -4.755  6.385   8.454   1.00 18.67 ? 3   ILE A CD1 1 
ATOM   17   N N   . VAL A 1 24  ? -5.964  9.962   3.942   1.00 10.74 ? 4   VAL A N   1 
ATOM   18   C CA  . VAL A 1 24  ? -6.446  10.178  2.617   1.00 10.81 ? 4   VAL A CA  1 
ATOM   19   C C   . VAL A 1 24  ? -6.218  8.964   1.734   1.00 10.44 ? 4   VAL A C   1 
ATOM   20   O O   . VAL A 1 24  ? -5.118  8.514   1.591   1.00 12.46 ? 4   VAL A O   1 
ATOM   21   C CB  . VAL A 1 24  ? -5.798  11.456  2.040   1.00 12.12 ? 4   VAL A CB  1 
ATOM   22   C CG1 . VAL A 1 24  ? -6.240  11.629  0.648   1.00 17.01 ? 4   VAL A CG1 1 
ATOM   23   C CG2 . VAL A 1 24  ? -6.327  12.624  2.842   1.00 14.37 ? 4   VAL A CG2 1 
ATOM   24   N N   . ILE A 1 25  ? -7.277  8.469   1.084   1.00 10.48 ? 5   ILE A N   1 
ATOM   25   C CA  . ILE A 1 25  ? -7.145  7.343   0.169   1.00 9.11  ? 5   ILE A CA  1 
ATOM   26   C C   . ILE A 1 25  ? -7.307  7.876   -1.255  1.00 9.76  ? 5   ILE A C   1 
ATOM   27   O O   . ILE A 1 25  ? -8.408  8.373   -1.635  1.00 11.28 ? 5   ILE A O   1 
ATOM   28   C CB  . ILE A 1 25  ? -8.222  6.274   0.422   1.00 9.73  ? 5   ILE A CB  1 
ATOM   29   C CG1 . ILE A 1 25  ? -8.145  5.706   1.834   1.00 9.59  ? 5   ILE A CG1 1 
ATOM   30   C CG2 . ILE A 1 25  ? -8.165  5.190   -0.674  1.00 11.49 ? 5   ILE A CG2 1 
ATOM   31   C CD1 . ILE A 1 25  ? -9.455  5.130   2.348   1.00 10.99 ? 5   ILE A CD1 1 
ATOM   32   N N   . MET A 1 26  ? -6.222  7.775   -2.022  1.00 9.39  ? 6   MET A N   1 
ATOM   33   C CA  . MET A 1 26  ? -6.211  8.181   -3.417  1.00 10.58 ? 6   MET A CA  1 
ATOM   34   C C   . MET A 1 26  ? -6.737  7.063   -4.300  1.00 10.69 ? 6   MET A C   1 
ATOM   35   O O   . MET A 1 26  ? -6.140  6.004   -4.339  1.00 11.05 ? 6   MET A O   1 
ATOM   36   C CB  . MET A 1 26  ? -4.791  8.682   -3.817  1.00 11.19 ? 6   MET A CB  1 
ATOM   37   C CG  . MET A 1 26  ? -4.493  9.995   -3.024  1.00 10.92 ? 6   MET A CG  1 
ATOM   38   S SD  . MET A 1 26  ? -2.847  10.699  -3.500  1.00 13.07 ? 6   MET A SD  1 
ATOM   39   C CE  . MET A 1 26  ? -3.123  11.321  -5.211  1.00 12.00 ? 6   MET A CE  1 
ATOM   40   N N   . ASP A 1 27  ? -7.854  7.336   -5.006  1.00 9.79  ? 7   ASP A N   1 
ATOM   41   C CA  . ASP A 1 27  ? -8.589  6.342   -5.757  1.00 10.11 ? 7   ASP A CA  1 
ATOM   42   C C   . ASP A 1 27  ? -8.044  6.082   -7.138  1.00 9.76  ? 7   ASP A C   1 
ATOM   43   O O   . ASP A 1 27  ? -8.263  6.903   -8.045  1.00 9.58  ? 7   ASP A O   1 
ATOM   44   C CB  . ASP A 1 27  ? -10.039 6.781   -5.791  1.00 11.76 ? 7   ASP A CB  1 
ATOM   45   C CG  . ASP A 1 27  ? -10.987 5.798   -6.480  1.00 12.74 ? 7   ASP A CG  1 
ATOM   46   O OD1 . ASP A 1 27  ? -10.582 4.675   -6.912  1.00 10.67 ? 7   ASP A OD1 1 
ATOM   47   O OD2 . ASP A 1 27  ? -12.192 6.082   -6.509  1.00 11.37 ? 7   ASP A OD2 1 
ATOM   48   N N   . ASN A 1 28  ? -7.281  4.985   -7.281  1.00 9.47  ? 8   ASN A N   1 
ATOM   49   C CA  . ASN A 1 28  ? -6.744  4.611   -8.579  1.00 11.01 ? 8   ASN A CA  1 
ATOM   50   C C   . ASN A 1 28  ? -7.666  3.736   -9.429  1.00 11.43 ? 8   ASN A C   1 
ATOM   51   O O   . ASN A 1 28  ? -7.269  3.210   -10.464 1.00 11.89 ? 8   ASN A O   1 
ATOM   52   C CB  . ASN A 1 28  ? -5.392  3.980   -8.422  1.00 10.51 ? 8   ASN A CB  1 
ATOM   53   C CG  . ASN A 1 28  ? -4.339  4.910   -7.856  1.00 15.13 ? 8   ASN A CG  1 
ATOM   54   O OD1 . ASN A 1 28  ? -3.553  4.528   -6.943  1.00 17.58 ? 8   ASN A OD1 1 
ATOM   55   N ND2 . ASN A 1 28  ? -4.274  6.070   -8.363  1.00 5.31  ? 8   ASN A ND2 1 
ATOM   56   N N   . GLY A 1 29  ? -8.912  3.607   -8.995  1.00 9.61  ? 9   GLY A N   1 
ATOM   57   C CA  . GLY A 1 29  ? -9.953  2.965   -9.794  1.00 10.84 ? 9   GLY A CA  1 
ATOM   58   C C   . GLY A 1 29  ? -10.245 1.492   -9.531  1.00 9.81  ? 9   GLY A C   1 
ATOM   59   O O   . GLY A 1 29  ? -11.078 0.885   -10.212 1.00 7.75  ? 9   GLY A O   1 
ATOM   60   N N   . GLY A 1 30  ? -9.620  0.941   -8.518  1.00 9.37  ? 10  GLY A N   1 
ATOM   61   C CA  . GLY A 1 30  ? -9.818  -0.475  -8.248  1.00 10.81 ? 10  GLY A CA  1 
ATOM   62   C C   . GLY A 1 30  ? -11.145 -0.859  -7.616  1.00 12.59 ? 10  GLY A C   1 
ATOM   63   O O   . GLY A 1 30  ? -11.874 -0.033  -7.078  1.00 11.93 ? 10  GLY A O   1 
ATOM   64   N N   . GLN A 1 31  ? -11.459 -2.145  -7.690  1.00 10.73 ? 11  GLN A N   1 
ATOM   65   C CA  . GLN A 1 31  ? -12.728 -2.597  -7.181  1.00 11.76 ? 11  GLN A CA  1 
ATOM   66   C C   . GLN A 1 31  ? -12.835 -2.590  -5.662  1.00 11.29 ? 11  GLN A C   1 
ATOM   67   O O   . GLN A 1 31  ? -13.975 -2.680  -5.117  1.00 11.01 ? 11  GLN A O   1 
ATOM   68   C CB  . GLN A 1 31  ? -13.058 -3.990  -7.730  1.00 12.89 ? 11  GLN A CB  1 
ATOM   69   C CG  . GLN A 1 31  ? -12.038 -5.034  -7.324  1.00 17.01 ? 11  GLN A CG  1 
ATOM   70   C CD  . GLN A 1 31  ? -12.289 -6.388  -8.019  1.00 24.28 ? 11  GLN A CD  1 
ATOM   71   O OE1 . GLN A 1 31  ? -11.341 -7.008  -8.548  1.00 33.34 ? 11  GLN A OE1 1 
ATOM   72   N NE2 . GLN A 1 31  ? -13.497 -6.818  -7.999  1.00 20.61 ? 11  GLN A NE2 1 
ATOM   73   N N   . TYR A 1 32  ? -11.711 -2.564  -4.960  1.00 10.25 ? 12  TYR A N   1 
ATOM   74   C CA  . TYR A 1 32  ? -11.792 -2.743  -3.496  1.00 11.34 ? 12  TYR A CA  1 
ATOM   75   C C   . TYR A 1 32  ? -11.558 -1.438  -2.729  1.00 12.72 ? 12  TYR A C   1 
ATOM   76   O O   . TYR A 1 32  ? -11.383 -1.451  -1.495  1.00 11.38 ? 12  TYR A O   1 
ATOM   77   C CB  . TYR A 1 32  ? -10.775 -3.755  -3.020  1.00 9.86  ? 12  TYR A CB  1 
ATOM   78   C CG  . TYR A 1 32  ? -10.933 -5.118  -3.663  1.00 8.90  ? 12  TYR A CG  1 
ATOM   79   C CD1 . TYR A 1 32  ? -12.066 -5.795  -3.587  1.00 10.30 ? 12  TYR A CD1 1 
ATOM   80   C CD2 . TYR A 1 32  ? -9.823  -5.748  -4.270  1.00 14.10 ? 12  TYR A CD2 1 
ATOM   81   C CE1 . TYR A 1 32  ? -12.236 -7.133  -4.141  1.00 12.22 ? 12  TYR A CE1 1 
ATOM   82   C CE2 . TYR A 1 32  ? -9.970  -7.058  -4.838  1.00 11.70 ? 12  TYR A CE2 1 
ATOM   83   C CZ  . TYR A 1 32  ? -11.099 -7.722  -4.748  1.00 11.19 ? 12  TYR A CZ  1 
ATOM   84   O OH  . TYR A 1 32  ? -11.264 -9.012  -5.247  1.00 12.33 ? 12  TYR A OH  1 
ATOM   85   N N   . VAL A 1 33  ? -11.568 -0.306  -3.430  1.00 10.99 ? 13  VAL A N   1 
ATOM   86   C CA  . VAL A 1 33  ? -11.177 0.933   -2.722  1.00 11.87 ? 13  VAL A CA  1 
ATOM   87   C C   . VAL A 1 33  ? -12.108 1.297   -1.578  1.00 10.84 ? 13  VAL A C   1 
ATOM   88   O O   . VAL A 1 33  ? -11.680 1.762   -0.549  1.00 11.61 ? 13  VAL A O   1 
ATOM   89   C CB  . VAL A 1 33  ? -11.163 2.103   -3.722  1.00 12.93 ? 13  VAL A CB  1 
ATOM   90   C CG1 . VAL A 1 33  ? -10.701 3.402   -3.056  1.00 12.63 ? 13  VAL A CG1 1 
ATOM   91   C CG2 . VAL A 1 33  ? -10.129 1.775   -4.842  1.00 13.74 ? 13  VAL A CG2 1 
ATOM   92   N N   . HIS A 1 34  ? -13.385 1.041   -1.736  1.00 9.85  ? 14  HIS A N   1 
ATOM   93   C CA  . HIS A 1 34  ? -14.325 1.350   -0.623  1.00 12.02 ? 14  HIS A CA  1 
ATOM   94   C C   . HIS A 1 34  ? -14.035 0.508   0.598   1.00 12.03 ? 14  HIS A C   1 
ATOM   95   O O   . HIS A 1 34  ? -14.411 0.875   1.703   1.00 11.17 ? 14  HIS A O   1 
ATOM   96   C CB  . HIS A 1 34  ? -15.748 1.199   -1.063  1.00 14.11 ? 14  HIS A CB  1 
ATOM   97   C CG  . HIS A 1 34  ? -16.153 2.235   -2.056  1.00 20.45 ? 14  HIS A CG  1 
ATOM   98   N ND1 . HIS A 1 34  ? -16.556 3.497   -1.697  1.00 27.26 ? 14  HIS A ND1 1 
ATOM   99   C CD2 . HIS A 1 34  ? -16.162 2.209   -3.414  1.00 31.13 ? 14  HIS A CD2 1 
ATOM   100  C CE1 . HIS A 1 34  ? -16.781 4.211   -2.788  1.00 29.91 ? 14  HIS A CE1 1 
ATOM   101  N NE2 . HIS A 1 34  ? -16.567 3.446   -3.842  1.00 27.89 ? 14  HIS A NE2 1 
ATOM   102  N N   . ARG A 1 35  ? -13.495 -0.698  0.409   1.00 10.86 ? 15  ARG A N   1 
ATOM   103  C CA  . ARG A 1 35  ? -13.241 -1.567  1.537   1.00 9.94  ? 15  ARG A CA  1 
ATOM   104  C C   . ARG A 1 35  ? -12.113 -0.997  2.352   1.00 9.40  ? 15  ARG A C   1 
ATOM   105  O O   . ARG A 1 35  ? -12.079 -1.198  3.539   1.00 9.15  ? 15  ARG A O   1 
ATOM   106  C CB  . ARG A 1 35  ? -12.964 -3.007  1.094   1.00 9.60  ? 15  ARG A CB  1 
ATOM   107  C CG  . ARG A 1 35  ? -14.144 -3.520  0.361   1.00 12.91 ? 15  ARG A CG  1 
ATOM   108  C CD  . ARG A 1 35  ? -14.067 -5.019  0.071   1.00 16.66 ? 15  ARG A CD  1 
ATOM   109  N NE  . ARG A 1 35  ? -15.001 -5.412  -0.974  1.00 11.10 ? 15  ARG A NE  1 
ATOM   110  C CZ  . ARG A 1 35  ? -15.010 -6.654  -1.446  1.00 14.24 ? 15  ARG A CZ  1 
ATOM   111  N NH1 . ARG A 1 35  ? -14.307 -7.592  -0.873  1.00 15.06 ? 15  ARG A NH1 1 
ATOM   112  N NH2 . ARG A 1 35  ? -15.782 -6.976  -2.433  1.00 13.02 ? 15  ARG A NH2 1 
ATOM   113  N N   . ILE A 1 36  ? -11.145 -0.297  1.717   1.00 9.82  ? 16  ILE A N   1 
ATOM   114  C CA  . ILE A 1 36  ? -10.123 0.327   2.463   1.00 9.66  ? 16  ILE A CA  1 
ATOM   115  C C   . ILE A 1 36  ? -10.802 1.362   3.361   1.00 9.72  ? 16  ILE A C   1 
ATOM   116  O O   . ILE A 1 36  ? -10.486 1.428   4.550   1.00 9.65  ? 16  ILE A O   1 
ATOM   117  C CB  . ILE A 1 36  ? -9.124  1.144   1.624   1.00 11.03 ? 16  ILE A CB  1 
ATOM   118  C CG1 . ILE A 1 36  ? -8.519  0.339   0.445   1.00 10.55 ? 16  ILE A CG1 1 
ATOM   119  C CG2 . ILE A 1 36  ? -8.015  1.691   2.509   1.00 12.19 ? 16  ILE A CG2 1 
ATOM   120  C CD1 . ILE A 1 36  ? -7.686  1.238   -0.547  1.00 12.70 ? 16  ILE A CD1 1 
ATOM   121  N N   . TRP A 1 37  ? -11.702 2.167   2.803   1.00 9.10  ? 17  TRP A N   1 
ATOM   122  C CA  . TRP A 1 37  ? -12.341 3.210   3.593   1.00 6.86  ? 17  TRP A CA  1 
ATOM   123  C C   . TRP A 1 37  ? -13.184 2.643   4.741   1.00 6.99  ? 17  TRP A C   1 
ATOM   124  O O   . TRP A 1 37  ? -13.072 3.088   5.907   1.00 6.61  ? 17  TRP A O   1 
ATOM   125  C CB  . TRP A 1 37  ? -13.122 4.150   2.680   1.00 6.14  ? 17  TRP A CB  1 
ATOM   126  C CG  . TRP A 1 37  ? -13.798 5.277   3.326   1.00 7.48  ? 17  TRP A CG  1 
ATOM   127  C CD1 . TRP A 1 37  ? -13.270 6.509   3.604   1.00 8.51  ? 17  TRP A CD1 1 
ATOM   128  C CD2 . TRP A 1 37  ? -15.164 5.313   3.765   1.00 5.45  ? 17  TRP A CD2 1 
ATOM   129  N NE1 . TRP A 1 37  ? -14.210 7.302   4.226   1.00 9.58  ? 17  TRP A NE1 1 
ATOM   130  C CE2 . TRP A 1 37  ? -15.402 6.623   4.269   1.00 7.27  ? 17  TRP A CE2 1 
ATOM   131  C CE3 . TRP A 1 37  ? -16.245 4.416   3.691   1.00 4.86  ? 17  TRP A CE3 1 
ATOM   132  C CZ2 . TRP A 1 37  ? -16.563 6.977   4.834   1.00 5.48  ? 17  TRP A CZ2 1 
ATOM   133  C CZ3 . TRP A 1 37  ? -17.418 4.770   4.212   1.00 5.10  ? 17  TRP A CZ3 1 
ATOM   134  C CH2 . TRP A 1 37  ? -17.594 6.074   4.788   1.00 6.10  ? 17  TRP A CH2 1 
ATOM   135  N N   . ARG A 1 38  ? -14.005 1.650   4.424   1.00 7.25  ? 18  ARG A N   1 
ATOM   136  C CA  . ARG A 1 38  ? -14.875 1.057   5.452   1.00 6.01  ? 18  ARG A CA  1 
ATOM   137  C C   . ARG A 1 38  ? -14.075 0.377   6.578   1.00 5.34  ? 18  ARG A C   1 
ATOM   138  O O   . ARG A 1 38  ? -14.524 0.372   7.727   1.00 4.47  ? 18  ARG A O   1 
ATOM   139  C CB  . ARG A 1 38  ? -15.856 0.027   4.866   1.00 5.61  ? 18  ARG A CB  1 
ATOM   140  C CG  . ARG A 1 38  ? -16.885 0.538   3.885   1.00 8.53  ? 18  ARG A CG  1 
ATOM   141  C CD  . ARG A 1 38  ? -17.608 -0.724  3.225   1.00 13.80 ? 18  ARG A CD  1 
ATOM   142  N NE  . ARG A 1 38  ? -18.380 -0.169  2.107   1.00 20.65 ? 18  ARG A NE  1 
ATOM   143  C CZ  . ARG A 1 38  ? -18.795 -0.888  1.118   1.00 25.57 ? 18  ARG A CZ  1 
ATOM   144  N NH1 . ARG A 1 38  ? -18.436 -2.182  1.090   1.00 27.11 ? 18  ARG A NH1 1 
ATOM   145  N NH2 . ARG A 1 38  ? -19.643 -0.341  0.216   1.00 28.85 ? 18  ARG A NH2 1 
ATOM   146  N N   . THR A 1 39  ? -12.946 -0.232  6.238   1.00 8.25  ? 19  THR A N   1 
ATOM   147  C CA  . THR A 1 39  ? -12.083 -0.828  7.242   1.00 7.86  ? 19  THR A CA  1 
ATOM   148  C C   . THR A 1 39  ? -11.574 0.227   8.230   1.00 7.91  ? 19  THR A C   1 
ATOM   149  O O   . THR A 1 39  ? -11.653 0.103   9.414   1.00 8.38  ? 19  THR A O   1 
ATOM   150  C CB  . THR A 1 39  ? -10.923 -1.592  6.563   1.00 10.88 ? 19  THR A CB  1 
ATOM   151  O OG1 . THR A 1 39  ? -11.512 -2.677  5.792   1.00 9.74  ? 19  THR A OG1 1 
ATOM   152  C CG2 . THR A 1 39  ? -10.133 -2.194  7.671   1.00 9.92  ? 19  THR A CG2 1 
ATOM   153  N N   . LEU A 1 40  ? -11.056 1.291   7.693   1.00 8.42  ? 20  LEU A N   1 
ATOM   154  C CA  . LEU A 1 40  ? -10.616 2.390   8.508   1.00 9.11  ? 20  LEU A CA  1 
ATOM   155  C C   . LEU A 1 40  ? -11.679 3.019   9.313   1.00 6.62  ? 20  LEU A C   1 
ATOM   156  O O   . LEU A 1 40  ? -11.452 3.300   10.498  1.00 7.66  ? 20  LEU A O   1 
ATOM   157  C CB  . LEU A 1 40  ? -9.900  3.391   7.621   1.00 6.80  ? 20  LEU A CB  1 
ATOM   158  C CG  . LEU A 1 40  ? -8.546  2.956   7.045   1.00 10.85 ? 20  LEU A CG  1 
ATOM   159  C CD1 . LEU A 1 40  ? -8.020  4.012   6.139   1.00 13.07 ? 20  LEU A CD1 1 
ATOM   160  C CD2 . LEU A 1 40  ? -7.502  2.793   8.142   1.00 13.75 ? 20  LEU A CD2 1 
ATOM   161  N N   . ARG A 1 41  ? -12.883 3.197   8.746   1.00 8.41  ? 21  ARG A N   1 
ATOM   162  C CA  . ARG A 1 41  ? -14.009 3.688   9.518   1.00 5.21  ? 21  ARG A CA  1 
ATOM   163  C C   . ARG A 1 41  ? -14.330 2.758   10.647  1.00 7.91  ? 21  ARG A C   1 
ATOM   164  O O   . ARG A 1 41  ? -14.729 3.207   11.787  1.00 2.88  ? 21  ARG A O   1 
ATOM   165  C CB  . ARG A 1 41  ? -15.266 3.937   8.636   1.00 6.97  ? 21  ARG A CB  1 
ATOM   166  C CG  . ARG A 1 41  ? -15.041 5.107   7.597   1.00 6.15  ? 21  ARG A CG  1 
ATOM   167  C CD  . ARG A 1 41  ? -14.781 6.524   8.297   1.00 7.73  ? 21  ARG A CD  1 
ATOM   168  N NE  . ARG A 1 41  ? -15.719 6.708   9.324   1.00 8.48  ? 21  ARG A NE  1 
ATOM   169  C CZ  . ARG A 1 41  ? -15.479 6.933   10.618  1.00 13.19 ? 21  ARG A CZ  1 
ATOM   170  N NH1 . ARG A 1 41  ? -14.263 7.150   11.118  1.00 12.71 ? 21  ARG A NH1 1 
ATOM   171  N NH2 . ARG A 1 41  ? -16.469 6.973   11.412  1.00 8.40  ? 21  ARG A NH2 1 
ATOM   172  N N   . TYR A 1 42  ? -14.262 1.448   10.378  1.00 6.93  ? 22  TYR A N   1 
ATOM   173  C CA  . TYR A 1 42  ? -14.642 0.508   11.429  1.00 7.23  ? 22  TYR A CA  1 
ATOM   174  C C   . TYR A 1 42  ? -13.705 0.645   12.618  1.00 6.12  ? 22  TYR A C   1 
ATOM   175  O O   . TYR A 1 42  ? -14.095 0.482   13.751  1.00 4.92  ? 22  TYR A O   1 
ATOM   176  C CB  . TYR A 1 42  ? -14.546 -0.908  10.886  1.00 5.91  ? 22  TYR A CB  1 
ATOM   177  C CG  . TYR A 1 42  ? -14.743 -1.935  11.953  1.00 6.59  ? 22  TYR A CG  1 
ATOM   178  C CD1 . TYR A 1 42  ? -15.990 -2.143  12.537  1.00 5.58  ? 22  TYR A CD1 1 
ATOM   179  C CD2 . TYR A 1 42  ? -13.671 -2.702  12.447  1.00 5.71  ? 22  TYR A CD2 1 
ATOM   180  C CE1 . TYR A 1 42  ? -16.159 -3.004  13.586  1.00 9.88  ? 22  TYR A CE1 1 
ATOM   181  C CE2 . TYR A 1 42  ? -13.868 -3.615  13.534  1.00 9.05  ? 22  TYR A CE2 1 
ATOM   182  C CZ  . TYR A 1 42  ? -15.064 -3.787  14.047  1.00 11.99 ? 22  TYR A CZ  1 
ATOM   183  O OH  . TYR A 1 42  ? -15.277 -4.706  15.064  1.00 14.35 ? 22  TYR A OH  1 
ATOM   184  N N   . LEU A 1 43  ? -12.459 0.951   12.268  1.00 9.07  ? 23  LEU A N   1 
ATOM   185  C CA  . LEU A 1 43  ? -11.371 1.167   13.222  1.00 10.50 ? 23  LEU A CA  1 
ATOM   186  C C   . LEU A 1 43  ? -11.437 2.554   13.929  1.00 10.78 ? 23  LEU A C   1 
ATOM   187  O O   . LEU A 1 43  ? -10.627 2.817   14.747  1.00 12.48 ? 23  LEU A O   1 
ATOM   188  C CB  . LEU A 1 43  ? -10.049 0.987   12.551  1.00 10.41 ? 23  LEU A CB  1 
ATOM   189  C CG  . LEU A 1 43  ? -9.688  -0.410  12.040  1.00 9.98  ? 23  LEU A CG  1 
ATOM   190  C CD1 . LEU A 1 43  ? -8.419  -0.407  11.147  1.00 12.97 ? 23  LEU A CD1 1 
ATOM   191  C CD2 . LEU A 1 43  ? -9.510  -1.320  13.278  1.00 14.23 ? 23  LEU A CD2 1 
ATOM   192  N N   . GLY A 1 44  ? -12.337 3.431   13.537  1.00 8.57  ? 24  GLY A N   1 
ATOM   193  C CA  . GLY A 1 44  ? -12.520 4.709   14.195  1.00 9.74  ? 24  GLY A CA  1 
ATOM   194  C C   . GLY A 1 44  ? -11.516 5.692   13.637  1.00 9.00  ? 24  GLY A C   1 
ATOM   195  O O   . GLY A 1 44  ? -11.304 6.678   14.293  1.00 10.77 ? 24  GLY A O   1 
ATOM   196  N N   . VAL A 1 45  ? -11.044 5.490   12.427  1.00 7.71  ? 25  VAL A N   1 
ATOM   197  C CA  . VAL A 1 45  ? -10.058 6.358   11.793  1.00 10.17 ? 25  VAL A CA  1 
ATOM   198  C C   . VAL A 1 45  ? -10.757 7.324   10.845  1.00 10.80 ? 25  VAL A C   1 
ATOM   199  O O   . VAL A 1 45  ? -11.536 6.898   9.975   1.00 9.30  ? 25  VAL A O   1 
ATOM   200  C CB  . VAL A 1 45  ? -9.021  5.564   11.061  1.00 10.15 ? 25  VAL A CB  1 
ATOM   201  C CG1 . VAL A 1 45  ? -7.988  6.496   10.316  1.00 10.28 ? 25  VAL A CG1 1 
ATOM   202  C CG2 . VAL A 1 45  ? -8.291  4.619   12.001  1.00 11.92 ? 25  VAL A CG2 1 
ATOM   203  N N   . GLU A 1 46  ? -10.472 8.598   11.008  1.00 9.69  ? 26  GLU A N   1 
ATOM   204  C CA  . GLU A 1 46  ? -10.939 9.596   10.079  1.00 11.73 ? 26  GLU A CA  1 
ATOM   205  C C   . GLU A 1 46  ? -10.335 9.375   8.737   1.00 10.15 ? 26  GLU A C   1 
ATOM   206  O O   . GLU A 1 46  ? -9.100  9.297   8.565   1.00 9.94  ? 26  GLU A O   1 
ATOM   207  C CB  . GLU A 1 46  ? -10.735 11.027  10.611  1.00 13.03 ? 26  GLU A CB  1 
ATOM   208  C CG  . GLU A 1 46  ? -11.073 12.084  9.577   1.00 19.53 ? 26  GLU A CG  1 
ATOM   209  C CD  . GLU A 1 46  ? -10.955 13.562  10.091  1.00 29.94 ? 26  GLU A CD  1 
ATOM   210  O OE1 . GLU A 1 46  ? -11.906 14.339  9.904   1.00 32.53 ? 26  GLU A OE1 1 
ATOM   211  O OE2 . GLU A 1 46  ? -9.884  13.971  10.645  1.00 32.16 ? 26  GLU A OE2 1 
ATOM   212  N N   . THR A 1 47  ? -11.190 9.232   7.726   1.00 8.82  ? 27  THR A N   1 
ATOM   213  C CA  . THR A 1 47  ? -10.672 8.963   6.395   1.00 9.10  ? 27  THR A CA  1 
ATOM   214  C C   . THR A 1 47  ? -11.606 9.449   5.284   1.00 9.27  ? 27  THR A C   1 
ATOM   215  O O   . THR A 1 47  ? -12.833 9.586   5.492   1.00 8.40  ? 27  THR A O   1 
ATOM   216  C CB  . THR A 1 47  ? -10.290 7.500   6.280   1.00 10.43 ? 27  THR A CB  1 
ATOM   217  O OG1 . THR A 1 47  ? -9.986  7.164   4.930   1.00 11.30 ? 27  THR A OG1 1 
ATOM   218  C CG2 . THR A 1 47  ? -11.451 6.676   6.629   1.00 9.34  ? 27  THR A CG2 1 
ATOM   219  N N   . LYS A 1 48  ? -10.989 9.754   4.154   1.00 11.35 ? 28  LYS A N   1 
ATOM   220  C CA  . LYS A 1 48  ? -11.713 10.262  2.954   1.00 11.18 ? 28  LYS A CA  1 
ATOM   221  C C   . LYS A 1 48  ? -11.111 9.626   1.680   1.00 10.10 ? 28  LYS A C   1 
ATOM   222  O O   . LYS A 1 48  ? -9.905  9.537   1.541   1.00 9.07  ? 28  LYS A O   1 
ATOM   223  C CB  . LYS A 1 48  ? -11.675 11.760  2.824   1.00 11.10 ? 28  LYS A CB  1 
ATOM   224  C CG  . LYS A 1 48  ? -12.535 12.544  3.906   1.00 15.92 ? 28  LYS A CG  1 
ATOM   225  C CD  . LYS A 1 48  ? -12.716 14.009  3.551   1.00 20.65 ? 28  LYS A CD  1 
ATOM   226  C CE  . LYS A 1 48  ? -13.672 14.769  4.501   1.00 23.23 ? 28  LYS A CE  1 
ATOM   227  N NZ  . LYS A 1 48  ? -13.660 16.287  4.174   1.00 22.32 ? 28  LYS A NZ  1 
ATOM   228  N N   . ILE A 1 49  ? -11.984 9.191   0.746   1.00 8.92  ? 29  ILE A N   1 
ATOM   229  C CA  . ILE A 1 49  ? -11.479 8.760   -0.573  1.00 8.49  ? 29  ILE A CA  1 
ATOM   230  C C   . ILE A 1 49  ? -11.529 9.980   -1.460  1.00 8.79  ? 29  ILE A C   1 
ATOM   231  O O   . ILE A 1 49  ? -12.521 10.686  -1.469  1.00 6.19  ? 29  ILE A O   1 
ATOM   232  C CB  . ILE A 1 49  ? -12.372 7.670   -1.207  1.00 9.85  ? 29  ILE A CB  1 
ATOM   233  C CG1 . ILE A 1 49  ? -12.425 6.397   -0.339  1.00 11.01 ? 29  ILE A CG1 1 
ATOM   234  C CG2 . ILE A 1 49  ? -11.927 7.390   -2.630  1.00 12.35 ? 29  ILE A CG2 1 
ATOM   235  C CD1 . ILE A 1 49  ? -13.545 5.396   -0.733  1.00 14.19 ? 29  ILE A CD1 1 
ATOM   236  N N   . ILE A 1 50  ? -10.471 10.257  -2.158  1.00 9.49  ? 30  ILE A N   1 
ATOM   237  C CA  . ILE A 1 50  ? -10.427 11.322  -3.152  1.00 10.23 ? 30  ILE A CA  1 
ATOM   238  C C   . ILE A 1 50  ? -10.041 10.815  -4.506  1.00 9.10  ? 30  ILE A C   1 
ATOM   239  O O   . ILE A 1 50  ? -9.296  9.846   -4.610  1.00 8.26  ? 30  ILE A O   1 
ATOM   240  C CB  . ILE A 1 50  ? -9.436  12.448  -2.713  1.00 9.94  ? 30  ILE A CB  1 
ATOM   241  C CG1 . ILE A 1 50  ? -7.992  12.029  -2.699  1.00 8.75  ? 30  ILE A CG1 1 
ATOM   242  C CG2 . ILE A 1 50  ? -9.909  13.009  -1.356  1.00 13.86 ? 30  ILE A CG2 1 
ATOM   243  C CD1 . ILE A 1 50  ? -7.063  13.164  -2.325  1.00 11.29 ? 30  ILE A CD1 1 
ATOM   244  N N   . PRO A 1 51  ? -10.453 11.492  -5.553  1.00 11.82 ? 31  PRO A N   1 
ATOM   245  C CA  . PRO A 1 51  ? -9.902  11.189  -6.880  1.00 11.77 ? 31  PRO A CA  1 
ATOM   246  C C   . PRO A 1 51  ? -8.380  11.274  -6.886  1.00 10.64 ? 31  PRO A C   1 
ATOM   247  O O   . PRO A 1 51  ? -7.753  12.162  -6.240  1.00 10.23 ? 31  PRO A O   1 
ATOM   248  C CB  . PRO A 1 51  ? -10.460 12.275  -7.762  1.00 11.24 ? 31  PRO A CB  1 
ATOM   249  C CG  . PRO A 1 51  ? -11.787 12.723  -7.086  1.00 14.24 ? 31  PRO A CG  1 
ATOM   250  C CD  . PRO A 1 51  ? -11.474 12.563  -5.622  1.00 13.62 ? 31  PRO A CD  1 
ATOM   251  N N   . ASN A 1 52  ? -7.789  10.308  -7.569  1.00 10.07 ? 32  ASN A N   1 
ATOM   252  C CA  . ASN A 1 52  ? -6.337  10.338  -7.722  1.00 9.44  ? 32  ASN A CA  1 
ATOM   253  C C   . ASN A 1 52  ? -5.815  11.583  -8.415  1.00 10.23 ? 32  ASN A C   1 
ATOM   254  O O   . ASN A 1 52  ? -4.646  11.910  -8.238  1.00 10.87 ? 32  ASN A O   1 
ATOM   255  C CB  . ASN A 1 52  ? -5.782  9.043   -8.321  1.00 7.98  ? 32  ASN A CB  1 
ATOM   256  C CG  . ASN A 1 52  ? -6.251  8.766   -9.756  1.00 10.90 ? 32  ASN A CG  1 
ATOM   257  O OD1 . ASN A 1 52  ? -6.994  9.483   -10.312 1.00 10.99 ? 32  ASN A OD1 1 
ATOM   258  N ND2 . ASN A 1 52  ? -5.700  7.704   -10.361 1.00 9.96  ? 32  ASN A ND2 1 
ATOM   259  N N   . THR A 1 53  ? -6.635  12.278  -9.186  1.00 9.50  ? 33  THR A N   1 
ATOM   260  C CA  . THR A 1 53  ? -6.252  13.517  -9.863  1.00 11.08 ? 33  THR A CA  1 
ATOM   261  C C   . THR A 1 53  ? -6.436  14.814  -9.051  1.00 11.62 ? 33  THR A C   1 
ATOM   262  O O   . THR A 1 53  ? -6.267  15.922  -9.570  1.00 11.90 ? 33  THR A O   1 
ATOM   263  C CB  . THR A 1 53  ? -7.064  13.631  -11.124 1.00 12.35 ? 33  THR A CB  1 
ATOM   264  O OG1 . THR A 1 53  ? -8.383  13.278  -10.796 1.00 13.56 ? 33  THR A OG1 1 
ATOM   265  C CG2 . THR A 1 53  ? -6.672  12.608  -12.172 1.00 15.79 ? 33  THR A CG2 1 
ATOM   266  N N   . THR A 1 54  ? -6.769  14.682  -7.786  1.00 11.77 ? 34  THR A N   1 
ATOM   267  C CA  . THR A 1 54  ? -6.973  15.834  -6.897  1.00 10.94 ? 34  THR A CA  1 
ATOM   268  C C   . THR A 1 54  ? -5.638  16.638  -6.914  1.00 10.55 ? 34  THR A C   1 
ATOM   269  O O   . THR A 1 54  ? -4.544  16.087  -6.779  1.00 10.24 ? 34  THR A O   1 
ATOM   270  C CB  . THR A 1 54  ? -7.250  15.358  -5.441  1.00 11.13 ? 34  THR A CB  1 
ATOM   271  O OG1 . THR A 1 54  ? -8.493  14.641  -5.407  1.00 9.26  ? 34  THR A OG1 1 
ATOM   272  C CG2 . THR A 1 54  ? -7.506  16.530  -4.491  1.00 10.85 ? 34  THR A CG2 1 
ATOM   273  N N   . PRO A 1 55  ? -5.718  17.944  -7.165  1.00 12.72 ? 35  PRO A N   1 
ATOM   274  C CA  . PRO A 1 55  ? -4.501  18.806  -7.098  1.00 12.40 ? 35  PRO A CA  1 
ATOM   275  C C   . PRO A 1 55  ? -3.819  18.833  -5.762  1.00 13.54 ? 35  PRO A C   1 
ATOM   276  O O   . PRO A 1 55  ? -4.529  18.749  -4.789  1.00 11.69 ? 35  PRO A O   1 
ATOM   277  C CB  . PRO A 1 55  ? -5.010  20.208  -7.399  1.00 15.56 ? 35  PRO A CB  1 
ATOM   278  C CG  . PRO A 1 55  ? -6.297  20.045  -8.090  1.00 15.07 ? 35  PRO A CG  1 
ATOM   279  C CD  . PRO A 1 55  ? -6.880  18.658  -7.692  1.00 11.01 ? 35  PRO A CD  1 
ATOM   280  N N   . LEU A 1 56  ? -2.432  18.892  -5.746  1.00 15.04 ? 36  LEU A N   1 
ATOM   281  C CA  . LEU A 1 56  ? -1.661  18.671  -4.509  1.00 15.71 ? 36  LEU A CA  1 
ATOM   282  C C   . LEU A 1 56  ? -2.022  19.672  -3.465  1.00 16.46 ? 36  LEU A C   1 
ATOM   283  O O   . LEU A 1 56  ? -2.118  19.334  -2.275  1.00 14.76 ? 36  LEU A O   1 
ATOM   284  C CB  . LEU A 1 56  ? -0.118  18.742  -4.776  1.00 16.86 ? 36  LEU A CB  1 
ATOM   285  C CG  . LEU A 1 56  ? 0.664   17.479  -4.611  1.00 18.44 ? 36  LEU A CG  1 
ATOM   286  C CD1 . LEU A 1 56  ? 0.164   16.443  -5.518  1.00 21.74 ? 36  LEU A CD1 1 
ATOM   287  C CD2 . LEU A 1 56  ? 2.130   17.815  -4.917  1.00 23.09 ? 36  LEU A CD2 1 
ATOM   288  N N   . GLU A 1 57  ? -2.276  20.915  -3.879  1.00 17.20 ? 37  GLU A N   1 
ATOM   289  C CA  . GLU A 1 57  ? -2.530  21.863  -2.818  1.00 22.03 ? 37  GLU A CA  1 
ATOM   290  C C   . GLU A 1 57  ? -3.756  21.378  -1.957  1.00 20.97 ? 37  GLU A C   1 
ATOM   291  O O   . GLU A 1 57  ? -4.104  21.933  -0.871  1.00 34.17 ? 37  GLU A O   1 
ATOM   292  C CB  . GLU A 1 57  ? -2.719  23.255  -3.443  1.00 22.09 ? 37  GLU A CB  1 
ATOM   293  C CG  . GLU A 1 57  ? -4.106  23.737  -3.705  1.00 29.89 ? 37  GLU A CG  1 
ATOM   294  C CD  . GLU A 1 57  ? -4.102  25.191  -4.194  1.00 33.93 ? 37  GLU A CD  1 
ATOM   295  O OE1 . GLU A 1 57  ? -3.661  26.108  -3.438  1.00 43.27 ? 37  GLU A OE1 1 
ATOM   296  O OE2 . GLU A 1 57  ? -4.537  25.421  -5.344  1.00 41.57 ? 37  GLU A OE2 1 
ATOM   297  N N   . GLU A 1 58  ? -4.673  20.789  -2.749  1.00 15.67 ? 38  GLU A N   1 
ATOM   298  C CA  . GLU A 1 58  ? -6.027  20.441  -2.178  1.00 15.64 ? 38  GLU A CA  1 
ATOM   299  C C   . GLU A 1 58  ? -5.822  19.310  -1.238  1.00 13.65 ? 38  GLU A C   1 
ATOM   300  O O   . GLU A 1 58  ? -6.464  19.212  -0.222  1.00 13.38 ? 38  GLU A O   1 
ATOM   301  C CB  . GLU A 1 58  ? -6.994  20.069  -3.270  1.00 14.80 ? 38  GLU A CB  1 
ATOM   302  C CG  . GLU A 1 58  ? -7.536  21.296  -3.920  1.00 21.04 ? 38  GLU A CG  1 
ATOM   303  C CD  . GLU A 1 58  ? -8.547  21.010  -5.002  1.00 27.30 ? 38  GLU A CD  1 
ATOM   304  O OE1 . GLU A 1 58  ? -8.515  21.827  -5.956  1.00 29.27 ? 38  GLU A OE1 1 
ATOM   305  O OE2 . GLU A 1 58  ? -9.382  20.048  -4.856  1.00 29.08 ? 38  GLU A OE2 1 
ATOM   306  N N   . ILE A 1 59  ? -4.955  18.391  -1.648  1.00 15.94 ? 39  ILE A N   1 
ATOM   307  C CA  . ILE A 1 59  ? -4.502  17.236  -0.762  1.00 14.69 ? 39  ILE A CA  1 
ATOM   308  C C   . ILE A 1 59  ? -3.843  17.817  0.498   1.00 16.13 ? 39  ILE A C   1 
ATOM   309  O O   . ILE A 1 59  ? -4.236  17.491  1.643   1.00 14.35 ? 39  ILE A O   1 
ATOM   310  C CB  . ILE A 1 59  ? -3.596  16.288  -1.492  1.00 16.09 ? 39  ILE A CB  1 
ATOM   311  C CG1 . ILE A 1 59  ? -4.217  15.737  -2.794  1.00 16.99 ? 39  ILE A CG1 1 
ATOM   312  C CG2 . ILE A 1 59  ? -3.210  15.082  -0.575  1.00 13.10 ? 39  ILE A CG2 1 
ATOM   313  C CD1 . ILE A 1 59  ? -3.307  14.745  -3.583  1.00 16.84 ? 39  ILE A CD1 1 
ATOM   314  N N   . LYS A 1 60  ? -3.095  18.949  0.298   1.00 17.12 ? 40  LYS A N   1 
ATOM   315  C CA  . LYS A 1 60  ? -2.448  19.558  1.466   1.00 19.51 ? 40  LYS A CA  1 
ATOM   316  C C   . LYS A 1 60  ? -3.402  20.241  2.411   1.00 19.69 ? 40  LYS A C   1 
ATOM   317  O O   . LYS A 1 60  ? -3.226  20.179  3.635   1.00 19.50 ? 40  LYS A O   1 
ATOM   318  C CB  . LYS A 1 60  ? -1.339  20.495  1.028   1.00 21.44 ? 40  LYS A CB  1 
ATOM   319  C CG  . LYS A 1 60  ? -0.280  20.839  2.130   1.00 27.65 ? 40  LYS A CG  1 
ATOM   320  C CD  . LYS A 1 60  ? -0.775  21.950  3.244   1.00 31.76 ? 40  LYS A CD  1 
ATOM   321  C CE  . LYS A 1 60  ? -1.193  23.422  2.805   1.00 30.46 ? 40  LYS A CE  1 
ATOM   322  N NZ  . LYS A 1 60  ? -2.707  23.665  2.609   1.00 22.07 ? 40  LYS A NZ  1 
ATOM   323  N N   . ALA A 1 61  ? -4.466  20.860  1.862   1.00 19.18 ? 41  ALA A N   1 
ATOM   324  C CA  . ALA A 1 61  ? -5.476  21.514  2.670   1.00 18.09 ? 41  ALA A CA  1 
ATOM   325  C C   . ALA A 1 61  ? -6.259  20.554  3.532   1.00 17.68 ? 41  ALA A C   1 
ATOM   326  O O   . ALA A 1 61  ? -6.999  21.000  4.400   1.00 16.70 ? 41  ALA A O   1 
ATOM   327  C CB  . ALA A 1 61  ? -6.468  22.273  1.781   1.00 18.78 ? 41  ALA A CB  1 
ATOM   328  N N   . MET A 1 62  ? -6.212  19.251  3.236   1.00 15.88 ? 42  MET A N   1 
ATOM   329  C CA  . MET A 1 62  ? -6.849  18.237  4.083   1.00 16.12 ? 42  MET A CA  1 
ATOM   330  C C   . MET A 1 62  ? -6.037  17.837  5.356   1.00 16.48 ? 42  MET A C   1 
ATOM   331  O O   . MET A 1 62  ? -6.524  17.080  6.207   1.00 17.98 ? 42  MET A O   1 
ATOM   332  C CB  . MET A 1 62  ? -7.086  16.979  3.246   1.00 16.21 ? 42  MET A CB  1 
ATOM   333  C CG  . MET A 1 62  ? -7.946  17.223  2.023   1.00 16.70 ? 42  MET A CG  1 
ATOM   334  S SD  . MET A 1 62  ? -8.009  15.703  0.990   1.00 17.99 ? 42  MET A SD  1 
ATOM   335  C CE  . MET A 1 62  ? -9.365  14.813  1.777   1.00 19.59 ? 42  MET A CE  1 
ATOM   336  N N   . ASN A 1 63  ? -4.824  18.352  5.472   1.00 16.88 ? 43  ASN A N   1 
ATOM   337  C CA  . ASN A 1 63  ? -3.926  18.051  6.577   1.00 17.22 ? 43  ASN A CA  1 
ATOM   338  C C   . ASN A 1 63  ? -3.807  16.560  6.794   1.00 14.93 ? 43  ASN A C   1 
ATOM   339  O O   . ASN A 1 63  ? -4.059  16.060  7.905   1.00 16.16 ? 43  ASN A O   1 
ATOM   340  C CB  . ASN A 1 63  ? -4.418  18.788  7.863   1.00 17.51 ? 43  ASN A CB  1 
ATOM   341  C CG  . ASN A 1 63  ? -4.328  20.299  7.713   1.00 22.38 ? 43  ASN A CG  1 
ATOM   342  O OD1 . ASN A 1 63  ? -3.380  20.808  7.091   1.00 29.92 ? 43  ASN A OD1 1 
ATOM   343  N ND2 . ASN A 1 63  ? -5.349  21.016  8.194   1.00 23.99 ? 43  ASN A ND2 1 
ATOM   344  N N   . PRO A 1 64  ? -3.497  15.816  5.744   1.00 12.28 ? 44  PRO A N   1 
ATOM   345  C CA  . PRO A 1 64  ? -3.485  14.348  5.878   1.00 12.74 ? 44  PRO A CA  1 
ATOM   346  C C   . PRO A 1 64  ? -2.439  13.907  6.884   1.00 12.12 ? 44  PRO A C   1 
ATOM   347  O O   . PRO A 1 64  ? -1.307  14.520  6.911   1.00 8.29  ? 44  PRO A O   1 
ATOM   348  C CB  . PRO A 1 64  ? -3.057  13.839  4.474   1.00 11.80 ? 44  PRO A CB  1 
ATOM   349  C CG  . PRO A 1 64  ? -2.491  14.966  3.776   1.00 14.35 ? 44  PRO A CG  1 
ATOM   350  C CD  . PRO A 1 64  ? -3.058  16.220  4.402   1.00 10.67 ? 44  PRO A CD  1 
ATOM   351  N N   . LYS A 1 65  ? -2.813  12.954  7.746   1.00 9.29  ? 45  LYS A N   1 
ATOM   352  C CA  . LYS A 1 65  ? -1.809  12.300  8.607   1.00 9.51  ? 45  LYS A CA  1 
ATOM   353  C C   . LYS A 1 65  ? -1.261  11.028  8.024   1.00 9.96  ? 45  LYS A C   1 
ATOM   354  O O   . LYS A 1 65  ? -0.326  10.459  8.547   1.00 9.71  ? 45  LYS A O   1 
ATOM   355  C CB  . LYS A 1 65  ? -2.319  12.105  10.072  1.00 9.35  ? 45  LYS A CB  1 
ATOM   356  C CG  . LYS A 1 65  ? -2.767  13.368  10.765  1.00 13.87 ? 45  LYS A CG  1 
ATOM   357  C CD  . LYS A 1 65  ? -1.769  14.569  10.889  1.00 22.61 ? 45  LYS A CD  1 
ATOM   358  C CE  . LYS A 1 65  ? -2.569  15.893  11.325  1.00 26.79 ? 45  LYS A CE  1 
ATOM   359  N NZ  . LYS A 1 65  ? -1.772  17.158  11.017  1.00 33.05 ? 45  LYS A NZ  1 
ATOM   360  N N   . GLY A 1 66  ? -1.813  10.598  6.890   1.00 9.69  ? 46  GLY A N   1 
ATOM   361  C CA  . GLY A 1 66  ? -1.355  9.433   6.200   1.00 9.89  ? 46  GLY A CA  1 
ATOM   362  C C   . GLY A 1 66  ? -2.020  9.450   4.849   1.00 10.19 ? 46  GLY A C   1 
ATOM   363  O O   . GLY A 1 66  ? -3.040  10.075  4.679   1.00 8.52  ? 46  GLY A O   1 
ATOM   364  N N   . ILE A 1 67  ? -1.394  8.777   3.881   1.00 11.67 ? 47  ILE A N   1 
ATOM   365  C CA  . ILE A 1 67  ? -1.911  8.630   2.548   1.00 10.57 ? 47  ILE A CA  1 
ATOM   366  C C   . ILE A 1 67  ? -1.831  7.192   2.064   1.00 12.33 ? 47  ILE A C   1 
ATOM   367  O O   . ILE A 1 67  ? -0.844  6.541   2.235   1.00 10.72 ? 47  ILE A O   1 
ATOM   368  C CB  . ILE A 1 67  ? -1.157  9.557   1.568   1.00 11.28 ? 47  ILE A CB  1 
ATOM   369  C CG1 . ILE A 1 67  ? -1.317  11.048  1.964   1.00 12.09 ? 47  ILE A CG1 1 
ATOM   370  C CG2 . ILE A 1 67  ? -1.652  9.437   0.164   1.00 13.21 ? 47  ILE A CG2 1 
ATOM   371  C CD1 . ILE A 1 67  ? -0.295  12.019  1.156   1.00 11.99 ? 47  ILE A CD1 1 
ATOM   372  N N   . ILE A 1 68  ? -2.942  6.726   1.462   1.00 11.26 ? 48  ILE A N   1 
ATOM   373  C CA  . ILE A 1 68  ? -3.005  5.425   0.825   1.00 10.64 ? 48  ILE A CA  1 
ATOM   374  C C   . ILE A 1 68  ? -3.223  5.576   -0.669  1.00 11.97 ? 48  ILE A C   1 
ATOM   375  O O   . ILE A 1 68  ? -4.111  6.300   -1.100  1.00 13.13 ? 48  ILE A O   1 
ATOM   376  C CB  . ILE A 1 68  ? -4.147  4.561   1.453   1.00 10.36 ? 48  ILE A CB  1 
ATOM   377  C CG1 . ILE A 1 68  ? -3.815  4.307   2.894   1.00 10.88 ? 48  ILE A CG1 1 
ATOM   378  C CG2 . ILE A 1 68  ? -4.231  3.270   0.705   1.00 14.17 ? 48  ILE A CG2 1 
ATOM   379  C CD1 . ILE A 1 68  ? -4.855  3.530   3.736   1.00 13.11 ? 48  ILE A CD1 1 
ATOM   380  N N   . PHE A 1 69  ? -2.374  4.937   -1.457  1.00 12.86 ? 49  PHE A N   1 
ATOM   381  C CA  . PHE A 1 69  ? -2.546  4.831   -2.899  1.00 11.24 ? 49  PHE A CA  1 
ATOM   382  C C   . PHE A 1 69  ? -3.237  3.519   -3.117  1.00 12.01 ? 49  PHE A C   1 
ATOM   383  O O   . PHE A 1 69  ? -2.630  2.465   -2.889  1.00 13.36 ? 49  PHE A O   1 
ATOM   384  C CB  . PHE A 1 69  ? -1.190  4.782   -3.669  1.00 12.09 ? 49  PHE A CB  1 
ATOM   385  C CG  . PHE A 1 69  ? -0.266  5.973   -3.450  1.00 11.54 ? 49  PHE A CG  1 
ATOM   386  C CD1 . PHE A 1 69  ? -0.764  7.265   -3.206  1.00 10.89 ? 49  PHE A CD1 1 
ATOM   387  C CD2 . PHE A 1 69  ? 1.161   5.832   -3.580  1.00 11.62 ? 49  PHE A CD2 1 
ATOM   388  C CE1 . PHE A 1 69  ? 0.104   8.306   -3.106  1.00 8.27  ? 49  PHE A CE1 1 
ATOM   389  C CE2 . PHE A 1 69  ? 1.991   6.859   -3.415  1.00 11.13 ? 49  PHE A CE2 1 
ATOM   390  C CZ  . PHE A 1 69  ? 1.503   8.153   -3.206  1.00 11.57 ? 49  PHE A CZ  1 
ATOM   391  N N   . SER A 1 70  ? -4.487  3.561   -3.591  1.00 11.07 ? 50  SER A N   1 
ATOM   392  C CA  . SER A 1 70  ? -5.291  2.371   -3.780  1.00 11.83 ? 50  SER A CA  1 
ATOM   393  C C   . SER A 1 70  ? -4.909  1.462   -4.934  1.00 11.17 ? 50  SER A C   1 
ATOM   394  O O   . SER A 1 70  ? -4.091  1.833   -5.831  1.00 11.21 ? 50  SER A O   1 
ATOM   395  C CB  . SER A 1 70  ? -6.763  2.774   -3.908  1.00 11.38 ? 50  SER A CB  1 
ATOM   396  O OG  . SER A 1 70  ? -7.033  2.933   -5.267  1.00 12.54 ? 50  SER A OG  1 
ATOM   397  N N   . GLY A 1 71  ? -5.452  0.267   -4.961  1.00 10.88 ? 51  GLY A N   1 
ATOM   398  C CA  . GLY A 1 71  ? -5.328  -0.484  -6.174  1.00 11.33 ? 51  GLY A CA  1 
ATOM   399  C C   . GLY A 1 71  ? -6.105  0.108   -7.353  1.00 10.92 ? 51  GLY A C   1 
ATOM   400  O O   . GLY A 1 71  ? -6.910  1.062   -7.233  1.00 10.02 ? 51  GLY A O   1 
ATOM   401  N N   . GLY A 1 72  ? -5.902  -0.506  -8.496  1.00 10.28 ? 52  GLY A N   1 
ATOM   402  C CA  . GLY A 1 72  ? -6.532  -0.109  -9.725  1.00 10.12 ? 52  GLY A CA  1 
ATOM   403  C C   . GLY A 1 72  ? -6.018  -0.857  -10.956 1.00 10.37 ? 52  GLY A C   1 
ATOM   404  O O   . GLY A 1 72  ? -5.018  -1.592  -10.875 1.00 11.23 ? 52  GLY A O   1 
ATOM   405  N N   . PRO A 1 73  ? -6.664  -0.698  -12.081 1.00 13.20 ? 53  PRO A N   1 
ATOM   406  C CA  . PRO A 1 73  ? -6.304  -1.511  -13.234 1.00 15.69 ? 53  PRO A CA  1 
ATOM   407  C C   . PRO A 1 73  ? -5.049  -1.118  -13.984 1.00 16.40 ? 53  PRO A C   1 
ATOM   408  O O   . PRO A 1 73  ? -4.574  -1.976  -14.740 1.00 15.91 ? 53  PRO A O   1 
ATOM   409  C CB  . PRO A 1 73  ? -7.532  -1.394  -14.118 1.00 17.33 ? 53  PRO A CB  1 
ATOM   410  C CG  . PRO A 1 73  ? -8.033  0.060   -13.835 1.00 18.02 ? 53  PRO A CG  1 
ATOM   411  C CD  . PRO A 1 73  ? -7.897  0.074   -12.337 1.00 14.93 ? 53  PRO A CD  1 
ATOM   412  N N   . SER A 1 74  ? -4.507  0.097   -13.820 1.00 14.85 ? 54  SER A N   1 
ATOM   413  C CA  . SER A 1 74  ? -3.521  0.515   -14.782 1.00 15.19 ? 54  SER A CA  1 
ATOM   414  C C   . SER A 1 74  ? -2.550  1.491   -14.204 1.00 15.05 ? 54  SER A C   1 
ATOM   415  O O   . SER A 1 74  ? -2.966  2.518   -13.638 1.00 13.05 ? 54  SER A O   1 
ATOM   416  C CB  . SER A 1 74  ? -4.222  1.118   -16.016 1.00 17.45 ? 54  SER A CB  1 
ATOM   417  O OG  . SER A 1 74  ? -3.310  1.648   -16.997 1.00 21.04 ? 54  SER A OG  1 
ATOM   418  N N   . LEU A 1 75  ? -1.269  1.222   -14.433 1.00 13.96 ? 55  LEU A N   1 
ATOM   419  C CA  . LEU A 1 75  ? -0.221  2.235   -14.163 1.00 16.31 ? 55  LEU A CA  1 
ATOM   420  C C   . LEU A 1 75  ? -0.386  3.547   -14.953 1.00 18.55 ? 55  LEU A C   1 
ATOM   421  O O   . LEU A 1 75  ? 0.138   4.578   -14.557 1.00 19.48 ? 55  LEU A O   1 
ATOM   422  C CB  . LEU A 1 75  ? 1.167   1.698   -14.418 1.00 16.63 ? 55  LEU A CB  1 
ATOM   423  C CG  . LEU A 1 75  ? 1.744   0.848   -13.277 1.00 19.59 ? 55  LEU A CG  1 
ATOM   424  C CD1 . LEU A 1 75  ? 3.031   0.190   -13.652 1.00 22.18 ? 55  LEU A CD1 1 
ATOM   425  C CD2 . LEU A 1 75  ? 1.989   1.620   -11.937 1.00 20.89 ? 55  LEU A CD2 1 
ATOM   426  N N   . GLU A 1 76  ? -1.128  3.507   -16.057 1.00 19.12 ? 56  GLU A N   1 
ATOM   427  C CA  . GLU A 1 76  ? -1.478  4.720   -16.806 1.00 21.01 ? 56  GLU A CA  1 
ATOM   428  C C   . GLU A 1 76  ? -2.565  5.566   -16.165 1.00 20.20 ? 56  GLU A C   1 
ATOM   429  O O   . GLU A 1 76  ? -2.915  6.617   -16.677 1.00 23.01 ? 56  GLU A O   1 
ATOM   430  C CB  . GLU A 1 76  ? -1.923  4.335   -18.235 1.00 21.92 ? 56  GLU A CB  1 
ATOM   431  C CG  . GLU A 1 76  ? -0.841  3.518   -18.968 1.00 26.52 ? 56  GLU A CG  1 
ATOM   432  C CD  . GLU A 1 76  ? -1.070  3.402   -20.485 1.00 32.25 ? 56  GLU A CD  1 
ATOM   433  O OE1 . GLU A 1 76  ? -2.174  2.962   -20.930 1.00 36.07 ? 56  GLU A OE1 1 
ATOM   434  O OE2 . GLU A 1 76  ? -0.129  3.763   -21.245 1.00 38.68 ? 56  GLU A OE2 1 
ATOM   435  N N   . ASN A 1 77  ? -3.142  5.118   -15.071 1.00 18.53 ? 57  ASN A N   1 
ATOM   436  C CA  . ASN A 1 77  ? -4.165  5.893   -14.379 1.00 18.95 ? 57  ASN A CA  1 
ATOM   437  C C   . ASN A 1 77  ? -3.776  5.974   -12.930 1.00 15.85 ? 57  ASN A C   1 
ATOM   438  O O   . ASN A 1 77  ? -4.405  5.380   -12.067 1.00 18.37 ? 57  ASN A O   1 
ATOM   439  C CB  . ASN A 1 77  ? -5.601  5.313   -14.569 1.00 19.46 ? 57  ASN A CB  1 
ATOM   440  C CG  . ASN A 1 77  ? -6.675  6.004   -13.600 1.00 23.49 ? 57  ASN A CG  1 
ATOM   441  O OD1 . ASN A 1 77  ? -6.616  7.211   -13.427 1.00 23.28 ? 57  ASN A OD1 1 
ATOM   442  N ND2 . ASN A 1 77  ? -7.621  5.199   -12.951 1.00 20.11 ? 57  ASN A ND2 1 
ATOM   443  N N   . THR A 1 78  ? -2.641  6.658   -12.634 1.00 11.64 ? 58  THR A N   1 
ATOM   444  C CA  . THR A 1 78  ? -2.306  6.863   -11.259 1.00 10.37 ? 58  THR A CA  1 
ATOM   445  C C   . THR A 1 78  ? -2.457  8.313   -10.814 1.00 11.20 ? 58  THR A C   1 
ATOM   446  O O   . THR A 1 78  ? -2.129  8.592   -9.657  1.00 9.43  ? 58  THR A O   1 
ATOM   447  C CB  . THR A 1 78  ? -0.891  6.438   -10.942 1.00 12.03 ? 58  THR A CB  1 
ATOM   448  O OG1 . THR A 1 78  ? 0.001   7.097   -11.878 1.00 11.40 ? 58  THR A OG1 1 
ATOM   449  C CG2 . THR A 1 78  ? -0.685  4.933   -11.119 1.00 16.12 ? 58  THR A CG2 1 
ATOM   450  N N   . GLY A 1 79  ? -2.970  9.196   -11.698 1.00 10.96 ? 59  GLY A N   1 
ATOM   451  C CA  . GLY A 1 79  ? -3.275  10.595  -11.346 1.00 11.53 ? 59  GLY A CA  1 
ATOM   452  C C   . GLY A 1 79  ? -2.054  11.226  -10.715 1.00 12.26 ? 59  GLY A C   1 
ATOM   453  O O   . GLY A 1 79  ? -0.963  11.099  -11.273 1.00 12.40 ? 59  GLY A O   1 
ATOM   454  N N   . ASN A 1 80  ? -2.216  11.798  -9.510  1.00 10.42 ? 60  ASN A N   1 
ATOM   455  C CA  . ASN A 1 80  ? -1.136  12.548  -8.810  1.00 10.13 ? 60  ASN A CA  1 
ATOM   456  C C   . ASN A 1 80  ? -0.428  11.752  -7.715  1.00 8.14  ? 60  ASN A C   1 
ATOM   457  O O   . ASN A 1 80  ? 0.307   12.293  -6.902  1.00 7.81  ? 60  ASN A O   1 
ATOM   458  C CB  . ASN A 1 80  ? -1.717  13.848  -8.268  1.00 8.82  ? 60  ASN A CB  1 
ATOM   459  C CG  . ASN A 1 80  ? -1.968  14.881  -9.338  1.00 12.26 ? 60  ASN A CG  1 
ATOM   460  O OD1 . ASN A 1 80  ? -1.284  14.907  -10.384 1.00 11.28 ? 60  ASN A OD1 1 
ATOM   461  N ND2 . ASN A 1 80  ? -2.869  15.854  -9.037  1.00 13.31 ? 60  ASN A ND2 1 
ATOM   462  N N   . CYS A 1 81  ? -0.569  10.430  -7.720  1.00 9.17  ? 61  CYS A N   1 
ATOM   463  C CA  . CYS A 1 81  ? 0.183   9.614   -6.799  1.00 8.94  ? 61  CYS A CA  1 
ATOM   464  C C   . CYS A 1 81  ? 1.703   9.852   -6.887  1.00 9.74  ? 61  CYS A C   1 
ATOM   465  O O   . CYS A 1 81  ? 2.347   10.061  -5.865  1.00 10.35 ? 61  CYS A O   1 
ATOM   466  C CB  . CYS A 1 81  ? -0.111  8.151   -6.901  1.00 9.82  ? 61  CYS A CB  1 
ATOM   467  S SG  . CYS A 1 81  ? -1.853  7.686   -6.504  1.00 11.42 ? 61  CYS A SG  1 
ATOM   468  N N   . GLU A 1 82  ? 2.286   9.772   -8.069  1.00 11.33 ? 62  GLU A N   1 
ATOM   469  C CA  . GLU A 1 82  ? 3.729   10.089  -8.252  1.00 10.64 ? 62  GLU A CA  1 
ATOM   470  C C   . GLU A 1 82  ? 4.065   11.523  -7.876  1.00 8.68  ? 62  GLU A C   1 
ATOM   471  O O   . GLU A 1 82  ? 5.169   11.781  -7.381  1.00 9.28  ? 62  GLU A O   1 
ATOM   472  C CB  . GLU A 1 82  ? 4.203   9.805   -9.689  1.00 11.83 ? 62  GLU A CB  1 
ATOM   473  C CG  . GLU A 1 82  ? 4.276   8.297   -9.940  1.00 14.79 ? 62  GLU A CG  1 
ATOM   474  C CD  . GLU A 1 82  ? 2.957   7.625   -10.431 1.00 16.21 ? 62  GLU A CD  1 
ATOM   475  O OE1 . GLU A 1 82  ? 1.882   8.304   -10.507 1.00 15.75 ? 62  GLU A OE1 1 
ATOM   476  O OE2 . GLU A 1 82  ? 3.075   6.440   -10.841 1.00 14.18 ? 62  GLU A OE2 1 
ATOM   477  N N   . LYS A 1 83  ? 3.162   12.424  -8.140  1.00 10.45 ? 63  LYS A N   1 
ATOM   478  C CA  . LYS A 1 83  ? 3.376   13.849  -7.788  1.00 10.27 ? 63  LYS A CA  1 
ATOM   479  C C   . LYS A 1 83  ? 3.506   14.016  -6.277  1.00 9.37  ? 63  LYS A C   1 
ATOM   480  O O   . LYS A 1 83  ? 4.331   14.822  -5.814  1.00 7.36  ? 63  LYS A O   1 
ATOM   481  C CB  . LYS A 1 83  ? 2.271   14.734  -8.408  1.00 9.92  ? 63  LYS A CB  1 
ATOM   482  C CG  . LYS A 1 83  ? 2.447   16.184  -8.473  1.00 16.58 ? 63  LYS A CG  1 
ATOM   483  C CD  . LYS A 1 83  ? 3.274   16.612  -9.694  1.00 22.26 ? 63  LYS A CD  1 
ATOM   484  C CE  . LYS A 1 83  ? 3.608   18.138  -9.759  1.00 25.90 ? 63  LYS A CE  1 
ATOM   485  N NZ  . LYS A 1 83  ? 4.880   18.508  -10.374 1.00 18.02 ? 63  LYS A NZ  1 
ATOM   486  N N   . VAL A 1 84  ? 2.676   13.274  -5.521  1.00 8.73  ? 64  VAL A N   1 
ATOM   487  C CA  . VAL A 1 84  ? 2.795   13.209  -4.072  1.00 9.50  ? 64  VAL A CA  1 
ATOM   488  C C   . VAL A 1 84  ? 4.191   12.764  -3.649  1.00 9.96  ? 64  VAL A C   1 
ATOM   489  O O   . VAL A 1 84  ? 4.813   13.370  -2.756  1.00 9.20  ? 64  VAL A O   1 
ATOM   490  C CB  . VAL A 1 84  ? 1.675   12.405  -3.441  1.00 8.55  ? 64  VAL A CB  1 
ATOM   491  C CG1 . VAL A 1 84  ? 1.936   12.133  -1.980  1.00 12.68 ? 64  VAL A CG1 1 
ATOM   492  C CG2 . VAL A 1 84  ? 0.393   13.188  -3.514  1.00 12.00 ? 64  VAL A CG2 1 
ATOM   493  N N   . LEU A 1 85  ? 4.708   11.689  -4.267  1.00 10.12 ? 65  LEU A N   1 
ATOM   494  C CA  . LEU A 1 85  ? 6.044   11.243  -3.978  1.00 8.38  ? 65  LEU A CA  1 
ATOM   495  C C   . LEU A 1 85  ? 7.135   12.230  -4.353  1.00 9.60  ? 65  LEU A C   1 
ATOM   496  O O   . LEU A 1 85  ? 8.095   12.502  -3.580  1.00 8.01  ? 65  LEU A O   1 
ATOM   497  C CB  . LEU A 1 85  ? 6.275   9.875   -4.702  1.00 11.24 ? 65  LEU A CB  1 
ATOM   498  C CG  . LEU A 1 85  ? 5.335   8.773   -4.278  1.00 10.69 ? 65  LEU A CG  1 
ATOM   499  C CD1 . LEU A 1 85  ? 5.664   7.571   -5.143  1.00 10.53 ? 65  LEU A CD1 1 
ATOM   500  C CD2 . LEU A 1 85  ? 5.463   8.456   -2.764  1.00 13.10 ? 65  LEU A CD2 1 
ATOM   501  N N   . GLU A 1 86  ? 6.964   12.901  -5.491  1.00 7.16  ? 66  GLU A N   1 
ATOM   502  C CA  . GLU A 1 86  ? 7.888   13.936  -5.983  1.00 8.88  ? 66  GLU A CA  1 
ATOM   503  C C   . GLU A 1 86  ? 8.001   15.059  -4.951  1.00 6.12  ? 66  GLU A C   1 
ATOM   504  O O   . GLU A 1 86  ? 9.027   15.386  -4.607  1.00 6.90  ? 66  GLU A O   1 
ATOM   505  C CB  . GLU A 1 86  ? 7.450   14.543  -7.307  1.00 6.54  ? 66  GLU A CB  1 
ATOM   506  C CG  . GLU A 1 86  ? 8.398   15.555  -7.869  1.00 12.77 ? 66  GLU A CG  1 
ATOM   507  C CD  . GLU A 1 86  ? 7.832   16.387  -8.934  1.00 10.17 ? 66  GLU A CD  1 
ATOM   508  O OE1 . GLU A 1 86  ? 6.604   16.650  -8.940  1.00 9.34  ? 66  GLU A OE1 1 
ATOM   509  O OE2 . GLU A 1 86  ? 8.603   16.806  -9.807  1.00 10.65 ? 66  GLU A OE2 1 
ATOM   510  N N   . HIS A 1 87  ? 6.813   15.383  -4.364  1.00 7.94  ? 67  HIS A N   1 
ATOM   511  C CA  . HIS A 1 87  ? 6.698   16.422  -3.347  1.00 9.97  ? 67  HIS A CA  1 
ATOM   512  C C   . HIS A 1 87  ? 6.536   15.846  -1.934  1.00 9.72  ? 67  HIS A C   1 
ATOM   513  O O   . HIS A 1 87  ? 5.916   16.475  -1.059  1.00 10.56 ? 67  HIS A O   1 
ATOM   514  C CB  . HIS A 1 87  ? 5.530   17.249  -3.720  1.00 11.67 ? 67  HIS A CB  1 
ATOM   515  C CG  . HIS A 1 87  ? 5.796   18.112  -4.885  1.00 17.02 ? 67  HIS A CG  1 
ATOM   516  N ND1 . HIS A 1 87  ? 5.043   18.073  -6.031  1.00 26.73 ? 67  HIS A ND1 1 
ATOM   517  C CD2 . HIS A 1 87  ? 6.678   19.122  -5.054  1.00 28.72 ? 67  HIS A CD2 1 
ATOM   518  C CE1 . HIS A 1 87  ? 5.413   19.060  -6.841  1.00 21.97 ? 67  HIS A CE1 1 
ATOM   519  N NE2 . HIS A 1 87  ? 6.414   19.692  -6.278  1.00 29.76 ? 67  HIS A NE2 1 
ATOM   520  N N   . TYR A 1 88  ? 7.238   14.743  -1.654  1.00 10.03 ? 68  TYR A N   1 
ATOM   521  C CA  . TYR A 1 88  ? 7.055   14.120  -0.367  1.00 8.89  ? 68  TYR A CA  1 
ATOM   522  C C   . TYR A 1 88  ? 7.387   14.987  0.804   1.00 9.61  ? 68  TYR A C   1 
ATOM   523  O O   . TYR A 1 88  ? 6.667   15.008  1.802   1.00 10.04 ? 68  TYR A O   1 
ATOM   524  C CB  . TYR A 1 88  ? 7.912   12.821  -0.276  1.00 10.25 ? 68  TYR A CB  1 
ATOM   525  C CG  . TYR A 1 88  ? 7.598   12.060  0.993   1.00 8.98  ? 68  TYR A CG  1 
ATOM   526  C CD1 . TYR A 1 88  ? 6.414   11.490  1.181   1.00 11.90 ? 68  TYR A CD1 1 
ATOM   527  C CD2 . TYR A 1 88  ? 8.529   12.020  2.052   1.00 13.98 ? 68  TYR A CD2 1 
ATOM   528  C CE1 . TYR A 1 88  ? 6.104   10.761  2.392   1.00 11.82 ? 68  TYR A CE1 1 
ATOM   529  C CE2 . TYR A 1 88  ? 8.226   11.365  3.256   1.00 9.09  ? 68  TYR A CE2 1 
ATOM   530  C CZ  . TYR A 1 88  ? 7.041   10.772  3.434   1.00 12.58 ? 68  TYR A CZ  1 
ATOM   531  O OH  . TYR A 1 88  ? 6.819   10.077  4.599   1.00 10.22 ? 68  TYR A OH  1 
ATOM   532  N N   . ASP A 1 89  ? 8.361   15.886  0.603   1.00 9.83  ? 69  ASP A N   1 
ATOM   533  C CA  . ASP A 1 89  ? 8.781   16.847  1.596   1.00 11.47 ? 69  ASP A CA  1 
ATOM   534  C C   . ASP A 1 89  ? 7.650   17.820  2.036   1.00 12.32 ? 69  ASP A C   1 
ATOM   535  O O   . ASP A 1 89  ? 7.809   18.495  3.013   1.00 10.60 ? 69  ASP A O   1 
ATOM   536  C CB  . ASP A 1 89  ? 9.893   17.727  1.004   1.00 13.32 ? 69  ASP A CB  1 
ATOM   537  C CG  . ASP A 1 89  ? 9.480   18.331  -0.447  1.00 19.68 ? 69  ASP A CG  1 
ATOM   538  O OD1 . ASP A 1 89  ? 9.618   17.553  -1.467  1.00 31.81 ? 69  ASP A OD1 1 
ATOM   539  O OD2 . ASP A 1 89  ? 9.024   19.512  -0.629  1.00 27.01 ? 69  ASP A OD2 1 
ATOM   540  N N   . GLU A 1 90  ? 6.574   17.920  1.263   1.00 13.35 ? 70  GLU A N   1 
ATOM   541  C CA  . GLU A 1 90  ? 5.443   18.772  1.627   1.00 12.71 ? 70  GLU A CA  1 
ATOM   542  C C   . GLU A 1 90  ? 4.437   18.006  2.491   1.00 12.59 ? 70  GLU A C   1 
ATOM   543  O O   . GLU A 1 90  ? 3.423   18.570  2.993   1.00 11.85 ? 70  GLU A O   1 
ATOM   544  C CB  . GLU A 1 90  ? 4.768   19.251  0.362   1.00 13.85 ? 70  GLU A CB  1 
ATOM   545  C CG  . GLU A 1 90  ? 5.697   20.181  -0.469  1.00 18.29 ? 70  GLU A CG  1 
ATOM   546  C CD  . GLU A 1 90  ? 5.008   20.668  -1.736  1.00 24.01 ? 70  GLU A CD  1 
ATOM   547  O OE1 . GLU A 1 90  ? 3.767   20.441  -1.896  1.00 33.80 ? 70  GLU A OE1 1 
ATOM   548  O OE2 . GLU A 1 90  ? 5.707   21.253  -2.564  1.00 27.84 ? 70  GLU A OE2 1 
ATOM   549  N N   . PHE A 1 91  ? 4.641   16.709  2.589   1.00 11.07 ? 71  PHE A N   1 
ATOM   550  C CA  . PHE A 1 91  ? 3.666   15.807  3.215   1.00 11.61 ? 71  PHE A CA  1 
ATOM   551  C C   . PHE A 1 91  ? 4.290   15.222  4.449   1.00 12.54 ? 71  PHE A C   1 
ATOM   552  O O   . PHE A 1 91  ? 3.806   15.457  5.535   1.00 12.57 ? 71  PHE A O   1 
ATOM   553  C CB  . PHE A 1 91  ? 3.137   14.749  2.251   1.00 12.23 ? 71  PHE A CB  1 
ATOM   554  C CG  . PHE A 1 91  ? 2.248   15.305  1.211   1.00 10.81 ? 71  PHE A CG  1 
ATOM   555  C CD1 . PHE A 1 91  ? 0.962   15.718  1.512   1.00 13.87 ? 71  PHE A CD1 1 
ATOM   556  C CD2 . PHE A 1 91  ? 2.712   15.486  -0.065  1.00 14.82 ? 71  PHE A CD2 1 
ATOM   557  C CE1 . PHE A 1 91  ? 0.170   16.307  0.532   1.00 16.40 ? 71  PHE A CE1 1 
ATOM   558  C CE2 . PHE A 1 91  ? 1.973   16.097  -1.056  1.00 15.53 ? 71  PHE A CE2 1 
ATOM   559  C CZ  . PHE A 1 91  ? 0.679   16.565  -0.757  1.00 17.58 ? 71  PHE A CZ  1 
ATOM   560  N N   . ASN A 1 92  ? 5.384   14.480  4.288   1.00 11.64 ? 72  ASN A N   1 
ATOM   561  C CA  . ASN A 1 92  ? 6.172   13.927  5.408   1.00 11.41 ? 72  ASN A CA  1 
ATOM   562  C C   . ASN A 1 92  ? 5.260   13.138  6.372   1.00 10.37 ? 72  ASN A C   1 
ATOM   563  O O   . ASN A 1 92  ? 5.302   13.396  7.571   1.00 8.59  ? 72  ASN A O   1 
ATOM   564  C CB  . ASN A 1 92  ? 6.850   14.986  6.225   1.00 11.95 ? 72  ASN A CB  1 
ATOM   565  C CG  . ASN A 1 92  ? 7.873   15.704  5.487   1.00 15.79 ? 72  ASN A CG  1 
ATOM   566  O OD1 . ASN A 1 92  ? 8.825   15.103  4.954   1.00 23.46 ? 72  ASN A OD1 1 
ATOM   567  N ND2 . ASN A 1 92  ? 7.614   16.985  5.302   1.00 25.19 ? 72  ASN A ND2 1 
ATOM   568  N N   . VAL A 1 93  ? 4.427   12.306  5.811   1.00 9.40  ? 73  VAL A N   1 
ATOM   569  C CA  . VAL A 1 93  ? 3.545   11.372  6.545   1.00 9.76  ? 73  VAL A CA  1 
ATOM   570  C C   . VAL A 1 93  ? 3.690   9.988   5.982   1.00 8.23  ? 73  VAL A C   1 
ATOM   571  O O   . VAL A 1 93  ? 4.206   9.830   4.864   1.00 8.44  ? 73  VAL A O   1 
ATOM   572  C CB  . VAL A 1 93  ? 2.071   11.798  6.529   1.00 9.64  ? 73  VAL A CB  1 
ATOM   573  C CG1 . VAL A 1 93  ? 1.865   13.101  7.261   1.00 12.49 ? 73  VAL A CG1 1 
ATOM   574  C CG2 . VAL A 1 93  ? 1.541   11.834  5.153   1.00 13.05 ? 73  VAL A CG2 1 
ATOM   575  N N   . PRO A 1 94  ? 3.210   8.974   6.682   1.00 9.80  ? 74  PRO A N   1 
ATOM   576  C CA  . PRO A 1 94  ? 3.271   7.616   6.168   1.00 9.40  ? 74  PRO A CA  1 
ATOM   577  C C   . PRO A 1 94  ? 2.386   7.448   4.915   1.00 11.49 ? 74  PRO A C   1 
ATOM   578  O O   . PRO A 1 94  ? 1.339   8.080   4.800   1.00 10.70 ? 74  PRO A O   1 
ATOM   579  C CB  . PRO A 1 94  ? 2.769   6.738   7.349   1.00 10.49 ? 74  PRO A CB  1 
ATOM   580  C CG  . PRO A 1 94  ? 3.015   7.562   8.550   1.00 11.78 ? 74  PRO A CG  1 
ATOM   581  C CD  . PRO A 1 94  ? 2.743   9.036   8.070   1.00 11.29 ? 74  PRO A CD  1 
ATOM   582  N N   . ILE A 1 95  ? 2.869   6.651   3.981   1.00 10.33 ? 75  ILE A N   1 
ATOM   583  C CA  . ILE A 1 95  ? 2.230   6.320   2.728   1.00 11.12 ? 75  ILE A CA  1 
ATOM   584  C C   . ILE A 1 95  ? 2.198   4.808   2.641   1.00 11.36 ? 75  ILE A C   1 
ATOM   585  O O   . ILE A 1 95  ? 3.192   4.141   2.933   1.00 12.71 ? 75  ILE A O   1 
ATOM   586  C CB  . ILE A 1 95  ? 2.953   6.948   1.547   1.00 10.70 ? 75  ILE A CB  1 
ATOM   587  C CG1 . ILE A 1 95  ? 2.846   8.456   1.622   1.00 12.17 ? 75  ILE A CG1 1 
ATOM   588  C CG2 . ILE A 1 95  ? 2.298   6.432   0.231   1.00 16.73 ? 75  ILE A CG2 1 
ATOM   589  C CD1 . ILE A 1 95  ? 3.500   9.193   0.476   1.00 11.91 ? 75  ILE A CD1 1 
ATOM   590  N N   . LEU A 1 96  ? 1.055   4.278   2.253   1.00 10.28 ? 76  LEU A N   1 
ATOM   591  C CA  . LEU A 1 96  ? 0.855   2.829   1.975   1.00 10.80 ? 76  LEU A CA  1 
ATOM   592  C C   . LEU A 1 96  ? 0.286   2.669   0.620   1.00 11.13 ? 76  LEU A C   1 
ATOM   593  O O   . LEU A 1 96  ? -0.758  3.282   0.297   1.00 12.01 ? 76  LEU A O   1 
ATOM   594  C CB  . LEU A 1 96  ? -0.079  2.199   2.993   1.00 10.72 ? 76  LEU A CB  1 
ATOM   595  C CG  . LEU A 1 96  ? -0.461  0.755   2.704   1.00 12.39 ? 76  LEU A CG  1 
ATOM   596  C CD1 . LEU A 1 96  ? 0.737   -0.192  2.787   1.00 14.07 ? 76  LEU A CD1 1 
ATOM   597  C CD2 . LEU A 1 96  ? -1.546  0.286   3.715   1.00 13.16 ? 76  LEU A CD2 1 
ATOM   598  N N   . GLY A 1 97  ? 1.007   1.967   -0.242  1.00 11.27 ? 77  GLY A N   1 
ATOM   599  C CA  . GLY A 1 97  ? 0.515   1.578   -1.550  1.00 10.76 ? 77  GLY A CA  1 
ATOM   600  C C   . GLY A 1 97  ? 0.031   0.149   -1.543  1.00 10.92 ? 77  GLY A C   1 
ATOM   601  O O   . GLY A 1 97  ? 0.703   -0.716  -1.127  1.00 11.49 ? 77  GLY A O   1 
ATOM   602  N N   . ILE A 1 98  ? -1.159  -0.087  -2.084  1.00 11.86 ? 78  ILE A N   1 
ATOM   603  C CA  . ILE A 1 98  ? -1.776  -1.392  -2.151  1.00 11.56 ? 78  ILE A CA  1 
ATOM   604  C C   . ILE A 1 98  ? -1.871  -1.859  -3.588  1.00 12.51 ? 78  ILE A C   1 
ATOM   605  O O   . ILE A 1 98  ? -2.500  -1.214  -4.415  1.00 11.80 ? 78  ILE A O   1 
ATOM   606  C CB  . ILE A 1 98  ? -3.203  -1.323  -1.519  1.00 11.54 ? 78  ILE A CB  1 
ATOM   607  C CG1 . ILE A 1 98  ? -3.134  -1.046  -0.022  1.00 11.80 ? 78  ILE A CG1 1 
ATOM   608  C CG2 . ILE A 1 98  ? -3.949  -2.634  -1.759  1.00 10.84 ? 78  ILE A CG2 1 
ATOM   609  C CD1 . ILE A 1 98  ? -4.499  -0.771  0.637   1.00 13.11 ? 78  ILE A CD1 1 
ATOM   610  N N   . CYS A 1 99  ? -1.205  -2.960  -3.890  1.00 12.43 ? 79  CYS A N   1 
ATOM   611  C CA  . CYS A 1 99  ? -1.176  -3.594  -5.231  1.00 12.42 ? 79  CYS A CA  1 
ATOM   612  C C   . CYS A 1 99  ? -0.712  -2.593  -6.300  1.00 12.03 ? 79  CYS A C   1 
ATOM   613  O O   . CYS A 1 99  ? 0.465   -2.303  -6.383  1.00 10.13 ? 79  CYS A O   1 
ATOM   614  C CB  . CYS A 1 99  ? -2.515  -4.248  -5.578  1.00 10.25 ? 79  CYS A CB  1 
ATOM   615  S SG  . CYS A 1 99  ? -2.299  -5.391  -6.986  1.00 17.78 ? 79  CYS A SG  1 
ATOM   616  N N   . LEU A 1 100 ? -1.578  -2.035  -7.107  1.00 11.21 ? 80  LEU A N   1 
ATOM   617  C CA  . LEU A 1 100 ? -1.081  -0.996  -8.028  1.00 11.19 ? 80  LEU A CA  1 
ATOM   618  C C   . LEU A 1 100 ? -0.300  0.114   -7.271  1.00 12.36 ? 80  LEU A C   1 
ATOM   619  O O   . LEU A 1 100 ? 0.695   0.629   -7.795  1.00 12.89 ? 80  LEU A O   1 
ATOM   620  C CB  . LEU A 1 100 ? -2.273  -0.346  -8.750  1.00 11.45 ? 80  LEU A CB  1 
ATOM   621  C CG  . LEU A 1 100 ? -1.942  0.661   -9.872  1.00 12.41 ? 80  LEU A CG  1 
ATOM   622  C CD1 . LEU A 1 100 ? -1.413  -0.087  -11.062 1.00 15.62 ? 80  LEU A CD1 1 
ATOM   623  C CD2 . LEU A 1 100 ? -3.093  1.621   -10.259 1.00 14.08 ? 80  LEU A CD2 1 
ATOM   624  N N   . GLY A 1 101 ? -0.747  0.487   -6.061  1.00 11.95 ? 81  GLY A N   1 
ATOM   625  C CA  . GLY A 1 101 ? -0.054  1.528   -5.266  1.00 12.75 ? 81  GLY A CA  1 
ATOM   626  C C   . GLY A 1 101 ? 1.364   1.115   -4.865  1.00 12.02 ? 81  GLY A C   1 
ATOM   627  O O   . GLY A 1 101 ? 2.275   1.924   -4.832  1.00 11.81 ? 81  GLY A O   1 
ATOM   628  N N   . HIS A 1 102 ? 1.535   -0.142  -4.527  1.00 12.10 ? 82  HIS A N   1 
ATOM   629  C CA  . HIS A 1 102 ? 2.832   -0.786  -4.244  1.00 11.96 ? 82  HIS A CA  1 
ATOM   630  C C   . HIS A 1 102 ? 3.698   -0.696  -5.492  1.00 12.06 ? 82  HIS A C   1 
ATOM   631  O O   . HIS A 1 102 ? 4.888   -0.304  -5.439  1.00 11.63 ? 82  HIS A O   1 
ATOM   632  C CB  . HIS A 1 102 ? 2.555   -2.265  -3.889  1.00 11.19 ? 82  HIS A CB  1 
ATOM   633  C CG  . HIS A 1 102 ? 3.753   -3.102  -3.709  1.00 10.91 ? 82  HIS A CG  1 
ATOM   634  N ND1 . HIS A 1 102 ? 3.891   -4.343  -4.311  1.00 16.09 ? 82  HIS A ND1 1 
ATOM   635  C CD2 . HIS A 1 102 ? 4.839   -2.935  -2.920  1.00 10.11 ? 82  HIS A CD2 1 
ATOM   636  C CE1 . HIS A 1 102 ? 5.020   -4.891  -3.899  1.00 7.24  ? 82  HIS A CE1 1 
ATOM   637  N NE2 . HIS A 1 102 ? 5.642   -4.043  -3.114  1.00 16.25 ? 82  HIS A NE2 1 
ATOM   638  N N   . GLN A 1 103 ? 3.124   -1.065  -6.609  1.00 11.23 ? 83  GLN A N   1 
ATOM   639  C CA  . GLN A 1 103 ? 3.857   -1.091  -7.879  1.00 10.58 ? 83  GLN A CA  1 
ATOM   640  C C   . GLN A 1 103 ? 4.271   0.310   -8.345  1.00 10.80 ? 83  GLN A C   1 
ATOM   641  O O   . GLN A 1 103 ? 5.421   0.523   -8.811  1.00 10.23 ? 83  GLN A O   1 
ATOM   642  C CB  . GLN A 1 103 ? 3.040   -1.771  -8.966  1.00 10.93 ? 83  GLN A CB  1 
ATOM   643  C CG  . GLN A 1 103 ? 2.778   -3.254  -8.716  1.00 11.71 ? 83  GLN A CG  1 
ATOM   644  C CD  . GLN A 1 103 ? 1.524   -3.831  -9.313  1.00 17.86 ? 83  GLN A CD  1 
ATOM   645  O OE1 . GLN A 1 103 ? 1.018   -3.333  -10.324 1.00 16.39 ? 83  GLN A OE1 1 
ATOM   646  N NE2 . GLN A 1 103 ? 1.054   -4.983  -8.730  1.00 18.12 ? 83  GLN A NE2 1 
ATOM   647  N N   . LEU A 1 104 ? 3.372   1.287   -8.149  1.00 10.10 ? 84  LEU A N   1 
ATOM   648  C CA  . LEU A 1 104 ? 3.745   2.643   -8.585  1.00 10.52 ? 84  LEU A CA  1 
ATOM   649  C C   . LEU A 1 104 ? 4.828   3.241   -7.704  1.00 10.28 ? 84  LEU A C   1 
ATOM   650  O O   . LEU A 1 104 ? 5.715   3.969   -8.187  1.00 8.86  ? 84  LEU A O   1 
ATOM   651  C CB  . LEU A 1 104 ? 2.495   3.527   -8.698  1.00 11.14 ? 84  LEU A CB  1 
ATOM   652  C CG  . LEU A 1 104 ? 1.931   4.185   -7.381  1.00 11.86 ? 84  LEU A CG  1 
ATOM   653  C CD1 . LEU A 1 104 ? 2.654   5.462   -7.079  1.00 11.99 ? 84  LEU A CD1 1 
ATOM   654  C CD2 . LEU A 1 104 ? 0.475   4.494   -7.507  1.00 13.01 ? 84  LEU A CD2 1 
ATOM   655  N N   . ILE A 1 105 ? 4.769   2.969   -6.396  1.00 10.41 ? 85  ILE A N   1 
ATOM   656  C CA  . ILE A 1 105 ? 5.866   3.333   -5.508  1.00 11.10 ? 85  ILE A CA  1 
ATOM   657  C C   . ILE A 1 105 ? 7.186   2.682   -5.949  1.00 11.48 ? 85  ILE A C   1 
ATOM   658  O O   . ILE A 1 105 ? 8.218   3.349   -6.039  1.00 10.15 ? 85  ILE A O   1 
ATOM   659  C CB  . ILE A 1 105 ? 5.549   2.913   -4.087  1.00 11.12 ? 85  ILE A CB  1 
ATOM   660  C CG1 . ILE A 1 105 ? 4.409   3.768   -3.508  1.00 11.87 ? 85  ILE A CG1 1 
ATOM   661  C CG2 . ILE A 1 105 ? 6.723   3.061   -3.144  1.00 12.09 ? 85  ILE A CG2 1 
ATOM   662  C CD1 . ILE A 1 105 ? 3.802   3.343   -2.237  1.00 10.67 ? 85  ILE A CD1 1 
ATOM   663  N N   . ALA A 1 106 ? 7.142   1.377   -6.247  1.00 11.24 ? 86  ALA A N   1 
ATOM   664  C CA  . ALA A 1 106 ? 8.331   0.738   -6.719  1.00 10.74 ? 86  ALA A CA  1 
ATOM   665  C C   . ALA A 1 106 ? 8.969   1.387   -7.961  1.00 11.57 ? 86  ALA A C   1 
ATOM   666  O O   . ALA A 1 106 ? 10.182  1.579   -8.002  1.00 11.42 ? 86  ALA A O   1 
ATOM   667  C CB  . ALA A 1 106 ? 8.121   -0.792  -6.973  1.00 12.42 ? 86  ALA A CB  1 
ATOM   668  N N   . LYS A 1 107 ? 8.164   1.665   -8.954  1.00 8.81  ? 87  LYS A N   1 
ATOM   669  C CA  . LYS A 1 107 ? 8.616   2.313   -10.165 1.00 10.49 ? 87  LYS A CA  1 
ATOM   670  C C   . LYS A 1 107 ? 9.169   3.679   -9.919  1.00 8.70  ? 87  LYS A C   1 
ATOM   671  O O   . LYS A 1 107 ? 10.297  4.027   -10.413 1.00 8.07  ? 87  LYS A O   1 
ATOM   672  C CB  . LYS A 1 107 ? 7.477   2.397   -11.168 1.00 10.82 ? 87  LYS A CB  1 
ATOM   673  C CG  . LYS A 1 107 ? 7.927   2.747   -12.548 1.00 17.81 ? 87  LYS A CG  1 
ATOM   674  C CD  . LYS A 1 107 ? 6.939   2.373   -13.687 1.00 24.21 ? 87  LYS A CD  1 
ATOM   675  C CE  . LYS A 1 107 ? 7.624   2.542   -15.029 1.00 29.40 ? 87  LYS A CE  1 
ATOM   676  N NZ  . LYS A 1 107 ? 6.680   3.098   -16.061 1.00 32.98 ? 87  LYS A NZ  1 
ATOM   677  N N   . PHE A 1 108 ? 8.442   4.456   -9.109  1.00 8.33  ? 88  PHE A N   1 
ATOM   678  C CA  . PHE A 1 108 ? 8.886   5.840   -8.867  1.00 7.22  ? 88  PHE A CA  1 
ATOM   679  C C   . PHE A 1 108 ? 10.262  5.859   -8.235  1.00 8.47  ? 88  PHE A C   1 
ATOM   680  O O   . PHE A 1 108 ? 11.133  6.658   -8.667  1.00 8.35  ? 88  PHE A O   1 
ATOM   681  C CB  . PHE A 1 108 ? 7.912   6.562   -7.940  1.00 8.90  ? 88  PHE A CB  1 
ATOM   682  C CG  . PHE A 1 108 ? 8.354   7.949   -7.619  1.00 7.94  ? 88  PHE A CG  1 
ATOM   683  C CD1 . PHE A 1 108 ? 8.027   9.029   -8.473  1.00 10.99 ? 88  PHE A CD1 1 
ATOM   684  C CD2 . PHE A 1 108 ? 9.205   8.203   -6.569  1.00 9.37  ? 88  PHE A CD2 1 
ATOM   685  C CE1 . PHE A 1 108 ? 8.457   10.218  -8.219  1.00 8.59  ? 88  PHE A CE1 1 
ATOM   686  C CE2 . PHE A 1 108 ? 9.665   9.564   -6.338  1.00 9.56  ? 88  PHE A CE2 1 
ATOM   687  C CZ  . PHE A 1 108 ? 9.291   10.483  -7.196  1.00 9.07  ? 88  PHE A CZ  1 
ATOM   688  N N   . PHE A 1 109 ? 10.505  4.960   -7.258  1.00 8.87  ? 89  PHE A N   1 
ATOM   689  C CA  . PHE A 1 109 ? 11.750  4.944   -6.446  1.00 10.59 ? 89  PHE A CA  1 
ATOM   690  C C   . PHE A 1 109 ? 12.924  4.207   -7.104  1.00 9.49  ? 89  PHE A C   1 
ATOM   691  O O   . PHE A 1 109 ? 14.032  4.134   -6.574  1.00 9.83  ? 89  PHE A O   1 
ATOM   692  C CB  . PHE A 1 109 ? 11.458  4.485   -5.038  1.00 10.60 ? 89  PHE A CB  1 
ATOM   693  C CG  . PHE A 1 109 ? 10.846  5.541   -4.168  1.00 10.47 ? 89  PHE A CG  1 
ATOM   694  C CD1 . PHE A 1 109 ? 11.638  6.507   -3.613  1.00 8.91  ? 89  PHE A CD1 1 
ATOM   695  C CD2 . PHE A 1 109 ? 9.503   5.561   -3.913  1.00 10.65 ? 89  PHE A CD2 1 
ATOM   696  C CE1 . PHE A 1 109 ? 11.090  7.550   -2.826  1.00 11.53 ? 89  PHE A CE1 1 
ATOM   697  C CE2 . PHE A 1 109 ? 8.919   6.543   -3.133  1.00 11.85 ? 89  PHE A CE2 1 
ATOM   698  C CZ  . PHE A 1 109 ? 9.733   7.571   -2.579  1.00 11.40 ? 89  PHE A CZ  1 
ATOM   699  N N   . GLY A 1 110 ? 12.709  3.750   -8.341  1.00 8.43  ? 90  GLY A N   1 
ATOM   700  C CA  . GLY A 1 110 ? 13.738  3.218   -9.157  1.00 8.80  ? 90  GLY A CA  1 
ATOM   701  C C   . GLY A 1 110 ? 13.808  1.700   -9.281  1.00 9.58  ? 90  GLY A C   1 
ATOM   702  O O   . GLY A 1 110 ? 14.818  1.183   -9.748  1.00 7.56  ? 90  GLY A O   1 
ATOM   703  N N   . GLY A 1 111 ? 12.780  1.025   -8.824  1.00 8.47  ? 91  GLY A N   1 
ATOM   704  C CA  . GLY A 1 111 ? 12.598  -0.408  -9.022  1.00 10.06 ? 91  GLY A CA  1 
ATOM   705  C C   . GLY A 1 111 ? 11.903  -0.713  -10.361 1.00 9.98  ? 91  GLY A C   1 
ATOM   706  O O   . GLY A 1 111 ? 11.811  0.173   -11.221 1.00 9.75  ? 91  GLY A O   1 
ATOM   707  N N   . LYS A 1 112 ? 11.488  -1.948  -10.577 1.00 9.31  ? 92  LYS A N   1 
ATOM   708  C CA  . LYS A 1 112 ? 10.892  -2.410  -11.861 1.00 8.29  ? 92  LYS A CA  1 
ATOM   709  C C   . LYS A 1 112 ? 9.705   -3.296  -11.574 1.00 10.43 ? 92  LYS A C   1 
ATOM   710  O O   . LYS A 1 112 ? 9.677   -4.017  -10.573 1.00 9.18  ? 92  LYS A O   1 
ATOM   711  C CB  . LYS A 1 112 ? 11.895  -3.157  -12.717 1.00 9.40  ? 92  LYS A CB  1 
ATOM   712  C CG  . LYS A 1 112 ? 13.149  -2.323  -13.082 1.00 14.29 ? 92  LYS A CG  1 
ATOM   713  C CD  . LYS A 1 112 ? 12.847  -1.045  -13.952 1.00 21.33 ? 92  LYS A CD  1 
ATOM   714  C CE  . LYS A 1 112 ? 14.180  -0.209  -14.227 1.00 24.55 ? 92  LYS A CE  1 
ATOM   715  N NZ  . LYS A 1 112 ? 15.021  -1.094  -15.126 1.00 27.85 ? 92  LYS A NZ  1 
ATOM   716  N N   . VAL A 1 113 ? 8.665   -3.186  -12.429 1.00 10.82 ? 93  VAL A N   1 
ATOM   717  C CA  . VAL A 1 113 ? 7.442   -3.953  -12.269 1.00 9.46  ? 93  VAL A CA  1 
ATOM   718  C C   . VAL A 1 113 ? 7.238   -4.751  -13.514 1.00 9.09  ? 93  VAL A C   1 
ATOM   719  O O   . VAL A 1 113 ? 7.610   -4.317  -14.627 1.00 8.48  ? 93  VAL A O   1 
ATOM   720  C CB  . VAL A 1 113 ? 6.248   -2.954  -12.030 1.00 10.85 ? 93  VAL A CB  1 
ATOM   721  C CG1 . VAL A 1 113 ? 4.919   -3.642  -12.089 1.00 14.96 ? 93  VAL A CG1 1 
ATOM   722  C CG2 . VAL A 1 113 ? 6.386   -2.258  -10.775 1.00 12.44 ? 93  VAL A CG2 1 
ATOM   723  N N   . GLY A 1 114 ? 6.686   -5.952  -13.420 1.00 7.53  ? 94  GLY A N   1 
ATOM   724  C CA  . GLY A 1 114 ? 6.448   -6.729  -14.613 1.00 9.31  ? 94  GLY A CA  1 
ATOM   725  C C   . GLY A 1 114 ? 5.416   -7.823  -14.339 1.00 8.15  ? 94  GLY A C   1 
ATOM   726  O O   . GLY A 1 114 ? 4.911   -7.835  -13.255 1.00 9.12  ? 94  GLY A O   1 
ATOM   727  N N   . ARG A 1 115 ? 5.122   -8.678  -15.304 1.00 10.08 ? 95  ARG A N   1 
ATOM   728  C CA  . ARG A 1 115 ? 4.068   -9.668  -15.088 1.00 10.81 ? 95  ARG A CA  1 
ATOM   729  C C   . ARG A 1 115 ? 4.540   -10.768 -14.157 1.00 11.31 ? 95  ARG A C   1 
ATOM   730  O O   . ARG A 1 115 ? 5.706   -11.257 -14.237 1.00 9.18  ? 95  ARG A O   1 
ATOM   731  C CB  . ARG A 1 115 ? 3.589   -10.276 -16.377 1.00 12.48 ? 95  ARG A CB  1 
ATOM   732  C CG  . ARG A 1 115 ? 3.053   -9.231  -17.393 1.00 16.73 ? 95  ARG A CG  1 
ATOM   733  C CD  . ARG A 1 115 ? 4.167   -8.828  -18.353 1.00 26.17 ? 95  ARG A CD  1 
ATOM   734  N NE  . ARG A 1 115 ? 3.969   -8.987  -19.828 1.00 26.05 ? 95  ARG A NE  1 
ATOM   735  C CZ  . ARG A 1 115 ? 4.978   -9.116  -20.702 1.00 27.94 ? 95  ARG A CZ  1 
ATOM   736  N NH1 . ARG A 1 115 ? 4.766   -9.160  -22.012 1.00 33.56 ? 95  ARG A NH1 1 
ATOM   737  N NH2 . ARG A 1 115 ? 6.232   -9.265  -20.294 1.00 31.60 ? 95  ARG A NH2 1 
ATOM   738  N N   . GLY A 1 116 ? 3.635   -11.172 -13.255 1.00 10.86 ? 96  GLY A N   1 
ATOM   739  C CA  . GLY A 1 116 ? 3.853   -12.387 -12.460 1.00 11.88 ? 96  GLY A CA  1 
ATOM   740  C C   . GLY A 1 116 ? 3.251   -13.675 -13.008 1.00 15.06 ? 96  GLY A C   1 
ATOM   741  O O   . GLY A 1 116 ? 2.775   -13.725 -14.113 1.00 13.32 ? 96  GLY A O   1 
ATOM   742  N N   . GLU A 1 117 ? 3.291   -14.728 -12.196 1.00 19.54 ? 97  GLU A N   1 
ATOM   743  C CA  . GLU A 1 117 ? 2.867   -16.078 -12.562 1.00 23.06 ? 97  GLU A CA  1 
ATOM   744  C C   . GLU A 1 117 ? 1.654   -16.481 -11.805 1.00 26.42 ? 97  GLU A C   1 
ATOM   745  O O   . GLU A 1 117 ? 1.721   -17.490 -11.029 1.00 32.27 ? 97  GLU A O   1 
ATOM   746  C CB  . GLU A 1 117 ? 3.884   -17.177 -12.199 1.00 24.91 ? 97  GLU A CB  1 
ATOM   747  C CG  . GLU A 1 117 ? 3.432   -18.687 -12.420 1.00 30.77 ? 97  GLU A CG  1 
ATOM   748  C CD  . GLU A 1 117 ? 2.510   -19.029 -13.670 1.00 39.40 ? 97  GLU A CD  1 
ATOM   749  O OE1 . GLU A 1 117 ? 2.355   -20.272 -14.051 1.00 40.60 ? 97  GLU A OE1 1 
ATOM   750  O OE2 . GLU A 1 117 ? 1.936   -18.098 -14.326 1.00 45.80 ? 97  GLU A OE2 1 
ATOM   751  N N   . LYS A 1 118 ? 0.546   -15.835 -12.061 1.00 25.43 ? 98  LYS A N   1 
ATOM   752  C CA  . LYS A 1 118 ? -0.760  -16.288 -11.514 1.00 24.48 ? 98  LYS A CA  1 
ATOM   753  C C   . LYS A 1 118 ? -1.543  -14.992 -11.556 1.00 21.81 ? 98  LYS A C   1 
ATOM   754  O O   . LYS A 1 118 ? -1.447  -14.241 -10.583 1.00 16.05 ? 98  LYS A O   1 
ATOM   755  C CB  . LYS A 1 118 ? -0.646  -16.720 -10.015 1.00 25.03 ? 98  LYS A CB  1 
ATOM   756  C CG  . LYS A 1 118 ? -1.446  -17.913 -9.590  1.00 29.36 ? 98  LYS A CG  1 
ATOM   757  C CD  . LYS A 1 118 ? -2.953  -17.587 -9.260  1.00 27.71 ? 98  LYS A CD  1 
ATOM   758  C CE  . LYS A 1 118 ? -3.654  -18.758 -8.516  1.00 28.40 ? 98  LYS A CE  1 
ATOM   759  N NZ  . LYS A 1 118 ? -4.772  -19.320 -9.285  1.00 28.63 ? 98  LYS A NZ  1 
ATOM   760  N N   . ALA A 1 119 ? -2.400  -14.828 -12.574 1.00 21.10 ? 99  ALA A N   1 
ATOM   761  C CA  . ALA A 1 119 ? -3.177  -13.591 -12.750 1.00 20.92 ? 99  ALA A CA  1 
ATOM   762  C C   . ALA A 1 119 ? -4.530  -13.560 -11.982 1.00 20.64 ? 99  ALA A C   1 
ATOM   763  O O   . ALA A 1 119 ? -5.036  -12.477 -11.629 1.00 21.31 ? 99  ALA A O   1 
ATOM   764  C CB  . ALA A 1 119 ? -3.432  -13.399 -14.203 1.00 21.47 ? 99  ALA A CB  1 
ATOM   765  N N   . GLU A 1 120 ? -5.081  -14.726 -11.706 1.00 17.13 ? 100 GLU A N   1 
ATOM   766  C CA  . GLU A 1 120 ? -6.313  -14.823 -10.961 1.00 18.84 ? 100 GLU A CA  1 
ATOM   767  C C   . GLU A 1 120 ? -6.084  -14.494 -9.511  1.00 16.99 ? 100 GLU A C   1 
ATOM   768  O O   . GLU A 1 120 ? -4.972  -14.619 -8.979  1.00 17.97 ? 100 GLU A O   1 
ATOM   769  C CB  . GLU A 1 120 ? -6.943  -16.219 -11.114 1.00 19.17 ? 100 GLU A CB  1 
ATOM   770  C CG  . GLU A 1 120 ? -7.749  -16.387 -12.398 1.00 26.13 ? 100 GLU A CG  1 
ATOM   771  C CD  . GLU A 1 120 ? -8.586  -17.668 -12.449 1.00 30.88 ? 100 GLU A CD  1 
ATOM   772  O OE1 . GLU A 1 120 ? -9.844  -17.595 -12.383 1.00 35.61 ? 100 GLU A OE1 1 
ATOM   773  O OE2 . GLU A 1 120 ? -7.988  -18.757 -12.587 1.00 37.57 ? 100 GLU A OE2 1 
ATOM   774  N N   . TYR A 1 121 ? -7.115  -13.961 -8.885  1.00 16.63 ? 101 TYR A N   1 
ATOM   775  C CA  . TYR A 1 121 ? -7.042  -13.711 -7.489  1.00 14.98 ? 101 TYR A CA  1 
ATOM   776  C C   . TYR A 1 121 ? -7.210  -15.038 -6.795  1.00 16.12 ? 101 TYR A C   1 
ATOM   777  O O   . TYR A 1 121 ? -7.933  -15.914 -7.278  1.00 12.81 ? 101 TYR A O   1 
ATOM   778  C CB  . TYR A 1 121 ? -8.128  -12.790 -7.045  1.00 16.39 ? 101 TYR A CB  1 
ATOM   779  C CG  . TYR A 1 121 ? -7.892  -11.346 -7.269  1.00 14.29 ? 101 TYR A CG  1 
ATOM   780  C CD1 . TYR A 1 121 ? -7.185  -10.593 -6.406  1.00 14.62 ? 101 TYR A CD1 1 
ATOM   781  C CD2 . TYR A 1 121 ? -8.467  -10.725 -8.347  1.00 23.73 ? 101 TYR A CD2 1 
ATOM   782  C CE1 . TYR A 1 121 ? -7.001  -9.218  -6.622  1.00 18.44 ? 101 TYR A CE1 1 
ATOM   783  C CE2 . TYR A 1 121 ? -8.309  -9.387  -8.569  1.00 24.17 ? 101 TYR A CE2 1 
ATOM   784  C CZ  . TYR A 1 121 ? -7.603  -8.637  -7.737  1.00 22.48 ? 101 TYR A CZ  1 
ATOM   785  O OH  . TYR A 1 121 ? -7.585  -7.283  -8.076  1.00 28.97 ? 101 TYR A OH  1 
ATOM   786  N N   . SER A 1 122 ? -6.494  -15.193 -5.680  1.00 14.73 ? 102 SER A N   1 
ATOM   787  C CA  . SER A 1 122 ? -6.662  -16.311 -4.752  1.00 15.68 ? 102 SER A CA  1 
ATOM   788  C C   . SER A 1 122 ? -6.027  -15.953 -3.391  1.00 14.35 ? 102 SER A C   1 
ATOM   789  O O   . SER A 1 122 ? -5.427  -14.908 -3.223  1.00 12.72 ? 102 SER A O   1 
ATOM   790  C CB  . SER A 1 122 ? -5.990  -17.589 -5.280  1.00 17.38 ? 102 SER A CB  1 
ATOM   791  O OG  . SER A 1 122 ? -4.573  -17.381 -5.277  1.00 15.65 ? 102 SER A OG  1 
ATOM   792  N N   . LEU A 1 123 ? -6.243  -16.849 -2.406  1.00 12.68 ? 103 LEU A N   1 
ATOM   793  C CA  . LEU A 1 123 ? -5.486  -16.697 -1.171  1.00 12.62 ? 103 LEU A CA  1 
ATOM   794  C C   . LEU A 1 123 ? -4.114  -17.330 -1.410  1.00 11.50 ? 103 LEU A C   1 
ATOM   795  O O   . LEU A 1 123 ? -4.062  -18.513 -1.835  1.00 7.96  ? 103 LEU A O   1 
ATOM   796  C CB  . LEU A 1 123 ? -6.161  -17.434 -0.010  1.00 13.21 ? 103 LEU A CB  1 
ATOM   797  C CG  . LEU A 1 123 ? -7.328  -16.768 0.656   1.00 14.42 ? 103 LEU A CG  1 
ATOM   798  C CD1 . LEU A 1 123 ? -7.892  -17.732 1.681   1.00 19.15 ? 103 LEU A CD1 1 
ATOM   799  C CD2 . LEU A 1 123 ? -6.923  -15.449 1.322   1.00 17.07 ? 103 LEU A CD2 1 
ATOM   800  N N   . VAL A 1 124 ? -3.088  -16.590 -1.055  1.00 9.91  ? 104 VAL A N   1 
ATOM   801  C CA  . VAL A 1 124 ? -1.688  -16.997 -1.189  1.00 11.34 ? 104 VAL A CA  1 
ATOM   802  C C   . VAL A 1 124 ? -1.005  -16.921 0.182   1.00 9.69  ? 104 VAL A C   1 
ATOM   803  O O   . VAL A 1 124 ? -1.190  -16.006 0.901   1.00 8.30  ? 104 VAL A O   1 
ATOM   804  C CB  . VAL A 1 124 ? -0.959  -16.091 -2.184  1.00 10.46 ? 104 VAL A CB  1 
ATOM   805  C CG1 . VAL A 1 124 ? 0.533   -16.455 -2.250  1.00 16.36 ? 104 VAL A CG1 1 
ATOM   806  C CG2 . VAL A 1 124 ? -1.619  -16.123 -3.599  1.00 12.07 ? 104 VAL A CG2 1 
ATOM   807  N N   . GLU A 1 125 ? -0.259  -17.956 0.563   1.00 9.55  ? 105 GLU A N   1 
ATOM   808  C CA  . GLU A 1 125 ? 0.501   -17.824 1.815   1.00 10.85 ? 105 GLU A CA  1 
ATOM   809  C C   . GLU A 1 125 ? 1.734   -16.975 1.690   1.00 9.91  ? 105 GLU A C   1 
ATOM   810  O O   . GLU A 1 125 ? 2.541   -17.231 0.788   1.00 8.79  ? 105 GLU A O   1 
ATOM   811  C CB  . GLU A 1 125 ? 0.948   -19.217 2.291   1.00 13.10 ? 105 GLU A CB  1 
ATOM   812  C CG  . GLU A 1 125 ? 1.383   -19.219 3.756   1.00 20.88 ? 105 GLU A CG  1 
ATOM   813  C CD  . GLU A 1 125 ? 0.220   -19.356 4.815   1.00 28.09 ? 105 GLU A CD  1 
ATOM   814  O OE1 . GLU A 1 125 ? -0.494  -20.378 5.028   1.00 28.75 ? 105 GLU A OE1 1 
ATOM   815  O OE2 . GLU A 1 125 ? 0.042   -18.371 5.545   1.00 38.49 ? 105 GLU A OE2 1 
ATOM   816  N N   . ILE A 1 126 ? 1.911   -15.997 2.569   1.00 7.49  ? 106 ILE A N   1 
ATOM   817  C CA  . ILE A 1 126 ? 3.144   -15.165 2.560   1.00 9.13  ? 106 ILE A CA  1 
ATOM   818  C C   . ILE A 1 126 ? 3.856   -15.432 3.861   1.00 10.83 ? 106 ILE A C   1 
ATOM   819  O O   . ILE A 1 126 ? 3.231   -15.955 4.835   1.00 8.75  ? 106 ILE A O   1 
ATOM   820  C CB  . ILE A 1 126 ? 2.880   -13.692 2.361   1.00 10.44 ? 106 ILE A CB  1 
ATOM   821  C CG1 . ILE A 1 126 ? 2.049   -13.037 3.518   1.00 10.99 ? 106 ILE A CG1 1 
ATOM   822  C CG2 . ILE A 1 126 ? 2.115   -13.484 1.006   1.00 10.98 ? 106 ILE A CG2 1 
ATOM   823  C CD1 . ILE A 1 126 ? 2.040   -11.489 3.468   1.00 13.49 ? 106 ILE A CD1 1 
ATOM   824  N N   . GLU A 1 127 ? 5.140   -15.161 3.859   1.00 8.58  ? 107 GLU A N   1 
ATOM   825  C CA  . GLU A 1 127 ? 6.017   -15.302 5.006   1.00 9.54  ? 107 GLU A CA  1 
ATOM   826  C C   . GLU A 1 127 ? 6.488   -13.888 5.306   1.00 10.04 ? 107 GLU A C   1 
ATOM   827  O O   . GLU A 1 127 ? 7.012   -13.207 4.416   1.00 9.13  ? 107 GLU A O   1 
ATOM   828  C CB  . GLU A 1 127 ? 7.221   -16.086 4.646   1.00 10.91 ? 107 GLU A CB  1 
ATOM   829  C CG  . GLU A 1 127 ? 8.169   -16.269 5.859   1.00 16.73 ? 107 GLU A CG  1 
ATOM   830  C CD  . GLU A 1 127 ? 9.522   -16.921 5.610   1.00 22.93 ? 107 GLU A CD  1 
ATOM   831  O OE1 . GLU A 1 127 ? 9.892   -17.317 4.467   1.00 18.56 ? 107 GLU A OE1 1 
ATOM   832  O OE2 . GLU A 1 127 ? 10.251  -17.059 6.630   1.00 20.04 ? 107 GLU A OE2 1 
ATOM   833  N N   . ILE A 1 128 ? 6.279   -13.440 6.533   1.00 9.03  ? 108 ILE A N   1 
ATOM   834  C CA  . ILE A 1 128 ? 6.748   -12.166 6.979   1.00 9.16  ? 108 ILE A CA  1 
ATOM   835  C C   . ILE A 1 128 ? 8.166   -12.333 7.448   1.00 9.33  ? 108 ILE A C   1 
ATOM   836  O O   . ILE A 1 128 ? 8.499   -13.127 8.353   1.00 10.32 ? 108 ILE A O   1 
ATOM   837  C CB  . ILE A 1 128 ? 5.799   -11.575 8.114   1.00 10.63 ? 108 ILE A CB  1 
ATOM   838  C CG1 . ILE A 1 128 ? 4.436   -11.308 7.502   1.00 15.77 ? 108 ILE A CG1 1 
ATOM   839  C CG2 . ILE A 1 128 ? 6.483   -10.319 8.782   1.00 12.89 ? 108 ILE A CG2 1 
ATOM   840  C CD1 . ILE A 1 128 ? 3.387   -11.070 8.554   1.00 20.91 ? 108 ILE A CD1 1 
ATOM   841  N N   . ILE A 1 129 ? 9.073   -11.663 6.759   1.00 11.02 ? 109 ILE A N   1 
ATOM   842  C CA  . ILE A 1 129 ? 10.494  -11.783 7.106   1.00 12.15 ? 109 ILE A CA  1 
ATOM   843  C C   . ILE A 1 129 ? 11.042  -10.643 7.987   1.00 12.50 ? 109 ILE A C   1 
ATOM   844  O O   . ILE A 1 129 ? 12.154  -10.733 8.531   1.00 10.22 ? 109 ILE A O   1 
ATOM   845  C CB  . ILE A 1 129 ? 11.368  -11.958 5.849   1.00 14.58 ? 109 ILE A CB  1 
ATOM   846  C CG1 . ILE A 1 129 ? 11.299  -10.804 4.913   1.00 17.80 ? 109 ILE A CG1 1 
ATOM   847  C CG2 . ILE A 1 129 ? 11.066  -13.284 5.089   1.00 17.28 ? 109 ILE A CG2 1 
ATOM   848  C CD1 . ILE A 1 129 ? 12.489  -10.701 4.095   1.00 20.25 ? 109 ILE A CD1 1 
ATOM   849  N N   . ASP A 1 130 ? 10.289  -9.548  8.068   1.00 12.59 ? 110 ASP A N   1 
ATOM   850  C CA  . ASP A 1 130 ? 10.658  -8.417  8.931   1.00 14.81 ? 110 ASP A CA  1 
ATOM   851  C C   . ASP A 1 130 ? 9.361   -7.784  9.387   1.00 13.05 ? 110 ASP A C   1 
ATOM   852  O O   . ASP A 1 130 ? 8.630   -7.126  8.616   1.00 13.01 ? 110 ASP A O   1 
ATOM   853  C CB  . ASP A 1 130 ? 11.481  -7.406  8.087   1.00 16.07 ? 110 ASP A CB  1 
ATOM   854  C CG  . ASP A 1 130 ? 11.960  -6.163  8.868   1.00 19.51 ? 110 ASP A CG  1 
ATOM   855  O OD1 . ASP A 1 130 ? 11.565  -5.941  10.022  1.00 20.62 ? 110 ASP A OD1 1 
ATOM   856  O OD2 . ASP A 1 130 ? 12.785  -5.378  8.355   1.00 22.97 ? 110 ASP A OD2 1 
ATOM   857  N N   . GLU A 1 131 ? 9.024   -7.985  10.634  1.00 12.90 ? 111 GLU A N   1 
ATOM   858  C CA  . GLU A 1 131 ? 7.703   -7.525  11.042  1.00 14.17 ? 111 GLU A CA  1 
ATOM   859  C C   . GLU A 1 131 ? 7.594   -5.984  10.987  1.00 13.22 ? 111 GLU A C   1 
ATOM   860  O O   . GLU A 1 131 ? 6.485   -5.419  10.799  1.00 12.24 ? 111 GLU A O   1 
ATOM   861  C CB  . GLU A 1 131 ? 7.300   -8.156  12.374  1.00 17.96 ? 111 GLU A CB  1 
ATOM   862  C CG  . GLU A 1 131 ? 7.463   -7.290  13.585  1.00 21.14 ? 111 GLU A CG  1 
ATOM   863  C CD  . GLU A 1 131 ? 7.253   -8.056  14.897  1.00 26.96 ? 111 GLU A CD  1 
ATOM   864  O OE1 . GLU A 1 131 ? 6.122   -8.564  15.151  1.00 23.48 ? 111 GLU A OE1 1 
ATOM   865  O OE2 . GLU A 1 131 ? 8.256   -8.125  15.679  1.00 28.71 ? 111 GLU A OE2 1 
ATOM   866  N N   . ASP A 1 132 ? 8.680   -5.236  11.138  1.00 12.77 ? 112 ASP A N   1 
ATOM   867  C CA  . ASP A 1 132 ? 8.772   -3.769  10.992  1.00 13.49 ? 112 ASP A CA  1 
ATOM   868  C C   . ASP A 1 132 ? 7.633   -3.105  11.731  1.00 14.76 ? 112 ASP A C   1 
ATOM   869  O O   . ASP A 1 132 ? 7.422   -3.346  12.923  1.00 13.67 ? 112 ASP A O   1 
ATOM   870  C CB  . ASP A 1 132 ? 8.561   -3.488  9.562   1.00 14.25 ? 112 ASP A CB  1 
ATOM   871  N N   . GLU A 1 133 ? 6.802   -2.392  10.960  1.00 15.09 ? 113 GLU A N   1 
ATOM   872  C CA  . GLU A 1 133 ? 5.639   -1.700  11.525  1.00 13.50 ? 113 GLU A CA  1 
ATOM   873  C C   . GLU A 1 133 ? 4.297   -2.246  11.129  1.00 12.84 ? 113 GLU A C   1 
ATOM   874  O O   . GLU A 1 133 ? 3.478   -2.527  12.026  1.00 12.50 ? 113 GLU A O   1 
ATOM   875  C CB  . GLU A 1 133 ? 5.721   -0.225  11.149  1.00 14.26 ? 113 GLU A CB  1 
ATOM   876  C CG  . GLU A 1 133 ? 6.892   0.537   11.753  1.00 15.62 ? 113 GLU A CG  1 
ATOM   877  C CD  . GLU A 1 133 ? 8.195   0.158   11.058  1.00 23.10 ? 113 GLU A CD  1 
ATOM   878  O OE1 . GLU A 1 133 ? 9.091   -0.361  11.791  1.00 19.20 ? 113 GLU A OE1 1 
ATOM   879  O OE2 . GLU A 1 133 ? 8.294   0.282   9.764   1.00 19.89 ? 113 GLU A OE2 1 
ATOM   880  N N   . ILE A 1 134 ? 4.014   -2.464  9.857   1.00 13.13 ? 114 ILE A N   1 
ATOM   881  C CA  . ILE A 1 134 ? 2.663   -2.831  9.477   1.00 13.88 ? 114 ILE A CA  1 
ATOM   882  C C   . ILE A 1 134 ? 2.319   -4.289  9.866   1.00 14.45 ? 114 ILE A C   1 
ATOM   883  O O   . ILE A 1 134 ? 1.135   -4.650  9.865   1.00 12.51 ? 114 ILE A O   1 
ATOM   884  C CB  . ILE A 1 134 ? 2.373   -2.573  7.967   1.00 16.19 ? 114 ILE A CB  1 
ATOM   885  C CG1 . ILE A 1 134 ? 3.370   -3.313  7.058   1.00 17.65 ? 114 ILE A CG1 1 
ATOM   886  C CG2 . ILE A 1 134 ? 2.362   -1.086  7.642   1.00 15.38 ? 114 ILE A CG2 1 
ATOM   887  C CD1 . ILE A 1 134 ? 3.091   -3.207  5.538   1.00 16.17 ? 114 ILE A CD1 1 
ATOM   888  N N   . PHE A 1 135 ? 3.340   -5.102  10.167  1.00 13.53 ? 115 PHE A N   1 
ATOM   889  C CA  . PHE A 1 135 ? 3.164   -6.528  10.557  1.00 12.79 ? 115 PHE A CA  1 
ATOM   890  C C   . PHE A 1 135 ? 3.482   -6.748  11.999  1.00 12.74 ? 115 PHE A C   1 
ATOM   891  O O   . PHE A 1 135 ? 3.574   -7.879  12.456  1.00 13.66 ? 115 PHE A O   1 
ATOM   892  C CB  . PHE A 1 135 ? 4.008   -7.460  9.708   1.00 13.07 ? 115 PHE A CB  1 
ATOM   893  C CG  . PHE A 1 135 ? 3.752   -7.357  8.258   1.00 12.72 ? 115 PHE A CG  1 
ATOM   894  C CD1 . PHE A 1 135 ? 2.476   -7.562  7.737   1.00 21.52 ? 115 PHE A CD1 1 
ATOM   895  C CD2 . PHE A 1 135 ? 4.762   -7.059  7.379   1.00 9.88  ? 115 PHE A CD2 1 
ATOM   896  C CE1 . PHE A 1 135 ? 2.233   -7.453  6.300   1.00 25.65 ? 115 PHE A CE1 1 
ATOM   897  C CE2 . PHE A 1 135 ? 4.561   -6.940  6.023   1.00 16.30 ? 115 PHE A CE2 1 
ATOM   898  C CZ  . PHE A 1 135 ? 3.289   -7.109  5.445   1.00 19.66 ? 115 PHE A CZ  1 
ATOM   899  N N   . LYS A 1 136 ? 3.487   -5.656  12.781  1.00 13.47 ? 116 LYS A N   1 
ATOM   900  C CA  . LYS A 1 136 ? 3.828   -5.783  14.159  1.00 15.38 ? 116 LYS A CA  1 
ATOM   901  C C   . LYS A 1 136 ? 2.773   -6.636  14.888  1.00 14.49 ? 116 LYS A C   1 
ATOM   902  O O   . LYS A 1 136 ? 1.595   -6.434  14.764  1.00 13.72 ? 116 LYS A O   1 
ATOM   903  C CB  . LYS A 1 136 ? 3.955   -4.405  14.870  1.00 17.61 ? 116 LYS A CB  1 
ATOM   904  C CG  . LYS A 1 136 ? 5.318   -4.182  15.504  1.00 24.27 ? 116 LYS A CG  1 
ATOM   905  C CD  . LYS A 1 136 ? 5.269   -3.321  16.804  1.00 29.28 ? 116 LYS A CD  1 
ATOM   906  C CE  . LYS A 1 136 ? 5.562   -4.113  18.084  1.00 33.99 ? 116 LYS A CE  1 
ATOM   907  N NZ  . LYS A 1 136 ? 4.781   -3.678  19.306  1.00 35.02 ? 116 LYS A NZ  1 
ATOM   908  N N   . GLY A 1 137 ? 3.236   -7.603  15.652  1.00 15.80 ? 117 GLY A N   1 
ATOM   909  C CA  . GLY A 1 137 ? 2.351   -8.415  16.451  1.00 16.18 ? 117 GLY A CA  1 
ATOM   910  C C   . GLY A 1 137 ? 1.592   -9.532  15.738  1.00 16.92 ? 117 GLY A C   1 
ATOM   911  O O   . GLY A 1 137 ? 0.761   -10.244 16.373  1.00 18.17 ? 117 GLY A O   1 
ATOM   912  N N   . LEU A 1 138 ? 1.864   -9.693  14.460  1.00 15.77 ? 118 LEU A N   1 
ATOM   913  C CA  . LEU A 1 138 ? 1.189   -10.647 13.611  1.00 17.11 ? 118 LEU A CA  1 
ATOM   914  C C   . LEU A 1 138 ? 2.026   -11.941 13.492  1.00 17.04 ? 118 LEU A C   1 
ATOM   915  O O   . LEU A 1 138 ? 3.242   -11.962 13.755  1.00 14.64 ? 118 LEU A O   1 
ATOM   916  C CB  . LEU A 1 138 ? 0.937   -10.034 12.235  1.00 18.21 ? 118 LEU A CB  1 
ATOM   917  C CG  . LEU A 1 138 ? 0.072   -8.779  12.327  1.00 19.48 ? 118 LEU A CG  1 
ATOM   918  C CD1 . LEU A 1 138 ? -0.318  -8.363  10.985  1.00 21.31 ? 118 LEU A CD1 1 
ATOM   919  C CD2 . LEU A 1 138 ? -1.083  -8.950  13.229  1.00 20.15 ? 118 LEU A CD2 1 
ATOM   920  N N   . PRO A 1 139 ? 1.343   -13.038 13.165  1.00 15.82 ? 119 PRO A N   1 
ATOM   921  C CA  . PRO A 1 139 ? 1.997   -14.327 12.897  1.00 15.58 ? 119 PRO A CA  1 
ATOM   922  C C   . PRO A 1 139 ? 2.993   -14.199 11.731  1.00 15.39 ? 119 PRO A C   1 
ATOM   923  O O   . PRO A 1 139 ? 2.912   -13.216 10.947  1.00 16.16 ? 119 PRO A O   1 
ATOM   924  C CB  . PRO A 1 139 ? 0.820   -15.240 12.469  1.00 16.45 ? 119 PRO A CB  1 
ATOM   925  C CG  . PRO A 1 139 ? -0.441  -14.533 12.977  1.00 17.33 ? 119 PRO A CG  1 
ATOM   926  C CD  . PRO A 1 139 ? -0.104  -13.086 12.971  1.00 15.89 ? 119 PRO A CD  1 
ATOM   927  N N   . LYS A 1 140 ? 3.874   -15.192 11.612  1.00 15.80 ? 120 LYS A N   1 
ATOM   928  C CA  . LYS A 1 140 ? 4.967   -15.162 10.637  1.00 17.08 ? 120 LYS A CA  1 
ATOM   929  C C   . LYS A 1 140 ? 4.454   -15.548 9.260   1.00 16.12 ? 120 LYS A C   1 
ATOM   930  O O   . LYS A 1 140 ? 5.035   -15.130 8.284   1.00 14.23 ? 120 LYS A O   1 
ATOM   931  C CB  . LYS A 1 140 ? 6.100   -16.123 11.023  1.00 18.54 ? 120 LYS A CB  1 
ATOM   932  C CG  . LYS A 1 140 ? 6.689   -15.984 12.520  1.00 24.56 ? 120 LYS A CG  1 
ATOM   933  C CD  . LYS A 1 140 ? 6.032   -16.877 13.716  1.00 28.77 ? 120 LYS A CD  1 
ATOM   934  C CE  . LYS A 1 140 ? 5.253   -15.993 14.788  1.00 30.60 ? 120 LYS A CE  1 
ATOM   935  N NZ  . LYS A 1 140 ? 5.389   -14.396 14.550  1.00 31.12 ? 120 LYS A NZ  1 
ATOM   936  N N   . ARG A 1 141 ? 3.413   -16.390 9.191   1.00 13.66 ? 121 ARG A N   1 
ATOM   937  C CA  . ARG A 1 141 ? 2.794   -16.726 7.901   1.00 13.02 ? 121 ARG A CA  1 
ATOM   938  C C   . ARG A 1 141 ? 1.322   -16.296 7.925   1.00 13.93 ? 121 ARG A C   1 
ATOM   939  O O   . ARG A 1 141 ? 0.648   -16.489 8.909   1.00 11.56 ? 121 ARG A O   1 
ATOM   940  C CB  . ARG A 1 141 ? 2.953   -18.215 7.575   1.00 14.11 ? 121 ARG A CB  1 
ATOM   941  C CG  . ARG A 1 141 ? 4.466   -18.611 7.362   1.00 19.24 ? 121 ARG A CG  1 
ATOM   942  C CD  . ARG A 1 141 ? 4.807   -20.112 7.322   1.00 23.96 ? 121 ARG A CD  1 
ATOM   943  N NE  . ARG A 1 141 ? 6.287   -20.242 7.335   1.00 31.92 ? 121 ARG A NE  1 
ATOM   944  C CZ  . ARG A 1 141 ? 7.066   -20.094 6.265   1.00 30.67 ? 121 ARG A CZ  1 
ATOM   945  N NH1 . ARG A 1 141 ? 6.495   -19.874 5.086   1.00 33.36 ? 121 ARG A NH1 1 
ATOM   946  N NH2 . ARG A 1 141 ? 8.407   -20.205 6.352   1.00 29.93 ? 121 ARG A NH2 1 
ATOM   947  N N   . LEU A 1 142 ? 0.840   -15.784 6.815   1.00 13.76 ? 122 LEU A N   1 
ATOM   948  C CA  . LEU A 1 142 ? -0.529  -15.276 6.663   1.00 14.70 ? 122 LEU A CA  1 
ATOM   949  C C   . LEU A 1 142 ? -0.989  -15.674 5.258   1.00 15.06 ? 122 LEU A C   1 
ATOM   950  O O   . LEU A 1 142 ? -0.189  -15.601 4.348   1.00 13.70 ? 122 LEU A O   1 
ATOM   951  C CB  . LEU A 1 142 ? -0.580  -13.744 6.699   1.00 15.20 ? 122 LEU A CB  1 
ATOM   952  C CG  . LEU A 1 142 ? -0.217  -12.973 7.939   1.00 15.76 ? 122 LEU A CG  1 
ATOM   953  C CD1 . LEU A 1 142 ? -0.329  -11.497 7.666   1.00 20.24 ? 122 LEU A CD1 1 
ATOM   954  C CD2 . LEU A 1 142 ? -1.166  -13.371 8.926   1.00 15.13 ? 122 LEU A CD2 1 
ATOM   955  N N   . LYS A 1 143 ? -2.257  -16.052 5.080   1.00 12.37 ? 123 LYS A N   1 
ATOM   956  C CA  . LYS A 1 143 ? -2.843  -16.165 3.743   1.00 10.81 ? 123 LYS A CA  1 
ATOM   957  C C   . LYS A 1 143 ? -3.454  -14.832 3.408   1.00 11.23 ? 123 LYS A C   1 
ATOM   958  O O   . LYS A 1 143 ? -4.312  -14.330 4.153   1.00 12.81 ? 123 LYS A O   1 
ATOM   959  C CB  . LYS A 1 143 ? -3.911  -17.254 3.750   1.00 12.51 ? 123 LYS A CB  1 
ATOM   960  C CG  . LYS A 1 143 ? -3.345  -18.655 3.652   1.00 14.74 ? 123 LYS A CG  1 
ATOM   961  C CD  . LYS A 1 143 ? -4.374  -19.716 4.026   1.00 19.36 ? 123 LYS A CD  1 
ATOM   962  C CE  . LYS A 1 143 ? -3.747  -21.096 4.323   1.00 24.39 ? 123 LYS A CE  1 
ATOM   963  N NZ  . LYS A 1 143 ? -3.117  -21.241 5.717   1.00 26.31 ? 123 LYS A NZ  1 
ATOM   964  N N   . VAL A 1 144 ? -3.110  -14.275 2.254   1.00 8.86  ? 124 VAL A N   1 
ATOM   965  C CA  . VAL A 1 144 ? -3.561  -12.991 1.814   1.00 9.30  ? 124 VAL A CA  1 
ATOM   966  C C   . VAL A 1 144 ? -4.233  -13.039 0.468   1.00 9.45  ? 124 VAL A C   1 
ATOM   967  O O   . VAL A 1 144 ? -3.979  -13.938 -0.319  1.00 10.45 ? 124 VAL A O   1 
ATOM   968  C CB  . VAL A 1 144 ? -2.397  -11.973 1.743   1.00 9.91  ? 124 VAL A CB  1 
ATOM   969  C CG1 . VAL A 1 144 ? -1.713  -11.972 3.084   1.00 11.63 ? 124 VAL A CG1 1 
ATOM   970  C CG2 . VAL A 1 144 ? -1.471  -12.320 0.634   1.00 10.55 ? 124 VAL A CG2 1 
ATOM   971  N N   . TRP A 1 145 ? -5.192  -12.123 0.262   1.00 9.54  ? 125 TRP A N   1 
ATOM   972  C CA  . TRP A 1 145 ? -5.964  -12.044 -0.977  1.00 8.29  ? 125 TRP A CA  1 
ATOM   973  C C   . TRP A 1 145 ? -5.191  -11.197 -1.998  1.00 7.78  ? 125 TRP A C   1 
ATOM   974  O O   . TRP A 1 145 ? -4.893  -10.073 -1.787  1.00 10.16 ? 125 TRP A O   1 
ATOM   975  C CB  . TRP A 1 145 ? -7.296  -11.359 -0.764  1.00 8.76  ? 125 TRP A CB  1 
ATOM   976  C CG  . TRP A 1 145 ? -8.201  -11.419 -1.980  1.00 8.86  ? 125 TRP A CG  1 
ATOM   977  C CD1 . TRP A 1 145 ? -8.609  -10.332 -2.803  1.00 10.45 ? 125 TRP A CD1 1 
ATOM   978  C CD2 . TRP A 1 145 ? -8.836  -12.543 -2.465  1.00 10.27 ? 125 TRP A CD2 1 
ATOM   979  N NE1 . TRP A 1 145 ? -9.445  -10.785 -3.779  1.00 12.50 ? 125 TRP A NE1 1 
ATOM   980  C CE2 . TRP A 1 145 ? -9.652  -12.137 -3.569  1.00 13.09 ? 125 TRP A CE2 1 
ATOM   981  C CE3 . TRP A 1 145 ? -8.842  -13.898 -2.077  1.00 11.56 ? 125 TRP A CE3 1 
ATOM   982  C CZ2 . TRP A 1 145 ? -10.417 -13.042 -4.280  1.00 14.15 ? 125 TRP A CZ2 1 
ATOM   983  C CZ3 . TRP A 1 145 ? -9.622  -14.786 -2.788  1.00 16.45 ? 125 TRP A CZ3 1 
ATOM   984  C CH2 . TRP A 1 145 ? -10.408 -14.350 -3.878  1.00 17.58 ? 125 TRP A CH2 1 
ATOM   985  N N   . GLU A 1 146 ? -4.794  -11.818 -3.091  1.00 8.56  ? 126 GLU A N   1 
ATOM   986  C CA  . GLU A 1 146 ? -3.938  -11.157 -4.061  1.00 8.56  ? 126 GLU A CA  1 
ATOM   987  C C   . GLU A 1 146 ? -3.929  -11.820 -5.432  1.00 8.49  ? 126 GLU A C   1 
ATOM   988  O O   . GLU A 1 146 ? -4.298  -13.006 -5.621  1.00 9.24  ? 126 GLU A O   1 
ATOM   989  C CB  . GLU A 1 146 ? -2.489  -11.067 -3.546  1.00 9.47  ? 126 GLU A CB  1 
ATOM   990  C CG  . GLU A 1 146 ? -1.751  -12.402 -3.510  1.00 11.12 ? 126 GLU A CG  1 
ATOM   991  C CD  . GLU A 1 146 ? -0.322  -12.214 -3.059  1.00 14.50 ? 126 GLU A CD  1 
ATOM   992  O OE1 . GLU A 1 146 ? 0.180   -11.079 -2.995  1.00 14.11 ? 126 GLU A OE1 1 
ATOM   993  O OE2 . GLU A 1 146 ? 0.299   -13.211 -2.788  1.00 12.69 ? 126 GLU A OE2 1 
ATOM   994  N N   . SER A 1 147 ? -3.475  -11.015 -6.400  1.00 10.38 ? 127 SER A N   1 
ATOM   995  C CA  . SER A 1 147 ? -3.141  -11.558 -7.716  1.00 12.05 ? 127 SER A CA  1 
ATOM   996  C C   . SER A 1 147 ? -1.641  -11.209 -7.989  1.00 11.03 ? 127 SER A C   1 
ATOM   997  O O   . SER A 1 147 ? -1.108  -10.316 -7.405  1.00 12.34 ? 127 SER A O   1 
ATOM   998  C CB  . SER A 1 147 ? -4.063  -10.827 -8.744  1.00 14.70 ? 127 SER A CB  1 
ATOM   999  O OG  . SER A 1 147 ? -3.497  -10.544 -9.990  1.00 15.40 ? 127 SER A OG  1 
ATOM   1000 N N   . HIS A 1 148 ? -1.042  -11.880 -8.964  1.00 12.00 ? 128 HIS A N   1 
ATOM   1001 C CA  . HIS A 1 148 ? 0.330   -11.508 -9.356  1.00 11.38 ? 128 HIS A CA  1 
ATOM   1002 C C   . HIS A 1 148 ? 0.253   -11.203 -10.852 1.00 13.14 ? 128 HIS A C   1 
ATOM   1003 O O   . HIS A 1 148 ? 1.193   -11.503 -11.602 1.00 13.26 ? 128 HIS A O   1 
ATOM   1004 C CB  . HIS A 1 148 ? 1.218   -12.636 -9.066  1.00 12.02 ? 128 HIS A CB  1 
ATOM   1005 C CG  . HIS A 1 148 ? 1.374   -12.896 -7.608  1.00 15.06 ? 128 HIS A CG  1 
ATOM   1006 N ND1 . HIS A 1 148 ? 2.348   -12.279 -6.843  1.00 17.23 ? 128 HIS A ND1 1 
ATOM   1007 C CD2 . HIS A 1 148 ? 0.632   -13.649 -6.766  1.00 12.92 ? 128 HIS A CD2 1 
ATOM   1008 C CE1 . HIS A 1 148 ? 2.238   -12.706 -5.588  1.00 13.44 ? 128 HIS A CE1 1 
ATOM   1009 N NE2 . HIS A 1 148 ? 1.202   -13.530 -5.516  1.00 22.77 ? 128 HIS A NE2 1 
ATOM   1010 N N   . MET A 1 149 ? -0.832  -10.575 -11.300 1.00 11.64 ? 129 MET A N   1 
ATOM   1011 C CA  . MET A 1 149 ? -0.900  -10.273 -12.730 1.00 13.72 ? 129 MET A CA  1 
ATOM   1012 C C   . MET A 1 149 ? 0.342   -9.433  -13.054 1.00 11.37 ? 129 MET A C   1 
ATOM   1013 O O   . MET A 1 149 ? 1.062   -9.693  -14.031 1.00 11.42 ? 129 MET A O   1 
ATOM   1014 C CB  . MET A 1 149 ? -2.160  -9.447  -13.063 1.00 14.38 ? 129 MET A CB  1 
ATOM   1015 C CG  . MET A 1 149 ? -2.336  -9.192  -14.571 1.00 20.19 ? 129 MET A CG  1 
ATOM   1016 S SD  . MET A 1 149 ? -3.885  -8.179  -14.770 1.00 28.18 ? 129 MET A SD  1 
ATOM   1017 C CE  . MET A 1 149 ? -3.342  -6.615  -16.066 1.00 30.18 ? 129 MET A CE  1 
ATOM   1018 N N   . ASP A 1 150 ? 0.569   -8.444  -12.225 1.00 10.58 ? 130 ASP A N   1 
ATOM   1019 C CA  . ASP A 1 150 ? 1.802   -7.685  -12.162 1.00 12.10 ? 130 ASP A CA  1 
ATOM   1020 C C   . ASP A 1 150 ? 2.396   -7.770  -10.755 1.00 10.08 ? 130 ASP A C   1 
ATOM   1021 O O   . ASP A 1 150 ? 1.678   -7.965  -9.789  1.00 11.07 ? 130 ASP A O   1 
ATOM   1022 C CB  . ASP A 1 150 ? 1.596   -6.205  -12.539 1.00 13.11 ? 130 ASP A CB  1 
ATOM   1023 C CG  . ASP A 1 150 ? 1.316   -6.052  -14.070 1.00 18.33 ? 130 ASP A CG  1 
ATOM   1024 O OD1 . ASP A 1 150 ? 2.208   -6.249  -14.948 1.00 26.02 ? 130 ASP A OD1 1 
ATOM   1025 O OD2 . ASP A 1 150 ? 0.198   -5.859  -14.462 1.00 26.44 ? 130 ASP A OD2 1 
ATOM   1026 N N   . GLU A 1 151 ? 3.688   -7.518  -10.667 1.00 10.40 ? 131 GLU A N   1 
ATOM   1027 C CA  . GLU A 1 151 ? 4.382   -7.489  -9.411  1.00 9.15  ? 131 GLU A CA  1 
ATOM   1028 C C   . GLU A 1 151 ? 5.707   -6.736  -9.527  1.00 8.91  ? 131 GLU A C   1 
ATOM   1029 O O   . GLU A 1 151 ? 6.197   -6.455  -10.612 1.00 8.83  ? 131 GLU A O   1 
ATOM   1030 C CB  . GLU A 1 151 ? 4.693   -8.934  -8.949  1.00 9.52  ? 131 GLU A CB  1 
ATOM   1031 C CG  . GLU A 1 151 ? 5.662   -9.724  -9.808  1.00 12.38 ? 131 GLU A CG  1 
ATOM   1032 C CD  . GLU A 1 151 ? 5.716   -11.246 -9.521  1.00 16.14 ? 131 GLU A CD  1 
ATOM   1033 O OE1 . GLU A 1 151 ? 4.746   -11.836 -8.988  1.00 12.50 ? 131 GLU A OE1 1 
ATOM   1034 O OE2 . GLU A 1 151 ? 6.767   -11.897 -9.889  1.00 14.03 ? 131 GLU A OE2 1 
ATOM   1035 N N   . VAL A 1 152 ? 6.294   -6.471  -8.372  1.00 8.93  ? 132 VAL A N   1 
ATOM   1036 C CA  . VAL A 1 152 ? 7.605   -5.831  -8.286  1.00 9.43  ? 132 VAL A CA  1 
ATOM   1037 C C   . VAL A 1 152 ? 8.684   -6.848  -8.580  1.00 10.15 ? 132 VAL A C   1 
ATOM   1038 O O   . VAL A 1 152 ? 8.717   -7.909  -7.939  1.00 10.05 ? 132 VAL A O   1 
ATOM   1039 C CB  . VAL A 1 152 ? 7.787   -5.078  -6.913  1.00 10.73 ? 132 VAL A CB  1 
ATOM   1040 C CG1 . VAL A 1 152 ? 9.166   -4.466  -6.935  1.00 11.04 ? 132 VAL A CG1 1 
ATOM   1041 C CG2 . VAL A 1 152 ? 6.751   -4.001  -6.742  1.00 11.67 ? 132 VAL A CG2 1 
ATOM   1042 N N   . LYS A 1 153 ? 9.466   -6.625  -9.631  1.00 8.26  ? 133 LYS A N   1 
ATOM   1043 C CA  . LYS A 1 153 ? 10.534  -7.484  -10.029 1.00 9.76  ? 133 LYS A CA  1 
ATOM   1044 C C   . LYS A 1 153 ? 11.896  -7.065  -9.509  1.00 10.61 ? 133 LYS A C   1 
ATOM   1045 O O   . LYS A 1 153 ? 12.801  -7.891  -9.384  1.00 9.33  ? 133 LYS A O   1 
ATOM   1046 C CB  . LYS A 1 153 ? 10.612  -7.591  -11.539 1.00 10.81 ? 133 LYS A CB  1 
ATOM   1047 C CG  . LYS A 1 153 ? 9.309   -8.147  -12.171 1.00 12.22 ? 133 LYS A CG  1 
ATOM   1048 C CD  . LYS A 1 153 ? 9.217   -9.624  -11.984 1.00 15.89 ? 133 LYS A CD  1 
ATOM   1049 C CE  . LYS A 1 153 ? 8.051   -10.170 -12.831 1.00 16.81 ? 133 LYS A CE  1 
ATOM   1050 N NZ  . LYS A 1 153 ? 7.784   -11.556 -12.404 1.00 13.59 ? 133 LYS A NZ  1 
ATOM   1051 N N   . GLU A 1 154 ? 12.092  -5.763  -9.335  1.00 10.32 ? 134 GLU A N   1 
ATOM   1052 C CA  . GLU A 1 154 ? 13.380  -5.305  -8.852  1.00 8.98  ? 134 GLU A CA  1 
ATOM   1053 C C   . GLU A 1 154 ? 12.980  -4.370  -7.761  1.00 10.39 ? 134 GLU A C   1 
ATOM   1054 O O   . GLU A 1 154 ? 12.233  -3.383  -7.998  1.00 8.01  ? 134 GLU A O   1 
ATOM   1055 C CB  . GLU A 1 154 ? 14.133  -4.596  -9.957  1.00 12.06 ? 134 GLU A CB  1 
ATOM   1056 C CG  . GLU A 1 154 ? 15.420  -3.970  -9.549  1.00 16.05 ? 134 GLU A CG  1 
ATOM   1057 C CD  . GLU A 1 154 ? 16.218  -3.431  -10.710 1.00 25.14 ? 134 GLU A CD  1 
ATOM   1058 O OE1 . GLU A 1 154 ? 16.164  -4.079  -11.826 1.00 23.45 ? 134 GLU A OE1 1 
ATOM   1059 O OE2 . GLU A 1 154 ? 16.899  -2.392  -10.423 1.00 27.08 ? 134 GLU A OE2 1 
ATOM   1060 N N   . LEU A 1 155 ? 13.513  -4.629  -6.571  1.00 8.38  ? 135 LEU A N   1 
ATOM   1061 C CA  . LEU A 1 155 ? 13.253  -3.760  -5.452  1.00 8.21  ? 135 LEU A CA  1 
ATOM   1062 C C   . LEU A 1 155 ? 13.884  -2.408  -5.753  1.00 7.90  ? 135 LEU A C   1 
ATOM   1063 O O   . LEU A 1 155 ? 15.085  -2.339  -6.210  1.00 7.67  ? 135 LEU A O   1 
ATOM   1064 C CB  . LEU A 1 155 ? 13.879  -4.375  -4.185  1.00 9.48  ? 135 LEU A CB  1 
ATOM   1065 C CG  . LEU A 1 155 ? 13.583  -3.815  -2.767  1.00 8.45  ? 135 LEU A CG  1 
ATOM   1066 C CD1 . LEU A 1 155 ? 12.116  -3.985  -2.383  1.00 10.30 ? 135 LEU A CD1 1 
ATOM   1067 C CD2 . LEU A 1 155 ? 14.590  -4.545  -1.856  1.00 13.74 ? 135 LEU A CD2 1 
ATOM   1068 N N   . PRO A 1 156 ? 13.267  -1.292  -5.340  1.00 8.59  ? 136 PRO A N   1 
ATOM   1069 C CA  . PRO A 1 156 ? 13.966  -0.040  -5.457  1.00 9.01  ? 136 PRO A CA  1 
ATOM   1070 C C   . PRO A 1 156 ? 15.243  0.054   -4.575  1.00 11.02 ? 136 PRO A C   1 
ATOM   1071 O O   . PRO A 1 156 ? 15.280  -0.555  -3.488  1.00 11.40 ? 136 PRO A O   1 
ATOM   1072 C CB  . PRO A 1 156 ? 12.910  1.034   -5.040  1.00 10.18 ? 136 PRO A CB  1 
ATOM   1073 C CG  . PRO A 1 156 ? 11.695  0.373   -4.924  1.00 10.93 ? 136 PRO A CG  1 
ATOM   1074 C CD  . PRO A 1 156 ? 11.930  -1.093  -4.854  1.00 9.59  ? 136 PRO A CD  1 
ATOM   1075 N N   . PRO A 1 157 ? 16.197  0.843   -4.994  1.00 10.46 ? 137 PRO A N   1 
ATOM   1076 C CA  . PRO A 1 157 ? 17.293  1.231   -4.068  1.00 12.93 ? 137 PRO A CA  1 
ATOM   1077 C C   . PRO A 1 157 ? 16.662  1.836   -2.837  1.00 10.00 ? 137 PRO A C   1 
ATOM   1078 O O   . PRO A 1 157 ? 15.635  2.424   -2.859  1.00 9.45  ? 137 PRO A O   1 
ATOM   1079 C CB  . PRO A 1 157 ? 18.172  2.228   -4.844  1.00 14.56 ? 137 PRO A CB  1 
ATOM   1080 C CG  . PRO A 1 157 ? 17.565  2.371   -6.252  1.00 17.73 ? 137 PRO A CG  1 
ATOM   1081 C CD  . PRO A 1 157 ? 16.282  1.540   -6.293  1.00 11.96 ? 137 PRO A CD  1 
ATOM   1082 N N   . LYS A 1 158 ? 17.301  1.567   -1.725  1.00 11.88 ? 138 LYS A N   1 
ATOM   1083 C CA  . LYS A 1 158 ? 16.922  2.122   -0.439  1.00 13.42 ? 138 LYS A CA  1 
ATOM   1084 C C   . LYS A 1 158 ? 15.698  1.537   0.150   1.00 11.39 ? 138 LYS A C   1 
ATOM   1085 O O   . LYS A 1 158 ? 15.174  2.092   1.126   1.00 12.31 ? 138 LYS A O   1 
ATOM   1086 C CB  . LYS A 1 158 ? 16.910  3.699   -0.416  1.00 13.23 ? 138 LYS A CB  1 
ATOM   1087 C CG  . LYS A 1 158 ? 18.162  4.329   -0.987  1.00 21.96 ? 138 LYS A CG  1 
ATOM   1088 C CD  . LYS A 1 158 ? 18.804  5.437   -0.097  1.00 29.13 ? 138 LYS A CD  1 
ATOM   1089 C CE  . LYS A 1 158 ? 20.137  5.992   -0.763  1.00 32.45 ? 138 LYS A CE  1 
ATOM   1090 N NZ  . LYS A 1 158 ? 21.245  6.487   0.151   1.00 35.15 ? 138 LYS A NZ  1 
ATOM   1091 N N   . PHE A 1 159 ? 15.141  0.470   -0.430  1.00 10.62 ? 139 PHE A N   1 
ATOM   1092 C CA  . PHE A 1 159 ? 13.996  -0.177  0.173   1.00 9.66  ? 139 PHE A CA  1 
ATOM   1093 C C   . PHE A 1 159 ? 14.437  -1.538  0.753   1.00 10.46 ? 139 PHE A C   1 
ATOM   1094 O O   . PHE A 1 159 ? 15.477  -2.056  0.370   1.00 9.93  ? 139 PHE A O   1 
ATOM   1095 C CB  . PHE A 1 159 ? 12.859  -0.446  -0.847  1.00 10.65 ? 139 PHE A CB  1 
ATOM   1096 C CG  . PHE A 1 159 ? 11.931  0.720   -1.062  1.00 9.01  ? 139 PHE A CG  1 
ATOM   1097 C CD1 . PHE A 1 159 ? 12.432  1.917   -1.610  1.00 9.73  ? 139 PHE A CD1 1 
ATOM   1098 C CD2 . PHE A 1 159 ? 10.557  0.658   -0.789  1.00 11.98 ? 139 PHE A CD2 1 
ATOM   1099 C CE1 . PHE A 1 159 ? 11.630  3.060   -1.752  1.00 12.31 ? 139 PHE A CE1 1 
ATOM   1100 C CE2 . PHE A 1 159 ? 9.713   1.792   -1.051  1.00 12.66 ? 139 PHE A CE2 1 
ATOM   1101 C CZ  . PHE A 1 159 ? 10.261  2.963   -1.550  1.00 12.26 ? 139 PHE A CZ  1 
ATOM   1102 N N   . LYS A 1 160 ? 13.638  -2.109  1.632   1.00 8.65  ? 140 LYS A N   1 
ATOM   1103 C CA  . LYS A 1 160 ? 13.801  -3.460  2.131   1.00 9.81  ? 140 LYS A CA  1 
ATOM   1104 C C   . LYS A 1 160 ? 12.538  -4.264  1.994   1.00 10.15 ? 140 LYS A C   1 
ATOM   1105 O O   . LYS A 1 160 ? 11.448  -3.711  2.026   1.00 10.70 ? 140 LYS A O   1 
ATOM   1106 C CB  . LYS A 1 160 ? 14.254  -3.493  3.579   1.00 10.32 ? 140 LYS A CB  1 
ATOM   1107 C CG  . LYS A 1 160 ? 13.315  -2.792  4.542   1.00 11.72 ? 140 LYS A CG  1 
ATOM   1108 C CD  . LYS A 1 160 ? 13.869  -3.005  5.931   1.00 20.10 ? 140 LYS A CD  1 
ATOM   1109 C CE  . LYS A 1 160 ? 12.992  -2.305  6.980   1.00 26.10 ? 140 LYS A CE  1 
ATOM   1110 N NZ  . LYS A 1 160 ? 13.857  -1.452  8.013   1.00 30.20 ? 140 LYS A NZ  1 
ATOM   1111 N N   . ILE A 1 161 ? 12.700  -5.588  1.816   1.00 9.40  ? 141 ILE A N   1 
ATOM   1112 C CA  . ILE A 1 161 ? 11.558  -6.444  1.729   1.00 9.19  ? 141 ILE A CA  1 
ATOM   1113 C C   . ILE A 1 161 ? 11.054  -6.786  3.120   1.00 8.67  ? 141 ILE A C   1 
ATOM   1114 O O   . ILE A 1 161 ? 11.868  -7.115  4.022   1.00 7.28  ? 141 ILE A O   1 
ATOM   1115 C CB  . ILE A 1 161 ? 11.991  -7.773  0.975   1.00 9.11  ? 141 ILE A CB  1 
ATOM   1116 C CG1 . ILE A 1 161 ? 12.386  -7.389  -0.475  1.00 10.11 ? 141 ILE A CG1 1 
ATOM   1117 C CG2 . ILE A 1 161 ? 10.874  -8.808  1.001   1.00 9.34  ? 141 ILE A CG2 1 
ATOM   1118 C CD1 . ILE A 1 161 ? 13.074  -8.488  -1.250  1.00 7.76  ? 141 ILE A CD1 1 
ATOM   1119 N N   . LEU A 1 162 ? 9.745   -6.756  3.288   1.00 10.04 ? 142 LEU A N   1 
ATOM   1120 C CA  . LEU A 1 162 ? 9.134   -7.200  4.543   1.00 9.28  ? 142 LEU A CA  1 
ATOM   1121 C C   . LEU A 1 162 ? 8.435   -8.549  4.511   1.00 8.25  ? 142 LEU A C   1 
ATOM   1122 O O   . LEU A 1 162 ? 8.290   -9.169  5.579   1.00 9.45  ? 142 LEU A O   1 
ATOM   1123 C CB  . LEU A 1 162 ? 8.087   -6.206  5.015   1.00 10.63 ? 142 LEU A CB  1 
ATOM   1124 C CG  . LEU A 1 162 ? 8.548   -4.743  5.146   1.00 11.68 ? 142 LEU A CG  1 
ATOM   1125 C CD1 . LEU A 1 162 ? 7.392   -3.845  5.676   1.00 13.17 ? 142 LEU A CD1 1 
ATOM   1126 C CD2 . LEU A 1 162 ? 9.666   -4.636  6.084   1.00 10.81 ? 142 LEU A CD2 1 
ATOM   1127 N N   . ALA A 1 163 ? 7.990   -8.996  3.349   1.00 7.75  ? 143 ALA A N   1 
ATOM   1128 C CA  . ALA A 1 163 ? 7.326   -10.266 3.226   1.00 8.18  ? 143 ALA A CA  1 
ATOM   1129 C C   . ALA A 1 163 ? 7.512   -10.829 1.808   1.00 8.69  ? 143 ALA A C   1 
ATOM   1130 O O   . ALA A 1 163 ? 7.739   -10.088 0.875   1.00 8.69  ? 143 ALA A O   1 
ATOM   1131 C CB  . ALA A 1 163 ? 5.855   -10.104 3.495   1.00 9.58  ? 143 ALA A CB  1 
ATOM   1132 N N   . ARG A 1 164 ? 7.369   -12.122 1.713   1.00 8.87  ? 144 ARG A N   1 
ATOM   1133 C CA  . ARG A 1 164 ? 7.535   -12.842 0.421   1.00 9.56  ? 144 ARG A CA  1 
ATOM   1134 C C   . ARG A 1 164 ? 6.544   -13.978 0.262   1.00 9.12  ? 144 ARG A C   1 
ATOM   1135 O O   . ARG A 1 164 ? 5.963   -14.412 1.226   1.00 10.07 ? 144 ARG A O   1 
ATOM   1136 C CB  . ARG A 1 164 ? 8.963   -13.379 0.303   1.00 7.65  ? 144 ARG A CB  1 
ATOM   1137 C CG  . ARG A 1 164 ? 9.370   -14.336 1.386   1.00 14.97 ? 144 ARG A CG  1 
ATOM   1138 C CD  . ARG A 1 164 ? 10.500  -15.074 1.022   1.00 20.36 ? 144 ARG A CD  1 
ATOM   1139 N NE  . ARG A 1 164 ? 10.874  -16.110 1.969   1.00 19.73 ? 144 ARG A NE  1 
ATOM   1140 C CZ  . ARG A 1 164 ? 12.090  -16.601 2.050   1.00 18.72 ? 144 ARG A CZ  1 
ATOM   1141 N NH1 . ARG A 1 164 ? 13.024  -16.156 1.202   1.00 18.05 ? 144 ARG A NH1 1 
ATOM   1142 N NH2 . ARG A 1 164 ? 12.373  -17.559 2.943   1.00 16.34 ? 144 ARG A NH2 1 
ATOM   1143 N N   . SER A 1 165 ? 6.452   -14.571 -0.916  1.00 7.96  ? 145 SER A N   1 
ATOM   1144 C CA  . SER A 1 165 ? 5.705   -15.792 -1.169  1.00 8.70  ? 145 SER A CA  1 
ATOM   1145 C C   . SER A 1 165 ? 6.533   -16.645 -2.086  1.00 7.96  ? 145 SER A C   1 
ATOM   1146 O O   . SER A 1 165 ? 7.599   -16.186 -2.557  1.00 6.92  ? 145 SER A O   1 
ATOM   1147 C CB  . SER A 1 165 ? 4.337   -15.527 -1.809  1.00 9.19  ? 145 SER A CB  1 
ATOM   1148 O OG  . SER A 1 165 ? 4.454   -14.949 -3.064  1.00 9.05  ? 145 SER A OG  1 
ATOM   1149 N N   . GLU A 1 166 ? 6.036   -17.843 -2.374  1.00 6.81  ? 146 GLU A N   1 
ATOM   1150 C CA  . GLU A 1 166 ? 6.813   -18.785 -3.190  1.00 9.34  ? 146 GLU A CA  1 
ATOM   1151 C C   . GLU A 1 166 ? 7.107   -18.225 -4.583  1.00 8.53  ? 146 GLU A C   1 
ATOM   1152 O O   . GLU A 1 166 ? 8.207   -18.383 -5.109  1.00 7.97  ? 146 GLU A O   1 
ATOM   1153 C CB  . GLU A 1 166 ? 6.193   -20.207 -3.236  1.00 10.29 ? 146 GLU A CB  1 
ATOM   1154 C CG  . GLU A 1 166 ? 6.894   -21.268 -2.241  1.00 21.40 ? 146 GLU A CG  1 
ATOM   1155 C CD  . GLU A 1 166 ? 8.444   -21.682 -2.272  1.00 29.39 ? 146 GLU A CD  1 
ATOM   1156 O OE1 . GLU A 1 166 ? 9.335   -21.258 -1.386  1.00 23.96 ? 146 GLU A OE1 1 
ATOM   1157 O OE2 . GLU A 1 166 ? 8.818   -22.611 -3.083  1.00 37.20 ? 146 GLU A OE2 1 
ATOM   1158 N N   . THR A 1 167 ? 6.164   -17.506 -5.178  1.00 8.44  ? 147 THR A N   1 
ATOM   1159 C CA  . THR A 1 167 ? 6.447   -17.028 -6.540  1.00 10.53 ? 147 THR A CA  1 
ATOM   1160 C C   . THR A 1 167 ? 6.824   -15.593 -6.584  1.00 8.95  ? 147 THR A C   1 
ATOM   1161 O O   . THR A 1 167 ? 7.250   -15.164 -7.647  1.00 11.58 ? 147 THR A O   1 
ATOM   1162 C CB  . THR A 1 167 ? 5.230   -17.313 -7.568  1.00 11.37 ? 147 THR A CB  1 
ATOM   1163 O OG1 . THR A 1 167 ? 4.229   -16.391 -7.339  1.00 11.38 ? 147 THR A OG1 1 
ATOM   1164 C CG2 . THR A 1 167 ? 4.643   -18.720 -7.416  1.00 16.88 ? 147 THR A CG2 1 
ATOM   1165 N N   . CYS A 1 168 ? 6.783   -14.845 -5.479  1.00 8.74  ? 148 CYS A N   1 
ATOM   1166 C CA  . CYS A 1 168 ? 7.107   -13.430 -5.537  1.00 10.63 ? 148 CYS A CA  1 
ATOM   1167 C C   . CYS A 1 168 ? 7.908   -13.018 -4.349  1.00 9.36  ? 148 CYS A C   1 
ATOM   1168 O O   . CYS A 1 168 ? 7.350   -12.974 -3.241  1.00 9.80  ? 148 CYS A O   1 
ATOM   1169 C CB  . CYS A 1 168 ? 5.829   -12.623 -5.612  1.00 13.50 ? 148 CYS A CB  1 
ATOM   1170 S SG  . CYS A 1 168 ? 6.065   -10.842 -5.581  1.00 19.00 ? 148 CYS A SG  1 
ATOM   1171 N N   . PRO A 1 169 ? 9.157   -12.632 -4.550  1.00 9.79  ? 149 PRO A N   1 
ATOM   1172 C CA  . PRO A 1 169 ? 9.999   -12.280 -3.407  1.00 9.84  ? 149 PRO A CA  1 
ATOM   1173 C C   . PRO A 1 169 ? 9.590   -10.991 -2.704  1.00 9.68  ? 149 PRO A C   1 
ATOM   1174 O O   . PRO A 1 169 ? 10.197  -10.697 -1.669  1.00 10.33 ? 149 PRO A O   1 
ATOM   1175 C CB  . PRO A 1 169 ? 11.449  -12.226 -3.993  1.00 9.29  ? 149 PRO A CB  1 
ATOM   1176 C CG  . PRO A 1 169 ? 11.185  -11.801 -5.502  1.00 12.27 ? 149 PRO A CG  1 
ATOM   1177 C CD  . PRO A 1 169 ? 9.931   -12.639 -5.812  1.00 11.74 ? 149 PRO A CD  1 
ATOM   1178 N N   . ILE A 1 170 ? 8.807   -10.136 -3.371  1.00 8.90  ? 150 ILE A N   1 
ATOM   1179 C CA  . ILE A 1 170 ? 8.486   -8.846  -2.859  1.00 9.58  ? 150 ILE A CA  1 
ATOM   1180 C C   . ILE A 1 170 ? 6.982   -8.713  -2.645  1.00 12.46 ? 150 ILE A C   1 
ATOM   1181 O O   . ILE A 1 170 ? 6.283   -8.087  -3.418  1.00 13.85 ? 150 ILE A O   1 
ATOM   1182 C CB  . ILE A 1 170 ? 9.009   -7.715  -3.783  1.00 10.68 ? 150 ILE A CB  1 
ATOM   1183 C CG1 . ILE A 1 170 ? 10.507  -7.845  -3.954  1.00 10.57 ? 150 ILE A CG1 1 
ATOM   1184 C CG2 . ILE A 1 170 ? 8.787   -6.312  -3.136  1.00 13.03 ? 150 ILE A CG2 1 
ATOM   1185 C CD1 . ILE A 1 170 ? 11.145  -7.095  -5.145  1.00 12.28 ? 150 ILE A CD1 1 
ATOM   1186 N N   . GLU A 1 171 ? 6.490   -9.287  -1.565  1.00 9.70  ? 151 GLU A N   1 
ATOM   1187 C CA  . GLU A 1 171 ? 5.086   -9.151  -1.269  1.00 9.81  ? 151 GLU A CA  1 
ATOM   1188 C C   . GLU A 1 171 ? 4.783   -7.922  -0.456  1.00 12.17 ? 151 GLU A C   1 
ATOM   1189 O O   . GLU A 1 171 ? 3.639   -7.488  -0.424  1.00 9.76  ? 151 GLU A O   1 
ATOM   1190 C CB  . GLU A 1 171 ? 4.581   -10.338 -0.495  1.00 9.98  ? 151 GLU A CB  1 
ATOM   1191 C CG  . GLU A 1 171 ? 4.533   -11.596 -1.304  1.00 10.54 ? 151 GLU A CG  1 
ATOM   1192 C CD  . GLU A 1 171 ? 3.409   -11.621 -2.317  1.00 12.63 ? 151 GLU A CD  1 
ATOM   1193 O OE1 . GLU A 1 171 ? 2.472   -10.805 -2.251  1.00 15.75 ? 151 GLU A OE1 1 
ATOM   1194 O OE2 . GLU A 1 171 ? 3.447   -12.525 -3.166  1.00 12.44 ? 151 GLU A OE2 1 
ATOM   1195 N N   . ALA A 1 172 ? 5.772   -7.369  0.212   1.00 11.16 ? 152 ALA A N   1 
ATOM   1196 C CA  . ALA A 1 172 ? 5.633   -6.141  0.966   1.00 11.68 ? 152 ALA A CA  1 
ATOM   1197 C C   . ALA A 1 172 ? 7.030   -5.570  1.085   1.00 11.05 ? 152 ALA A C   1 
ATOM   1198 O O   . ALA A 1 172 ? 8.023   -6.299  1.096   1.00 9.94  ? 152 ALA A O   1 
ATOM   1199 C CB  . ALA A 1 172 ? 5.046   -6.366  2.262   1.00 10.33 ? 152 ALA A CB  1 
ATOM   1200 N N   . MET A 1 173 ? 7.091   -4.239  1.142   1.00 10.91 ? 153 MET A N   1 
ATOM   1201 C CA  . MET A 1 173 ? 8.344   -3.537  1.218   1.00 10.26 ? 153 MET A CA  1 
ATOM   1202 C C   . MET A 1 173 ? 8.207   -2.221  2.014   1.00 9.31  ? 153 MET A C   1 
ATOM   1203 O O   . MET A 1 173 ? 7.112   -1.696  2.142   1.00 9.69  ? 153 MET A O   1 
ATOM   1204 C CB  . MET A 1 173 ? 8.910   -3.223  -0.190  1.00 10.11 ? 153 MET A CB  1 
ATOM   1205 C CG  . MET A 1 173 ? 8.075   -2.229  -0.954  1.00 11.05 ? 153 MET A CG  1 
ATOM   1206 S SD  . MET A 1 173 ? 8.705   -2.000  -2.632  1.00 12.05 ? 153 MET A SD  1 
ATOM   1207 C CE  . MET A 1 173 ? 7.631   -0.650  -3.140  1.00 12.83 ? 153 MET A CE  1 
ATOM   1208 N N   . LYS A 1 174 ? 9.345   -1.666  2.428   1.00 9.54  ? 154 LYS A N   1 
ATOM   1209 C CA  . LYS A 1 174 ? 9.356   -0.328  2.989   1.00 11.00 ? 154 LYS A CA  1 
ATOM   1210 C C   . LYS A 1 174 ? 10.626  0.378   2.566   1.00 8.71  ? 154 LYS A C   1 
ATOM   1211 O O   . LYS A 1 174 ? 11.683  -0.234  2.477   1.00 9.76  ? 154 LYS A O   1 
ATOM   1212 C CB  . LYS A 1 174 ? 9.277   -0.453  4.518   1.00 13.25 ? 154 LYS A CB  1 
ATOM   1213 C CG  . LYS A 1 174 ? 9.263   0.798   5.328   1.00 17.68 ? 154 LYS A CG  1 
ATOM   1214 C CD  . LYS A 1 174 ? 9.741   0.563   6.746   1.00 15.19 ? 154 LYS A CD  1 
ATOM   1215 C CE  . LYS A 1 174 ? 9.868   1.995   7.472   1.00 18.76 ? 154 LYS A CE  1 
ATOM   1216 N NZ  . LYS A 1 174 ? 11.026  3.007   7.195   1.00 18.54 ? 154 LYS A NZ  1 
ATOM   1217 N N   . HIS A 1 175 ? 10.537  1.707   2.468   1.00 9.03  ? 155 HIS A N   1 
ATOM   1218 C CA  . HIS A 1 175 ? 11.714  2.534   2.377   1.00 8.77  ? 155 HIS A CA  1 
ATOM   1219 C C   . HIS A 1 175 ? 12.549  2.400   3.648   1.00 9.67  ? 155 HIS A C   1 
ATOM   1220 O O   . HIS A 1 175 ? 11.993  2.416   4.724   1.00 12.31 ? 155 HIS A O   1 
ATOM   1221 C CB  . HIS A 1 175 ? 11.319  3.974   2.138   1.00 10.01 ? 155 HIS A CB  1 
ATOM   1222 C CG  . HIS A 1 175 ? 12.418  4.816   1.609   1.00 10.17 ? 155 HIS A CG  1 
ATOM   1223 N ND1 . HIS A 1 175 ? 13.504  5.167   2.361   1.00 9.46  ? 155 HIS A ND1 1 
ATOM   1224 C CD2 . HIS A 1 175 ? 12.548  5.436   0.435   1.00 12.11 ? 155 HIS A CD2 1 
ATOM   1225 C CE1 . HIS A 1 175 ? 14.304  5.936   1.632   1.00 14.91 ? 155 HIS A CE1 1 
ATOM   1226 N NE2 . HIS A 1 175 ? 13.679  6.209   0.508   1.00 10.36 ? 155 HIS A NE2 1 
ATOM   1227 N N   . GLU A 1 176 ? 13.868  2.305   3.541   1.00 10.07 ? 156 GLU A N   1 
ATOM   1228 C CA  . GLU A 1 176 ? 14.713  2.049   4.715   1.00 9.76  ? 156 GLU A CA  1 
ATOM   1229 C C   . GLU A 1 176 ? 14.741  3.291   5.638   1.00 10.41 ? 156 GLU A C   1 
ATOM   1230 O O   . GLU A 1 176 ? 15.097  3.164   6.801   1.00 9.81  ? 156 GLU A O   1 
ATOM   1231 C CB  . GLU A 1 176 ? 16.143  1.623   4.381   1.00 11.34 ? 156 GLU A CB  1 
ATOM   1232 C CG  . GLU A 1 176 ? 16.152  0.127   3.918   1.00 11.35 ? 156 GLU A CG  1 
ATOM   1233 C CD  . GLU A 1 176 ? 17.364  -0.272  3.133   1.00 14.10 ? 156 GLU A CD  1 
ATOM   1234 O OE1 . GLU A 1 176 ? 18.205  0.620   2.774   1.00 13.03 ? 156 GLU A OE1 1 
ATOM   1235 O OE2 . GLU A 1 176 ? 17.536  -1.505  3.022   1.00 14.26 ? 156 GLU A OE2 1 
ATOM   1236 N N   . GLU A 1 177 ? 14.414  4.462   5.089   1.00 9.37  ? 157 GLU A N   1 
ATOM   1237 C CA  . GLU A 1 177 ? 14.533  5.682   5.843   1.00 11.05 ? 157 GLU A CA  1 
ATOM   1238 C C   . GLU A 1 177 ? 13.286  6.504   6.063   1.00 11.80 ? 157 GLU A C   1 
ATOM   1239 O O   . GLU A 1 177 ? 13.372  7.504   6.805   1.00 12.75 ? 157 GLU A O   1 
ATOM   1240 C CB  . GLU A 1 177 ? 15.561  6.597   5.141   1.00 12.93 ? 157 GLU A CB  1 
ATOM   1241 C CG  . GLU A 1 177 ? 16.982  6.007   5.014   1.00 18.37 ? 157 GLU A CG  1 
ATOM   1242 C CD  . GLU A 1 177 ? 17.651  5.527   6.322   1.00 23.82 ? 157 GLU A CD  1 
ATOM   1243 O OE1 . GLU A 1 177 ? 17.450  6.137   7.433   1.00 27.05 ? 157 GLU A OE1 1 
ATOM   1244 O OE2 . GLU A 1 177 ? 18.483  4.554   6.213   1.00 31.53 ? 157 GLU A OE2 1 
ATOM   1245 N N   . LEU A 1 178 ? 12.264  6.237   5.291   1.00 10.50 ? 158 LEU A N   1 
ATOM   1246 C CA  . LEU A 1 178 ? 11.006  6.993   5.248   1.00 11.32 ? 158 LEU A CA  1 
ATOM   1247 C C   . LEU A 1 178 ? 9.864   6.050   5.483   1.00 10.52 ? 158 LEU A C   1 
ATOM   1248 O O   . LEU A 1 178 ? 9.960   4.836   5.148   1.00 9.53  ? 158 LEU A O   1 
ATOM   1249 C CB  . LEU A 1 178 ? 10.803  7.651   3.861   1.00 11.44 ? 158 LEU A CB  1 
ATOM   1250 C CG  . LEU A 1 178 ? 11.911  8.671   3.507   1.00 11.69 ? 158 LEU A CG  1 
ATOM   1251 C CD1 . LEU A 1 178 ? 11.647  9.025   2.038   1.00 12.99 ? 158 LEU A CD1 1 
ATOM   1252 C CD2 . LEU A 1 178 ? 11.969  9.934   4.383   1.00 16.84 ? 158 LEU A CD2 1 
ATOM   1253 N N   . PRO A 1 179 ? 8.735   6.545   5.998   1.00 9.00  ? 159 PRO A N   1 
ATOM   1254 C CA  . PRO A 1 179 ? 7.600   5.646   6.261   1.00 8.56  ? 159 PRO A CA  1 
ATOM   1255 C C   . PRO A 1 179 ? 6.732   5.430   5.039   1.00 10.17 ? 159 PRO A C   1 
ATOM   1256 O O   . PRO A 1 179 ? 5.547   5.761   5.045   1.00 10.30 ? 159 PRO A O   1 
ATOM   1257 C CB  . PRO A 1 179 ? 6.859   6.347   7.413   1.00 9.16  ? 159 PRO A CB  1 
ATOM   1258 C CG  . PRO A 1 179 ? 7.030   7.761   7.034   1.00 9.53  ? 159 PRO A CG  1 
ATOM   1259 C CD  . PRO A 1 179 ? 8.494   7.870   6.597   1.00 10.31 ? 159 PRO A CD  1 
ATOM   1260 N N   . ILE A 1 180 ? 7.316   4.824   4.005   1.00 10.04 ? 160 ILE A N   1 
ATOM   1261 C CA  . ILE A 1 180 ? 6.694   4.604   2.746   1.00 9.51  ? 160 ILE A CA  1 
ATOM   1262 C C   . ILE A 1 180 ? 6.696   3.113   2.553   1.00 11.71 ? 160 ILE A C   1 
ATOM   1263 O O   . ILE A 1 180 ? 7.756   2.485   2.524   1.00 13.07 ? 160 ILE A O   1 
ATOM   1264 C CB  . ILE A 1 180 ? 7.384   5.323   1.651   1.00 10.15 ? 160 ILE A CB  1 
ATOM   1265 C CG1 . ILE A 1 180 ? 7.409   6.867   1.946   1.00 10.87 ? 160 ILE A CG1 1 
ATOM   1266 C CG2 . ILE A 1 180 ? 6.730   4.943   0.329   1.00 12.48 ? 160 ILE A CG2 1 
ATOM   1267 C CD1 . ILE A 1 180 ? 8.137   7.713   0.878   1.00 15.17 ? 160 ILE A CD1 1 
ATOM   1268 N N   . TYR A 1 181 ? 5.466   2.580   2.445   1.00 10.22 ? 161 TYR A N   1 
ATOM   1269 C CA  . TYR A 1 181 ? 5.207   1.147   2.459   1.00 11.49 ? 161 TYR A CA  1 
ATOM   1270 C C   . TYR A 1 181 ? 4.435   0.688   1.245   1.00 11.67 ? 161 TYR A C   1 
ATOM   1271 O O   . TYR A 1 181 ? 3.624   1.407   0.720   1.00 13.12 ? 161 TYR A O   1 
ATOM   1272 C CB  . TYR A 1 181 ? 4.332   0.791   3.686   1.00 9.56  ? 161 TYR A CB  1 
ATOM   1273 C CG  . TYR A 1 181 ? 4.998   1.057   5.003   1.00 11.16 ? 161 TYR A CG  1 
ATOM   1274 C CD1 . TYR A 1 181 ? 5.640   0.095   5.711   1.00 11.64 ? 161 TYR A CD1 1 
ATOM   1275 C CD2 . TYR A 1 181 ? 4.919   2.326   5.576   1.00 14.14 ? 161 TYR A CD2 1 
ATOM   1276 C CE1 . TYR A 1 181 ? 6.241   0.390   6.917   1.00 12.49 ? 161 TYR A CE1 1 
ATOM   1277 C CE2 . TYR A 1 181 ? 5.459   2.608   6.746   1.00 13.86 ? 161 TYR A CE2 1 
ATOM   1278 C CZ  . TYR A 1 181 ? 6.141   1.657   7.427   1.00 11.63 ? 161 TYR A CZ  1 
ATOM   1279 O OH  . TYR A 1 181 ? 6.732   1.987   8.609   1.00 12.49 ? 161 TYR A OH  1 
ATOM   1280 N N   . GLY A 1 182 ? 4.665   -0.557  0.826   1.00 10.40 ? 162 GLY A N   1 
ATOM   1281 C CA  . GLY A 1 182 ? 3.887   -1.195  -0.214  1.00 11.35 ? 162 GLY A CA  1 
ATOM   1282 C C   . GLY A 1 182 ? 3.550   -2.601  0.156   1.00 11.14 ? 162 GLY A C   1 
ATOM   1283 O O   . GLY A 1 182 ? 4.385   -3.322  0.720   1.00 10.52 ? 162 GLY A O   1 
ATOM   1284 N N   . VAL A 1 183 ? 2.343   -2.990  -0.229  1.00 11.88 ? 163 VAL A N   1 
ATOM   1285 C CA  . VAL A 1 183 ? 1.932   -4.420  -0.154  1.00 12.36 ? 163 VAL A CA  1 
ATOM   1286 C C   . VAL A 1 183 ? 1.367   -4.828  -1.489  1.00 11.90 ? 163 VAL A C   1 
ATOM   1287 O O   . VAL A 1 183 ? 0.592   -4.128  -2.107  1.00 12.79 ? 163 VAL A O   1 
ATOM   1288 C CB  . VAL A 1 183 ? 0.890   -4.680  0.958   1.00 11.52 ? 163 VAL A CB  1 
ATOM   1289 C CG1 . VAL A 1 183 ? 1.544   -4.445  2.308   1.00 11.93 ? 163 VAL A CG1 1 
ATOM   1290 C CG2 . VAL A 1 183 ? -0.358  -3.823  0.815   1.00 11.43 ? 163 VAL A CG2 1 
ATOM   1291 N N   . GLN A 1 184 ? 1.676   -6.041  -1.918  1.00 11.32 ? 164 GLN A N   1 
ATOM   1292 C CA  . GLN A 1 184 ? 1.138   -6.535  -3.178  1.00 10.40 ? 164 GLN A CA  1 
ATOM   1293 C C   . GLN A 1 184 ? -0.295  -7.008  -3.081  1.00 12.64 ? 164 GLN A C   1 
ATOM   1294 O O   . GLN A 1 184 ? -0.998  -7.129  -4.101  1.00 14.86 ? 164 GLN A O   1 
ATOM   1295 C CB  . GLN A 1 184 ? 2.028   -7.749  -3.577  1.00 10.49 ? 164 GLN A CB  1 
ATOM   1296 C CG  . GLN A 1 184 ? 1.571   -8.592  -4.779  1.00 11.88 ? 164 GLN A CG  1 
ATOM   1297 C CD  . GLN A 1 184 ? 1.624   -7.820  -6.114  1.00 14.40 ? 164 GLN A CD  1 
ATOM   1298 O OE1 . GLN A 1 184 ? 2.516   -6.911  -6.314  1.00 13.09 ? 164 GLN A OE1 1 
ATOM   1299 N NE2 . GLN A 1 184 ? 0.766   -8.218  -7.081  1.00 13.12 ? 164 GLN A NE2 1 
ATOM   1300 N N   . PHE A 1 185 ? -0.687  -7.400  -1.865  1.00 11.56 ? 165 PHE A N   1 
ATOM   1301 C CA  . PHE A 1 185 ? -1.985  -8.003  -1.605  1.00 8.71  ? 165 PHE A CA  1 
ATOM   1302 C C   . PHE A 1 185 ? -2.921  -6.940  -1.039  1.00 10.31 ? 165 PHE A C   1 
ATOM   1303 O O   . PHE A 1 185 ? -2.545  -5.789  -0.881  1.00 11.88 ? 165 PHE A O   1 
ATOM   1304 C CB  . PHE A 1 185 ? -1.812  -9.113  -0.613  1.00 10.21 ? 165 PHE A CB  1 
ATOM   1305 C CG  . PHE A 1 185 ? -1.127  -8.685  0.650   1.00 10.75 ? 165 PHE A CG  1 
ATOM   1306 C CD1 . PHE A 1 185 ? -1.857  -8.188  1.737   1.00 11.71 ? 165 PHE A CD1 1 
ATOM   1307 C CD2 . PHE A 1 185 ? 0.221   -8.832  0.790   1.00 10.50 ? 165 PHE A CD2 1 
ATOM   1308 C CE1 . PHE A 1 185 ? -1.212  -7.760  2.920   1.00 12.62 ? 165 PHE A CE1 1 
ATOM   1309 C CE2 . PHE A 1 185 ? 0.856   -8.396  1.947   1.00 13.79 ? 165 PHE A CE2 1 
ATOM   1310 C CZ  . PHE A 1 185 ? 0.154   -7.833  3.008   1.00 13.39 ? 165 PHE A CZ  1 
ATOM   1311 N N   . HIS A 1 186 ? -4.175  -7.339  -0.814  1.00 10.62 ? 166 HIS A N   1 
ATOM   1312 C CA  . HIS A 1 186 ? -5.210  -6.427  -0.414  1.00 10.13 ? 166 HIS A CA  1 
ATOM   1313 C C   . HIS A 1 186 ? -5.597  -6.672  1.052   1.00 8.79  ? 166 HIS A C   1 
ATOM   1314 O O   . HIS A 1 186 ? -6.464  -7.487  1.346   1.00 10.82 ? 166 HIS A O   1 
ATOM   1315 C CB  . HIS A 1 186 ? -6.429  -6.643  -1.300  1.00 11.35 ? 166 HIS A CB  1 
ATOM   1316 C CG  . HIS A 1 186 ? -6.240  -6.142  -2.677  1.00 10.06 ? 166 HIS A CG  1 
ATOM   1317 N ND1 . HIS A 1 186 ? -6.495  -4.836  -3.036  1.00 11.88 ? 166 HIS A ND1 1 
ATOM   1318 C CD2 . HIS A 1 186 ? -5.829  -6.773  -3.797  1.00 13.68 ? 166 HIS A CD2 1 
ATOM   1319 C CE1 . HIS A 1 186 ? -6.181  -4.674  -4.311  1.00 15.40 ? 166 HIS A CE1 1 
ATOM   1320 N NE2 . HIS A 1 186 ? -5.819  -5.847  -4.800  1.00 12.50 ? 166 HIS A NE2 1 
ATOM   1321 N N   . PRO A 1 187 ? -5.042  -5.896  1.974   1.00 9.64  ? 167 PRO A N   1 
ATOM   1322 C CA  . PRO A 1 187 ? -5.459  -6.071  3.381   1.00 11.89 ? 167 PRO A CA  1 
ATOM   1323 C C   . PRO A 1 187 ? -6.890  -5.670  3.637   1.00 11.23 ? 167 PRO A C   1 
ATOM   1324 O O   . PRO A 1 187 ? -7.456  -6.039  4.685   1.00 11.00 ? 167 PRO A O   1 
ATOM   1325 C CB  . PRO A 1 187 ? -4.458  -5.209  4.157   1.00 11.05 ? 167 PRO A CB  1 
ATOM   1326 C CG  . PRO A 1 187 ? -4.020  -4.127  3.192   1.00 12.40 ? 167 PRO A CG  1 
ATOM   1327 C CD  . PRO A 1 187 ? -4.056  -4.861  1.815   1.00 12.92 ? 167 PRO A CD  1 
ATOM   1328 N N   . GLU A 1 188 ? -7.453  -4.827  2.755   1.00 11.49 ? 168 GLU A N   1 
ATOM   1329 C CA  . GLU A 1 188 ? -8.827  -4.365  2.899   1.00 11.62 ? 168 GLU A CA  1 
ATOM   1330 C C   . GLU A 1 188 ? -9.860  -5.454  2.580   1.00 10.87 ? 168 GLU A C   1 
ATOM   1331 O O   . GLU A 1 188 ? -11.051 -5.300  2.848   1.00 11.14 ? 168 GLU A O   1 
ATOM   1332 C CB  . GLU A 1 188 ? -9.009  -3.108  1.993   1.00 11.41 ? 168 GLU A CB  1 
ATOM   1333 C CG  . GLU A 1 188 ? -9.023  -3.374  0.483   1.00 11.00 ? 168 GLU A CG  1 
ATOM   1334 C CD  . GLU A 1 188 ? -7.714  -3.390  -0.226  1.00 13.04 ? 168 GLU A CD  1 
ATOM   1335 O OE1 . GLU A 1 188 ? -6.727  -3.784  0.398   1.00 12.83 ? 168 GLU A OE1 1 
ATOM   1336 O OE2 . GLU A 1 188 ? -7.731  -3.112  -1.437  1.00 14.43 ? 168 GLU A OE2 1 
ATOM   1337 N N   . VAL A 1 189 ? -9.444  -6.532  1.928   1.00 9.48  ? 169 VAL A N   1 
ATOM   1338 C CA  . VAL A 1 189 ? -10.331 -7.624  1.620   1.00 10.65 ? 169 VAL A CA  1 
ATOM   1339 C C   . VAL A 1 189 ? -10.305 -8.593  2.810   1.00 11.35 ? 169 VAL A C   1 
ATOM   1340 O O   . VAL A 1 189 ? -9.292  -9.059  3.210   1.00 12.03 ? 169 VAL A O   1 
ATOM   1341 C CB  . VAL A 1 189 ? -9.921  -8.317  0.297   1.00 9.69  ? 169 VAL A CB  1 
ATOM   1342 C CG1 . VAL A 1 189 ? -10.794 -9.426  0.048   1.00 11.44 ? 169 VAL A CG1 1 
ATOM   1343 C CG2 . VAL A 1 189 ? -10.137 -7.337  -0.878  1.00 9.41  ? 169 VAL A CG2 1 
ATOM   1344 N N   . ALA A 1 190 ? -11.478 -8.899  3.302   1.00 11.52 ? 170 ALA A N   1 
ATOM   1345 C CA  . ALA A 1 190 ? -11.641 -9.678  4.508   1.00 12.89 ? 170 ALA A CA  1 
ATOM   1346 C C   . ALA A 1 190 ? -11.042 -11.030 4.433   1.00 12.81 ? 170 ALA A C   1 
ATOM   1347 O O   . ALA A 1 190 ? -10.716 -11.612 5.500   1.00 12.80 ? 170 ALA A O   1 
ATOM   1348 C CB  . ALA A 1 190 ? -13.185 -9.836  4.845   1.00 15.24 ? 170 ALA A CB  1 
ATOM   1349 N N   . HIS A 1 191 ? -10.998 -11.602 3.235   1.00 11.29 ? 171 HIS A N   1 
ATOM   1350 C CA  . HIS A 1 191 ? -10.341 -12.892 3.082   1.00 14.35 ? 171 HIS A CA  1 
ATOM   1351 C C   . HIS A 1 191 ? -8.863  -12.896 3.581   1.00 12.39 ? 171 HIS A C   1 
ATOM   1352 O O   . HIS A 1 191 ? -8.298  -13.917 4.005   1.00 10.34 ? 171 HIS A O   1 
ATOM   1353 C CB  . HIS A 1 191 ? -10.344 -13.220 1.611   1.00 15.83 ? 171 HIS A CB  1 
ATOM   1354 C CG  . HIS A 1 191 ? -11.691 -13.592 1.094   1.00 22.17 ? 171 HIS A CG  1 
ATOM   1355 N ND1 . HIS A 1 191 ? -12.019 -13.508 -0.254  1.00 28.42 ? 171 HIS A ND1 1 
ATOM   1356 C CD2 . HIS A 1 191 ? -12.800 -14.049 1.740   1.00 24.06 ? 171 HIS A CD2 1 
ATOM   1357 C CE1 . HIS A 1 191 ? -13.249 -13.987 -0.414  1.00 26.09 ? 171 HIS A CE1 1 
ATOM   1358 N NE2 . HIS A 1 191 ? -13.741 -14.310 0.777   1.00 25.73 ? 171 HIS A NE2 1 
ATOM   1359 N N   . THR A 1 192 ? -8.221  -11.752 3.469   1.00 12.10 ? 172 THR A N   1 
ATOM   1360 C CA  . THR A 1 192 ? -6.841  -11.623 3.928   1.00 10.58 ? 172 THR A CA  1 
ATOM   1361 C C   . THR A 1 192 ? -6.761  -11.817 5.457   1.00 12.41 ? 172 THR A C   1 
ATOM   1362 O O   . THR A 1 192 ? -7.470  -11.097 6.259   1.00 10.56 ? 172 THR A O   1 
ATOM   1363 C CB  . THR A 1 192 ? -6.318  -10.251 3.574   1.00 10.85 ? 172 THR A CB  1 
ATOM   1364 O OG1 . THR A 1 192 ? -6.183  -10.147 2.150   1.00 12.34 ? 172 THR A OG1 1 
ATOM   1365 C CG2 . THR A 1 192 ? -4.938  -10.013 4.099   1.00 9.91  ? 172 THR A CG2 1 
ATOM   1366 N N   . GLU A 1 193 ? -5.939  -12.764 5.870   1.00 11.88 ? 173 GLU A N   1 
ATOM   1367 C CA  . GLU A 1 193 ? -5.748  -13.027 7.287   1.00 12.85 ? 173 GLU A CA  1 
ATOM   1368 C C   . GLU A 1 193 ? -5.039  -11.824 7.888   1.00 12.01 ? 173 GLU A C   1 
ATOM   1369 O O   . GLU A 1 193 ? -4.062  -11.316 7.339   1.00 13.10 ? 173 GLU A O   1 
ATOM   1370 C CB  . GLU A 1 193 ? -4.995  -14.343 7.597   1.00 11.20 ? 173 GLU A CB  1 
ATOM   1371 C CG  . GLU A 1 193 ? -5.764  -15.603 7.255   1.00 15.01 ? 173 GLU A CG  1 
ATOM   1372 C CD  . GLU A 1 193 ? -4.927  -16.855 7.395   1.00 16.11 ? 173 GLU A CD  1 
ATOM   1373 O OE1 . GLU A 1 193 ? -3.658  -16.699 7.506   1.00 13.38 ? 173 GLU A OE1 1 
ATOM   1374 O OE2 . GLU A 1 193 ? -5.533  -17.982 7.412   1.00 13.74 ? 173 GLU A OE2 1 
ATOM   1375 N N   . LYS A 1 194 ? -5.589  -11.352 9.016   1.00 12.46 ? 174 LYS A N   1 
ATOM   1376 C CA  . LYS A 1 194 ? -5.070  -10.138 9.670   1.00 13.63 ? 174 LYS A CA  1 
ATOM   1377 C C   . LYS A 1 194 ? -5.024  -8.877  8.830   1.00 12.71 ? 174 LYS A C   1 
ATOM   1378 O O   . LYS A 1 194 ? -4.292  -7.931  9.121   1.00 13.06 ? 174 LYS A O   1 
ATOM   1379 C CB  . LYS A 1 194 ? -3.686  -10.417 10.281  1.00 15.18 ? 174 LYS A CB  1 
ATOM   1380 C CG  . LYS A 1 194 ? -3.587  -11.571 11.344  1.00 16.45 ? 174 LYS A CG  1 
ATOM   1381 C CD  . LYS A 1 194 ? -4.499  -11.431 12.561  1.00 18.52 ? 174 LYS A CD  1 
ATOM   1382 C CE  . LYS A 1 194 ? -4.654  -12.719 13.388  1.00 23.41 ? 174 LYS A CE  1 
ATOM   1383 N NZ  . LYS A 1 194 ? -5.304  -12.344 14.640  1.00 19.51 ? 174 LYS A NZ  1 
ATOM   1384 N N   . GLY A 1 195 ? -5.830  -8.813  7.766   1.00 12.10 ? 175 GLY A N   1 
ATOM   1385 C CA  . GLY A 1 195 ? -5.847  -7.677  6.876   1.00 10.79 ? 175 GLY A CA  1 
ATOM   1386 C C   . GLY A 1 195 ? -6.262  -6.420  7.645   1.00 9.84  ? 175 GLY A C   1 
ATOM   1387 O O   . GLY A 1 195 ? -5.674  -5.374  7.506   1.00 8.90  ? 175 GLY A O   1 
ATOM   1388 N N   . GLU A 1 196 ? -7.297  -6.585  8.454   1.00 9.87  ? 176 GLU A N   1 
ATOM   1389 C CA  . GLU A 1 196 ? -7.742  -5.389  9.273   1.00 12.28 ? 176 GLU A CA  1 
ATOM   1390 C C   . GLU A 1 196 ? -6.651  -4.888  10.270  1.00 11.53 ? 176 GLU A C   1 
ATOM   1391 O O   . GLU A 1 196 ? -6.415  -3.672  10.405  1.00 10.85 ? 176 GLU A O   1 
ATOM   1392 C CB  . GLU A 1 196 ? -8.937  -5.745  10.049  1.00 11.71 ? 176 GLU A CB  1 
ATOM   1393 C CG  . GLU A 1 196 ? -9.502  -4.639  10.916  1.00 12.86 ? 176 GLU A CG  1 
ATOM   1394 C CD  . GLU A 1 196 ? -10.753 -5.145  11.637  1.00 15.81 ? 176 GLU A CD  1 
ATOM   1395 O OE1 . GLU A 1 196 ? -11.894 -5.224  10.982  1.00 19.03 ? 176 GLU A OE1 1 
ATOM   1396 O OE2 . GLU A 1 196 ? -10.625 -5.544  12.863  1.00 13.98 ? 176 GLU A OE2 1 
ATOM   1397 N N   . GLU A 1 197 ? -5.910  -5.839  10.839  1.00 10.03 ? 177 GLU A N   1 
ATOM   1398 C CA  . GLU A 1 197 ? -4.807  -5.525  11.728  1.00 11.35 ? 177 GLU A CA  1 
ATOM   1399 C C   . GLU A 1 197 ? -3.680  -4.782  11.046  1.00 12.22 ? 177 GLU A C   1 
ATOM   1400 O O   . GLU A 1 197 ? -3.022  -3.959  11.688  1.00 10.84 ? 177 GLU A O   1 
ATOM   1401 C CB  . GLU A 1 197 ? -4.313  -6.732  12.522  1.00 13.26 ? 177 GLU A CB  1 
ATOM   1402 C CG  . GLU A 1 197 ? -3.168  -6.368  13.478  1.00 24.78 ? 177 GLU A CG  1 
ATOM   1403 C CD  . GLU A 1 197 ? -3.487  -6.274  14.978  1.00 35.67 ? 177 GLU A CD  1 
ATOM   1404 O OE1 . GLU A 1 197 ? -3.259  -5.153  15.532  1.00 39.97 ? 177 GLU A OE1 1 
ATOM   1405 O OE2 . GLU A 1 197 ? -3.854  -7.323  15.606  1.00 42.35 ? 177 GLU A OE2 1 
ATOM   1406 N N   . ILE A 1 198 ? -3.375  -5.156  9.797   1.00 10.81 ? 178 ILE A N   1 
ATOM   1407 C CA  . ILE A 1 198 ? -2.302  -4.511  9.034   1.00 10.23 ? 178 ILE A CA  1 
ATOM   1408 C C   . ILE A 1 198 ? -2.706  -3.082  8.799   1.00 11.27 ? 178 ILE A C   1 
ATOM   1409 O O   . ILE A 1 198 ? -1.878  -2.163  8.934   1.00 11.35 ? 178 ILE A O   1 
ATOM   1410 C CB  . ILE A 1 198 ? -2.102  -5.234  7.696   1.00 11.21 ? 178 ILE A CB  1 
ATOM   1411 C CG1 . ILE A 1 198 ? -1.508  -6.597  7.967   1.00 10.61 ? 178 ILE A CG1 1 
ATOM   1412 C CG2 . ILE A 1 198 ? -1.215  -4.440  6.719   1.00 11.12 ? 178 ILE A CG2 1 
ATOM   1413 C CD1 . ILE A 1 198 ? -1.556  -7.535  6.751   1.00 14.69 ? 178 ILE A CD1 1 
ATOM   1414 N N   . LEU A 1 199 ? -3.975  -2.854  8.417   1.00 10.09 ? 179 LEU A N   1 
ATOM   1415 C CA  . LEU A 1 199 ? -4.493  -1.482  8.239   1.00 10.24 ? 179 LEU A CA  1 
ATOM   1416 C C   . LEU A 1 199 ? -4.463  -0.738  9.552   1.00 10.21 ? 179 LEU A C   1 
ATOM   1417 O O   . LEU A 1 199 ? -4.070  0.456   9.571   1.00 11.03 ? 179 LEU A O   1 
ATOM   1418 C CB  . LEU A 1 199 ? -5.865  -1.465  7.527   1.00 10.11 ? 179 LEU A CB  1 
ATOM   1419 C CG  . LEU A 1 199 ? -5.678  -1.700  6.056   1.00 11.43 ? 179 LEU A CG  1 
ATOM   1420 C CD1 . LEU A 1 199 ? -7.007  -2.094  5.385   1.00 13.88 ? 179 LEU A CD1 1 
ATOM   1421 C CD2 . LEU A 1 199 ? -5.099  -0.488  5.347   1.00 14.04 ? 179 LEU A CD2 1 
ATOM   1422 N N   . ARG A 1 200 ? -4.836  -1.369  10.639  1.00 8.66  ? 180 ARG A N   1 
ATOM   1423 C CA  . ARG A 1 200 ? -4.786  -0.769  11.960  1.00 9.31  ? 180 ARG A CA  1 
ATOM   1424 C C   . ARG A 1 200 ? -3.346  -0.341  12.320  1.00 10.97 ? 180 ARG A C   1 
ATOM   1425 O O   . ARG A 1 200 ? -3.127  0.746   12.833  1.00 8.51  ? 180 ARG A O   1 
ATOM   1426 C CB  . ARG A 1 200 ? -5.342  -1.677  13.009  1.00 9.37  ? 180 ARG A CB  1 
ATOM   1427 C CG  . ARG A 1 200 ? -5.507  -1.117  14.346  1.00 12.74 ? 180 ARG A CG  1 
ATOM   1428 C CD  . ARG A 1 200 ? -5.915  -2.163  15.381  1.00 19.22 ? 180 ARG A CD  1 
ATOM   1429 N NE  . ARG A 1 200 ? -5.819  -1.557  16.716  1.00 28.89 ? 180 ARG A NE  1 
ATOM   1430 C CZ  . ARG A 1 200 ? -6.800  -0.915  17.392  1.00 32.78 ? 180 ARG A CZ  1 
ATOM   1431 N NH1 . ARG A 1 200 ? -8.061  -0.796  16.926  1.00 33.99 ? 180 ARG A NH1 1 
ATOM   1432 N NH2 . ARG A 1 200 ? -6.508  -0.416  18.599  1.00 34.01 ? 180 ARG A NH2 1 
ATOM   1433 N N   . ASN A 1 201 ? -2.387  -1.225  12.034  1.00 9.76  ? 181 ASN A N   1 
ATOM   1434 C CA  . ASN A 1 201 ? -0.988  -0.957  12.344  1.00 10.06 ? 181 ASN A CA  1 
ATOM   1435 C C   . ASN A 1 201 ? -0.548  0.273   11.549  1.00 10.60 ? 181 ASN A C   1 
ATOM   1436 O O   . ASN A 1 201 ? 0.137   1.113   12.087  1.00 10.91 ? 181 ASN A O   1 
ATOM   1437 C CB  . ASN A 1 201 ? -0.092  -2.154  12.011  1.00 10.30 ? 181 ASN A CB  1 
ATOM   1438 C CG  . ASN A 1 201 ? -0.163  -3.257  13.084  1.00 12.96 ? 181 ASN A CG  1 
ATOM   1439 O OD1 . ASN A 1 201 ? -0.457  -2.981  14.240  1.00 12.25 ? 181 ASN A OD1 1 
ATOM   1440 N ND2 . ASN A 1 201 ? 0.209   -4.487  12.713  1.00 9.89  ? 181 ASN A ND2 1 
ATOM   1441 N N   . PHE A 1 202 ? -0.924  0.333   10.280  1.00 10.28 ? 182 PHE A N   1 
ATOM   1442 C CA  . PHE A 1 202 ? -0.565  1.486   9.452   1.00 10.30 ? 182 PHE A CA  1 
ATOM   1443 C C   . PHE A 1 202 ? -1.220  2.772   10.010  1.00 10.36 ? 182 PHE A C   1 
ATOM   1444 O O   . PHE A 1 202 ? -0.567  3.796   10.190  1.00 10.98 ? 182 PHE A O   1 
ATOM   1445 C CB  . PHE A 1 202 ? -1.001  1.288   8.001   1.00 11.49 ? 182 PHE A CB  1 
ATOM   1446 C CG  . PHE A 1 202 ? -0.767  2.532   7.139   1.00 11.29 ? 182 PHE A CG  1 
ATOM   1447 C CD1 . PHE A 1 202 ? 0.515   2.845   6.747   1.00 13.23 ? 182 PHE A CD1 1 
ATOM   1448 C CD2 . PHE A 1 202 ? -1.812  3.367   6.784   1.00 11.76 ? 182 PHE A CD2 1 
ATOM   1449 C CE1 . PHE A 1 202 ? 0.814   4.027   6.069   1.00 12.31 ? 182 PHE A CE1 1 
ATOM   1450 C CE2 . PHE A 1 202 ? -1.529  4.530   6.030   1.00 12.05 ? 182 PHE A CE2 1 
ATOM   1451 C CZ  . PHE A 1 202 ? -0.212  4.870   5.705   1.00 11.99 ? 182 PHE A CZ  1 
ATOM   1452 N N   . ALA A 1 203 ? -2.476  2.700   10.403  1.00 10.18 ? 183 ALA A N   1 
ATOM   1453 C CA  . ALA A 1 203 ? -3.130  3.884   10.975  1.00 11.16 ? 183 ALA A CA  1 
ATOM   1454 C C   . ALA A 1 203 ? -2.439  4.355   12.259  1.00 11.64 ? 183 ALA A C   1 
ATOM   1455 O O   . ALA A 1 203 ? -2.342  5.553   12.501  1.00 11.51 ? 183 ALA A O   1 
ATOM   1456 C CB  . ALA A 1 203 ? -4.681  3.574   11.278  1.00 11.62 ? 183 ALA A CB  1 
ATOM   1457 N N   . LYS A 1 204 ? -2.037  3.409   13.142  1.00 11.07 ? 184 LYS A N   1 
ATOM   1458 C CA  . LYS A 1 204 ? -1.386  3.724   14.379  1.00 11.53 ? 184 LYS A CA  1 
ATOM   1459 C C   . LYS A 1 204 ? -0.048  4.464   14.137  1.00 11.40 ? 184 LYS A C   1 
ATOM   1460 O O   . LYS A 1 204 ? 0.374   5.300   14.940  1.00 9.21  ? 184 LYS A O   1 
ATOM   1461 C CB  . LYS A 1 204 ? -1.143  2.489   15.224  1.00 13.04 ? 184 LYS A CB  1 
ATOM   1462 C CG  . LYS A 1 204 ? -2.389  1.928   15.867  1.00 18.32 ? 184 LYS A CG  1 
ATOM   1463 C CD  . LYS A 1 204 ? -2.135  1.190   17.161  1.00 25.80 ? 184 LYS A CD  1 
ATOM   1464 C CE  . LYS A 1 204 ? -1.350  -0.081  16.921  1.00 27.60 ? 184 LYS A CE  1 
ATOM   1465 N NZ  . LYS A 1 204 ? -1.549  -1.034  18.102  1.00 30.60 ? 184 LYS A NZ  1 
ATOM   1466 N N   . LEU A 1 205 ? 0.589   4.133   13.053  1.00 12.06 ? 185 LEU A N   1 
ATOM   1467 C CA  . LEU A 1 205 ? 1.786   4.881   12.623  1.00 13.13 ? 185 LEU A CA  1 
ATOM   1468 C C   . LEU A 1 205 ? 1.545   6.362   12.299  1.00 13.75 ? 185 LEU A C   1 
ATOM   1469 O O   . LEU A 1 205 ? 2.319   7.268   12.658  1.00 12.64 ? 185 LEU A O   1 
ATOM   1470 C CB  . LEU A 1 205 ? 2.298   4.166   11.405  1.00 15.44 ? 185 LEU A CB  1 
ATOM   1471 C CG  . LEU A 1 205 ? 3.724   4.130   11.213  1.00 21.77 ? 185 LEU A CG  1 
ATOM   1472 C CD1 . LEU A 1 205 ? 4.364   3.398   12.418  1.00 23.94 ? 185 LEU A CD1 1 
ATOM   1473 C CD2 . LEU A 1 205 ? 3.941   3.473   9.846   1.00 20.59 ? 185 LEU A CD2 1 
ATOM   1474 N N   . CYS A 1 206 ? 0.405   6.632   11.697  1.00 13.20 ? 186 CYS A N   1 
ATOM   1475 C CA  . CYS A 1 206 ? 0.010   7.984   11.414  1.00 14.42 ? 186 CYS A CA  1 
ATOM   1476 C C   . CYS A 1 206 ? -0.377  8.819   12.604  1.00 17.69 ? 186 CYS A C   1 
ATOM   1477 O O   . CYS A 1 206 ? -0.182  10.039  12.581  1.00 18.68 ? 186 CYS A O   1 
ATOM   1478 C CB  . CYS A 1 206 ? -1.094  7.957   10.363  1.00 13.56 ? 186 CYS A CB  1 
ATOM   1479 S SG  . CYS A 1 206 ? -0.769  7.060   8.865   1.00 13.07 ? 186 CYS A SG  1 
ATOM   1480 N N   . GLY A 1 207 ? -0.968  8.195   13.635  1.00 20.78 ? 187 GLY A N   1 
ATOM   1481 C CA  . GLY A 1 207 ? -1.152  8.807   14.956  1.00 24.39 ? 187 GLY A CA  1 
ATOM   1482 C C   . GLY A 1 207 ? 0.086   8.995   15.872  1.00 27.62 ? 187 GLY A C   1 
ATOM   1483 O O   . GLY A 1 207 ? 0.021   9.805   16.793  1.00 28.63 ? 187 GLY A O   1 
ATOM   1484 N N   . GLU A 1 208 ? 1.196   8.268   15.683  1.00 31.38 ? 188 GLU A N   1 
ATOM   1485 C CA  . GLU A 1 208 ? 2.437   8.506   16.501  1.00 34.96 ? 188 GLU A CA  1 
ATOM   1486 C C   . GLU A 1 208 ? 3.573   8.974   15.549  1.00 36.89 ? 188 GLU A C   1 
ATOM   1487 O O   . GLU A 1 208 ? 3.508   8.650   14.354  1.00 37.58 ? 188 GLU A O   1 
ATOM   1488 C CB  . GLU A 1 208 ? 2.852   7.199   17.243  1.00 36.02 ? 188 GLU A CB  1 
ATOM   1489 C CG  . GLU A 1 208 ? 3.994   7.289   18.285  1.00 37.73 ? 188 GLU A CG  1 
ATOM   1490 C CD  . GLU A 1 208 ? 3.527   7.123   19.742  1.00 41.75 ? 188 GLU A CD  1 
ATOM   1491 O OE1 . GLU A 1 208 ? 4.387   7.113   20.673  1.00 40.57 ? 188 GLU A OE1 1 
ATOM   1492 O OE2 . GLU A 1 208 ? 2.286   7.022   19.970  1.00 45.60 ? 188 GLU A OE2 1 
ATOM   1493 N N   . LEU A 1 209 ? 4.599   9.710   16.005  1.00 38.44 ? 189 LEU A N   1 
ATOM   1494 C CA  . LEU A 1 209 ? 5.752   10.021  15.065  1.00 39.50 ? 189 LEU A CA  1 
ATOM   1495 C C   . LEU A 1 209 ? 7.128   10.122  15.769  1.00 39.31 ? 189 LEU A C   1 
ATOM   1496 O O   . LEU A 1 209 ? 7.669   11.212  15.978  1.00 40.09 ? 189 LEU A O   1 
ATOM   1497 C CB  . LEU A 1 209 ? 5.445   11.332  14.123  1.00 39.61 ? 189 LEU A CB  1 
HETATM 1498 O O   . HOH B 2 .   ? 10.171  -18.048 -1.087  1.00 32.65 ? 190 HOH A O   1 
HETATM 1499 O O   . HOH B 2 .   ? 14.956  7.279   -1.686  1.00 33.32 ? 191 HOH A O   1 
HETATM 1500 O O   . HOH B 2 .   ? -8.556  -18.991 -2.773  1.00 31.55 ? 192 HOH A O   1 
HETATM 1501 O O   . HOH B 2 .   ? -15.606 10.739  10.961  1.00 33.30 ? 193 HOH A O   1 
HETATM 1502 O O   . HOH B 2 .   ? -19.049 2.757   1.382   1.00 11.77 ? 194 HOH A O   1 
HETATM 1503 O O   . HOH B 2 .   ? -8.614  -2.342  -5.699  1.00 10.67 ? 195 HOH A O   1 
HETATM 1504 O O   . HOH B 2 .   ? 15.724  -6.518  1.703   1.00 10.16 ? 196 HOH A O   1 
HETATM 1505 O O   . HOH B 2 .   ? 10.441  5.459   8.831   1.00 21.31 ? 197 HOH A O   1 
HETATM 1506 O O   . HOH B 2 .   ? -4.395  -3.154  -7.955  1.00 19.43 ? 198 HOH A O   1 
HETATM 1507 O O   . HOH B 2 .   ? -7.385  -1.008  -3.202  1.00 22.26 ? 199 HOH A O   1 
HETATM 1508 O O   . HOH B 2 .   ? -1.457  -7.214  -9.975  1.00 22.33 ? 200 HOH A O   1 
HETATM 1509 O O   . HOH B 2 .   ? 5.164   -7.201  -5.726  1.00 18.25 ? 201 HOH A O   1 
HETATM 1510 O O   . HOH B 2 .   ? 12.091  -12.267 -0.551  1.00 19.71 ? 202 HOH A O   1 
HETATM 1511 O O   . HOH B 2 .   ? -3.159  -8.255  -5.380  1.00 21.54 ? 203 HOH A O   1 
HETATM 1512 O O   . HOH B 2 .   ? 7.019   -14.268 -9.988  1.00 22.30 ? 204 HOH A O   1 
HETATM 1513 O O   . HOH B 2 .   ? 5.270   5.156   -10.760 1.00 22.58 ? 205 HOH A O   1 
HETATM 1514 O O   . HOH B 2 .   ? -14.208 9.959   8.489   1.00 23.52 ? 206 HOH A O   1 
HETATM 1515 O O   . HOH B 2 .   ? 14.958  4.797   -4.039  1.00 22.82 ? 207 HOH A O   1 
HETATM 1516 O O   . HOH B 2 .   ? 13.576  -9.889  -7.550  1.00 23.96 ? 208 HOH A O   1 
HETATM 1517 O O   . HOH B 2 .   ? -12.382 2.687   -7.566  1.00 25.87 ? 209 HOH A O   1 
HETATM 1518 O O   . HOH B 2 .   ? 10.042  -15.778 -3.801  1.00 26.68 ? 210 HOH A O   1 
HETATM 1519 O O   . HOH B 2 .   ? 11.993  2.789   -12.053 1.00 23.36 ? 211 HOH A O   1 
HETATM 1520 O O   . HOH B 2 .   ? 1.616   11.873  -10.829 1.00 27.50 ? 212 HOH A O   1 
HETATM 1521 O O   . HOH B 2 .   ? -7.265  -8.684  11.750  1.00 30.53 ? 213 HOH A O   1 
HETATM 1522 O O   . HOH B 2 .   ? 3.444   -16.826 -4.779  1.00 27.93 ? 214 HOH A O   1 
HETATM 1523 O O   . HOH B 2 .   ? 19.506  -0.227  -1.480  1.00 27.51 ? 215 HOH A O   1 
HETATM 1524 O O   . HOH B 2 .   ? -9.474  -11.197 7.462   1.00 28.58 ? 216 HOH A O   1 
HETATM 1525 O O   . HOH B 2 .   ? 1.331   11.301  10.546  1.00 27.23 ? 217 HOH A O   1 
HETATM 1526 O O   . HOH B 2 .   ? -14.912 9.319   1.106   1.00 27.76 ? 218 HOH A O   1 
HETATM 1527 O O   . HOH B 2 .   ? -1.003  19.491  -8.423  1.00 30.71 ? 219 HOH A O   1 
HETATM 1528 O O   . HOH B 2 .   ? 9.053   -0.751  -14.529 1.00 20.04 ? 220 HOH A O   1 
HETATM 1529 O O   . HOH B 2 .   ? 13.919  -11.213 1.086   0.50 27.85 ? 221 HOH A O   1 
HETATM 1530 O O   . HOH B 2 .   ? 17.308  -2.556  -3.595  1.00 23.39 ? 222 HOH A O   1 
HETATM 1531 O O   . HOH B 2 .   ? -0.058  -20.452 -1.214  1.00 28.43 ? 223 HOH A O   1 
HETATM 1532 O O   . HOH B 2 .   ? -9.895  15.528  -9.812  1.00 34.39 ? 224 HOH A O   1 
HETATM 1533 O O   . HOH B 2 .   ? -9.763  -13.133 -10.568 1.00 32.03 ? 225 HOH A O   1 
HETATM 1534 O O   . HOH B 2 .   ? 4.540   -14.293 -9.450  1.00 26.57 ? 226 HOH A O   1 
HETATM 1535 O O   . HOH B 2 .   ? -5.518  2.476   -12.446 1.00 25.86 ? 227 HOH A O   1 
HETATM 1536 O O   . HOH B 2 .   ? 17.833  -2.424  -0.675  1.00 28.50 ? 228 HOH A O   1 
HETATM 1537 O O   . HOH B 2 .   ? -17.099 -3.029  -1.885  1.00 30.00 ? 229 HOH A O   1 
HETATM 1538 O O   . HOH B 2 .   ? -4.592  9.458   -14.295 1.00 31.90 ? 230 HOH A O   1 
HETATM 1539 O O   . HOH B 2 .   ? -14.807 -1.244  -2.955  1.00 29.57 ? 231 HOH A O   1 
HETATM 1540 O O   . HOH B 2 .   ? 6.934   -14.433 -12.336 1.00 30.09 ? 232 HOH A O   1 
HETATM 1541 O O   . HOH B 2 .   ? -12.736 8.817   -6.724  1.00 35.37 ? 233 HOH A O   1 
HETATM 1542 O O   . HOH B 2 .   ? 11.411  -11.752 -8.805  1.00 31.40 ? 234 HOH A O   1 
HETATM 1543 O O   . HOH B 2 .   ? -9.768  -6.250  6.186   1.00 32.66 ? 235 HOH A O   1 
HETATM 1544 O O   . HOH B 2 .   ? 3.607   -18.932 -1.076  1.00 27.41 ? 236 HOH A O   1 
HETATM 1545 O O   . HOH B 2 .   ? 8.111   11.304  6.857   1.00 31.06 ? 237 HOH A O   1 
HETATM 1546 O O   . HOH B 2 .   ? -3.270  18.410  -10.931 1.00 37.03 ? 238 HOH A O   1 
HETATM 1547 O O   . HOH B 2 .   ? -12.107 -5.269  6.407   1.00 34.19 ? 239 HOH A O   1 
HETATM 1548 O O   . HOH B 2 .   ? 12.977  1.148   8.774   1.00 31.67 ? 240 HOH A O   1 
HETATM 1549 O O   . HOH B 2 .   ? -3.583  -15.315 -6.819  1.00 32.37 ? 241 HOH A O   1 
HETATM 1550 O O   . HOH B 2 .   ? 11.064  -1.103  9.951   1.00 34.02 ? 242 HOH A O   1 
# 
